data_4WH0
#
_entry.id   4WH0
#
_cell.length_a   74.46
_cell.length_b   114.53
_cell.length_c   96.16
_cell.angle_alpha   90.0
_cell.angle_beta   91.9
_cell.angle_gamma   90.0
#
_symmetry.space_group_name_H-M   'P 1 21 1'
#
loop_
_entity.id
_entity.type
_entity.pdbx_description
1 polymer 'Putative hydrolase'
2 non-polymer 'CHLORIDE ION'
3 water water
#
_entity_poly.entity_id   1
_entity_poly.type   'polypeptide(L)'
_entity_poly.pdbx_seq_one_letter_code
;(MSE)SFTYKRLDKNDAAVLFVDHQAGLLSLVRDFSPDEFKNNVLALADIARFFNLPTILTTSFEDGPNGPLVPELKE
(MSE)FPQAPYIARPGNINAWDNEDFVKAVKATGKKQLIIAGVVTDV(CSS)VAFPTLSALEEGFDVFVVTDASGTFNPV
VRDAAWAR(MSE)TAAGAQL(MSE)NWFSVGCELHRDWRNDIEGFGAILGGHLPAYANLIQSFGTKK
;
_entity_poly.pdbx_strand_id   A,B,C,D,E,F,G,H
#
# COMPACT_ATOMS: atom_id res chain seq x y z
N SER A 2 -9.41 -2.18 40.01
CA SER A 2 -9.04 -3.32 39.17
C SER A 2 -8.29 -2.88 37.92
N PHE A 3 -8.31 -1.58 37.66
CA PHE A 3 -7.51 -0.96 36.60
C PHE A 3 -7.21 0.49 36.96
N THR A 4 -5.98 0.93 36.70
CA THR A 4 -5.63 2.32 36.95
C THR A 4 -5.21 3.05 35.67
N TYR A 5 -5.88 4.16 35.40
CA TYR A 5 -5.57 5.01 34.26
C TYR A 5 -4.36 5.86 34.65
N LYS A 6 -3.16 5.36 34.37
CA LYS A 6 -1.94 6.09 34.67
C LYS A 6 -1.70 7.10 33.57
N ARG A 7 -2.27 8.29 33.71
CA ARG A 7 -2.19 9.27 32.64
C ARG A 7 -1.19 10.37 32.92
N LEU A 8 -0.71 11.00 31.86
CA LEU A 8 0.30 12.03 31.95
C LEU A 8 -0.16 13.21 32.78
N ASP A 9 0.70 13.61 33.71
CA ASP A 9 0.49 14.77 34.56
C ASP A 9 1.63 15.75 34.34
N LYS A 10 1.31 17.01 34.08
CA LYS A 10 2.34 18.00 33.73
C LYS A 10 3.28 18.30 34.91
N ASN A 11 2.94 17.80 36.09
CA ASN A 11 3.79 17.98 37.26
C ASN A 11 4.58 16.73 37.64
N ASP A 12 4.38 15.66 36.87
N ASP A 12 4.38 15.65 36.89
CA ASP A 12 5.00 14.38 37.17
CA ASP A 12 5.07 14.40 37.20
C ASP A 12 5.76 13.81 35.97
C ASP A 12 5.77 13.81 35.98
N ALA A 13 5.97 14.64 34.95
CA ALA A 13 6.55 14.16 33.71
C ALA A 13 7.83 14.87 33.29
N ALA A 14 8.70 14.11 32.65
CA ALA A 14 9.93 14.61 32.05
C ALA A 14 10.00 14.11 30.61
N VAL A 15 10.69 14.86 29.75
CA VAL A 15 10.80 14.47 28.34
C VAL A 15 12.22 14.10 27.96
N LEU A 16 12.38 12.97 27.28
CA LEU A 16 13.70 12.52 26.85
C LEU A 16 13.79 12.50 25.33
N PHE A 17 14.65 13.36 24.77
CA PHE A 17 14.94 13.36 23.34
C PHE A 17 16.21 12.57 23.09
N VAL A 18 16.10 11.42 22.47
CA VAL A 18 17.25 10.55 22.30
C VAL A 18 17.75 10.45 20.86
N ASP A 19 18.86 11.12 20.59
CA ASP A 19 19.63 10.94 19.35
C ASP A 19 18.92 11.36 18.06
N HIS A 20 18.20 12.48 18.11
CA HIS A 20 17.67 13.06 16.87
C HIS A 20 18.82 13.77 16.16
N GLN A 21 19.71 13.00 15.56
CA GLN A 21 20.92 13.56 14.96
C GLN A 21 20.80 13.58 13.45
N ALA A 22 21.50 14.53 12.82
CA ALA A 22 21.40 14.78 11.39
C ALA A 22 21.70 13.54 10.56
N GLY A 23 22.70 12.76 10.98
CA GLY A 23 23.05 11.55 10.28
C GLY A 23 22.02 10.46 10.48
N LEU A 24 21.66 10.21 11.73
CA LEU A 24 20.74 9.12 12.06
C LEU A 24 19.35 9.31 11.44
N LEU A 25 18.92 10.57 11.29
CA LEU A 25 17.61 10.85 10.71
C LEU A 25 17.50 10.35 9.28
N SER A 26 18.65 10.21 8.63
CA SER A 26 18.72 9.68 7.27
C SER A 26 18.29 8.22 7.24
N LEU A 27 18.32 7.57 8.39
CA LEU A 27 17.96 6.16 8.47
C LEU A 27 16.46 5.96 8.62
N VAL A 28 15.75 7.03 8.97
CA VAL A 28 14.30 6.94 9.20
C VAL A 28 13.51 6.86 7.90
N ARG A 29 12.90 5.70 7.65
CA ARG A 29 12.14 5.48 6.43
C ARG A 29 10.70 5.01 6.71
N ASP A 30 10.32 4.90 7.97
CA ASP A 30 8.95 4.47 8.30
C ASP A 30 8.04 5.67 8.48
N PHE A 31 8.61 6.86 8.33
CA PHE A 31 7.86 8.11 8.26
C PHE A 31 8.46 8.95 7.15
N SER A 32 7.63 9.75 6.48
CA SER A 32 8.15 10.70 5.51
C SER A 32 8.93 11.80 6.25
N PRO A 33 9.97 12.34 5.60
CA PRO A 33 10.79 13.37 6.24
C PRO A 33 9.99 14.58 6.72
N ASP A 34 8.97 14.97 5.95
CA ASP A 34 8.16 16.12 6.30
C ASP A 34 7.32 15.89 7.56
N GLU A 35 6.65 14.75 7.62
N GLU A 35 6.63 14.75 7.61
CA GLU A 35 5.79 14.44 8.77
CA GLU A 35 5.80 14.43 8.76
C GLU A 35 6.63 14.17 10.01
C GLU A 35 6.65 14.21 10.01
N PHE A 36 7.79 13.56 9.84
CA PHE A 36 8.63 13.23 10.96
C PHE A 36 9.26 14.48 11.58
N LYS A 37 9.70 15.40 10.74
CA LYS A 37 10.25 16.65 11.23
C LYS A 37 9.18 17.42 12.00
N ASN A 38 7.98 17.47 11.44
CA ASN A 38 6.87 18.17 12.06
C ASN A 38 6.48 17.55 13.41
N ASN A 39 6.47 16.23 13.49
CA ASN A 39 6.09 15.53 14.71
C ASN A 39 7.07 15.74 15.87
N VAL A 40 8.36 15.67 15.56
CA VAL A 40 9.40 15.88 16.56
C VAL A 40 9.35 17.31 17.08
N LEU A 41 9.16 18.26 16.16
CA LEU A 41 9.06 19.66 16.55
C LEU A 41 7.78 19.92 17.35
N ALA A 42 6.72 19.16 17.07
CA ALA A 42 5.47 19.31 17.81
C ALA A 42 5.64 18.87 19.27
N LEU A 43 6.30 17.73 19.47
CA LEU A 43 6.57 17.23 20.81
C LEU A 43 7.43 18.21 21.56
N ALA A 44 8.37 18.80 20.84
CA ALA A 44 9.29 19.78 21.39
C ALA A 44 8.57 21.05 21.84
N ASP A 45 7.63 21.52 21.03
CA ASP A 45 6.81 22.68 21.40
C ASP A 45 6.00 22.38 22.66
N ILE A 46 5.53 21.15 22.76
CA ILE A 46 4.73 20.71 23.90
C ILE A 46 5.54 20.63 25.19
N ALA A 47 6.74 20.08 25.09
CA ALA A 47 7.65 20.00 26.25
C ALA A 47 7.92 21.40 26.77
N ARG A 48 8.08 22.35 25.85
CA ARG A 48 8.28 23.75 26.21
C ARG A 48 7.05 24.39 26.84
N PHE A 49 5.92 24.09 26.24
CA PHE A 49 4.67 24.74 26.60
C PHE A 49 4.30 24.41 28.03
N PHE A 50 4.58 23.18 28.45
CA PHE A 50 4.24 22.76 29.80
C PHE A 50 5.43 22.83 30.73
N ASN A 51 6.51 23.44 30.24
CA ASN A 51 7.74 23.63 31.00
C ASN A 51 8.20 22.34 31.68
N LEU A 52 8.18 21.25 30.91
CA LEU A 52 8.60 19.95 31.42
C LEU A 52 10.12 19.88 31.42
N PRO A 53 10.71 19.34 32.50
CA PRO A 53 12.15 19.08 32.46
C PRO A 53 12.50 18.17 31.30
N THR A 54 13.47 18.60 30.50
CA THR A 54 13.83 17.94 29.26
C THR A 54 15.29 17.51 29.31
N ILE A 55 15.57 16.34 28.76
CA ILE A 55 16.95 15.87 28.67
C ILE A 55 17.29 15.55 27.23
N LEU A 56 18.39 16.11 26.75
CA LEU A 56 18.89 15.84 25.41
C LEU A 56 20.11 14.93 25.51
N THR A 57 20.18 13.93 24.65
CA THR A 57 21.35 13.07 24.64
C THR A 57 21.64 12.65 23.22
N THR A 58 22.92 12.49 22.89
CA THR A 58 23.32 12.08 21.55
C THR A 58 24.24 10.87 21.63
N SER A 59 24.32 10.17 20.51
CA SER A 59 25.15 8.98 20.41
C SER A 59 26.24 9.19 19.39
N PHE A 60 27.48 9.36 19.86
CA PHE A 60 28.65 9.42 18.99
C PHE A 60 28.53 10.56 17.96
N GLU A 61 28.24 11.76 18.44
CA GLU A 61 27.92 12.88 17.57
C GLU A 61 29.12 13.43 16.83
N ASP A 62 30.31 13.02 17.25
CA ASP A 62 31.54 13.48 16.62
C ASP A 62 31.96 12.51 15.52
N GLY A 63 31.02 11.68 15.09
CA GLY A 63 31.25 10.76 14.00
C GLY A 63 30.18 10.91 12.94
N PRO A 64 29.96 9.86 12.14
CA PRO A 64 28.96 9.91 11.06
C PRO A 64 27.53 10.13 11.56
N ASN A 65 27.27 9.87 12.84
CA ASN A 65 25.93 10.05 13.40
C ASN A 65 25.49 11.50 13.33
N GLY A 66 26.45 12.41 13.45
CA GLY A 66 26.18 13.82 13.24
C GLY A 66 25.66 14.54 14.47
N PRO A 67 25.56 15.86 14.38
CA PRO A 67 25.12 16.72 15.49
C PRO A 67 23.64 16.61 15.78
N LEU A 68 23.23 17.00 16.98
CA LEU A 68 21.83 17.11 17.34
C LEU A 68 21.20 18.17 16.46
N VAL A 69 19.97 17.93 16.00
CA VAL A 69 19.29 18.90 15.15
C VAL A 69 19.21 20.24 15.86
N PRO A 70 19.41 21.34 15.11
CA PRO A 70 19.56 22.68 15.67
C PRO A 70 18.37 23.09 16.50
N GLU A 71 17.18 22.68 16.11
CA GLU A 71 16.02 23.13 16.84
C GLU A 71 16.09 22.71 18.30
N LEU A 72 16.47 21.46 18.57
CA LEU A 72 16.46 20.98 19.94
C LEU A 72 17.41 21.77 20.82
N LYS A 73 18.60 22.12 20.31
CA LYS A 73 19.52 22.97 21.08
C LYS A 73 19.07 24.44 21.23
N GLU A 74 18.47 25.01 20.19
CA GLU A 74 18.04 26.42 20.22
C GLU A 74 16.92 26.55 21.23
N PHE A 76 16.07 24.25 23.95
CA PHE A 76 16.37 23.88 25.30
C PHE A 76 17.84 24.16 25.59
N PRO A 77 18.25 25.43 25.58
CA PRO A 77 19.69 25.73 25.68
C PRO A 77 20.28 25.40 27.05
N GLN A 78 19.43 25.21 28.05
CA GLN A 78 19.93 24.84 29.37
C GLN A 78 19.48 23.47 29.85
N ALA A 79 18.89 22.68 28.96
CA ALA A 79 18.57 21.29 29.29
C ALA A 79 19.87 20.51 29.41
N PRO A 80 19.90 19.50 30.31
CA PRO A 80 21.05 18.60 30.37
C PRO A 80 21.34 17.98 29.01
N TYR A 81 22.59 18.05 28.59
CA TYR A 81 22.99 17.59 27.27
C TYR A 81 24.06 16.53 27.46
N ILE A 82 23.68 15.27 27.32
CA ILE A 82 24.61 14.19 27.55
C ILE A 82 25.06 13.60 26.22
N ALA A 83 26.29 13.94 25.84
CA ALA A 83 26.91 13.39 24.65
C ALA A 83 27.56 12.07 25.01
N ARG A 84 26.95 10.97 24.59
CA ARG A 84 27.47 9.66 24.91
C ARG A 84 28.50 9.26 23.86
N PRO A 85 29.78 9.17 24.26
CA PRO A 85 30.80 8.77 23.31
C PRO A 85 30.68 7.29 22.93
N GLY A 86 30.17 6.47 23.85
CA GLY A 86 30.19 5.03 23.65
C GLY A 86 28.88 4.28 23.82
N ASN A 87 28.24 4.43 24.98
CA ASN A 87 27.06 3.64 25.32
C ASN A 87 25.90 3.83 24.35
N ILE A 88 25.46 2.73 23.75
CA ILE A 88 24.35 2.75 22.82
C ILE A 88 23.03 2.92 23.56
N ASN A 89 22.82 2.10 24.59
CA ASN A 89 21.70 2.28 25.50
C ASN A 89 21.99 3.45 26.44
N ALA A 90 21.19 4.50 26.32
CA ALA A 90 21.40 5.72 27.10
C ALA A 90 21.38 5.48 28.60
N TRP A 91 20.70 4.42 29.02
CA TRP A 91 20.58 4.10 30.43
C TRP A 91 21.87 3.49 30.99
N ASP A 92 22.78 3.08 30.10
CA ASP A 92 24.09 2.56 30.51
C ASP A 92 25.09 3.68 30.77
N ASN A 93 24.69 4.91 30.48
CA ASN A 93 25.50 6.10 30.76
C ASN A 93 25.08 6.69 32.09
N GLU A 94 26.03 6.77 33.03
CA GLU A 94 25.71 7.20 34.39
C GLU A 94 25.27 8.66 34.46
N ASP A 95 25.83 9.51 33.62
CA ASP A 95 25.44 10.92 33.60
C ASP A 95 24.00 11.11 33.13
N PHE A 96 23.56 10.28 32.18
CA PHE A 96 22.18 10.34 31.69
C PHE A 96 21.19 9.94 32.78
N VAL A 97 21.47 8.83 33.44
CA VAL A 97 20.61 8.31 34.50
C VAL A 97 20.57 9.30 35.66
N LYS A 98 21.72 9.90 35.95
CA LYS A 98 21.82 10.91 36.99
C LYS A 98 20.89 12.07 36.69
N ALA A 99 20.86 12.49 35.43
CA ALA A 99 20.04 13.62 35.01
C ALA A 99 18.55 13.30 35.07
N VAL A 100 18.19 12.07 34.73
CA VAL A 100 16.79 11.66 34.75
C VAL A 100 16.24 11.67 36.17
N LYS A 101 16.99 11.08 37.08
CA LYS A 101 16.55 10.96 38.47
C LYS A 101 16.58 12.31 39.17
N ALA A 102 17.43 13.21 38.68
CA ALA A 102 17.53 14.55 39.25
C ALA A 102 16.25 15.34 39.02
N THR A 103 15.51 14.99 37.98
CA THR A 103 14.23 15.65 37.70
C THR A 103 13.19 15.29 38.74
N GLY A 104 13.33 14.10 39.33
CA GLY A 104 12.39 13.63 40.32
C GLY A 104 11.05 13.25 39.70
N LYS A 105 11.05 12.98 38.40
CA LYS A 105 9.82 12.64 37.70
C LYS A 105 9.62 11.14 37.58
N LYS A 106 8.36 10.71 37.67
CA LYS A 106 8.01 9.29 37.66
C LYS A 106 7.66 8.88 36.23
N GLN A 107 7.05 9.83 35.50
CA GLN A 107 6.64 9.60 34.13
C GLN A 107 7.70 10.08 33.14
N LEU A 108 8.10 9.19 32.23
CA LEU A 108 9.09 9.54 31.24
C LEU A 108 8.47 9.52 29.84
N ILE A 109 8.45 10.68 29.20
CA ILE A 109 8.01 10.81 27.82
C ILE A 109 9.23 10.71 26.90
N ILE A 110 9.27 9.70 26.04
CA ILE A 110 10.49 9.46 25.26
C ILE A 110 10.23 9.39 23.75
N ALA A 111 11.17 9.96 22.99
CA ALA A 111 11.15 9.92 21.54
C ALA A 111 12.58 9.92 21.02
N GLY A 112 12.81 9.31 19.86
CA GLY A 112 14.15 9.28 19.31
C GLY A 112 14.37 8.41 18.10
N VAL A 113 15.65 8.20 17.79
CA VAL A 113 16.10 7.49 16.61
C VAL A 113 17.29 6.60 16.97
N VAL A 114 17.25 5.31 16.61
CA VAL A 114 16.13 4.65 15.96
C VAL A 114 15.24 3.98 17.00
N THR A 115 13.99 3.70 16.63
CA THR A 115 12.98 3.20 17.57
C THR A 115 13.38 1.89 18.24
N ASP A 116 13.89 0.96 17.44
CA ASP A 116 14.19 -0.39 17.90
C ASP A 116 15.43 -0.46 18.80
N VAL A 117 16.20 0.62 18.85
CA VAL A 117 17.44 0.62 19.60
C VAL A 117 17.52 1.77 20.58
N VAL A 119 15.61 4.09 21.36
CA VAL A 119 14.39 4.34 22.13
C VAL A 119 14.01 3.12 22.98
N ALA A 120 13.99 1.95 22.35
CA ALA A 120 13.55 0.75 23.03
C ALA A 120 14.45 0.39 24.21
N PHE A 121 15.76 0.50 24.01
CA PHE A 121 16.70 0.06 25.05
C PHE A 121 16.53 0.86 26.35
N PRO A 122 16.57 2.20 26.28
CA PRO A 122 16.38 2.91 27.56
C PRO A 122 14.94 2.81 28.06
N THR A 123 13.98 2.61 27.16
CA THR A 123 12.60 2.38 27.57
C THR A 123 12.51 1.12 28.45
N LEU A 124 13.10 0.03 27.97
CA LEU A 124 13.08 -1.23 28.69
C LEU A 124 13.86 -1.14 30.02
N SER A 125 14.96 -0.40 30.00
CA SER A 125 15.75 -0.20 31.21
C SER A 125 15.01 0.65 32.23
N ALA A 126 14.35 1.70 31.75
CA ALA A 126 13.62 2.59 32.65
C ALA A 126 12.43 1.87 33.26
N LEU A 127 11.77 1.04 32.47
CA LEU A 127 10.65 0.25 32.97
C LEU A 127 11.10 -0.72 34.04
N GLU A 128 12.31 -1.25 33.89
CA GLU A 128 12.88 -2.18 34.85
C GLU A 128 13.11 -1.49 36.18
N GLU A 129 13.41 -0.19 36.15
CA GLU A 129 13.64 0.56 37.38
C GLU A 129 12.36 1.16 37.93
N GLY A 130 11.23 0.84 37.31
CA GLY A 130 9.94 1.21 37.84
C GLY A 130 9.31 2.51 37.35
N PHE A 131 9.92 3.12 36.34
CA PHE A 131 9.37 4.35 35.76
C PHE A 131 8.16 4.06 34.87
N ASP A 132 7.23 5.00 34.80
CA ASP A 132 6.15 4.91 33.81
C ASP A 132 6.64 5.53 32.52
N VAL A 133 6.73 4.73 31.46
CA VAL A 133 7.30 5.24 30.22
C VAL A 133 6.23 5.38 29.15
N PHE A 134 6.17 6.58 28.57
CA PHE A 134 5.23 6.90 27.51
C PHE A 134 6.02 7.16 26.23
N VAL A 135 5.85 6.28 25.26
CA VAL A 135 6.61 6.36 24.01
C VAL A 135 5.85 7.18 22.98
N VAL A 136 6.46 8.27 22.52
CA VAL A 136 5.87 9.05 21.44
C VAL A 136 6.21 8.41 20.11
N THR A 137 5.29 7.58 19.60
CA THR A 137 5.57 6.70 18.47
C THR A 137 5.75 7.42 17.13
N ASP A 138 5.06 8.53 16.93
CA ASP A 138 5.19 9.23 15.65
C ASP A 138 6.31 10.27 15.69
N ALA A 139 6.98 10.37 16.83
CA ALA A 139 8.18 11.20 16.94
C ALA A 139 9.40 10.30 17.13
N SER A 140 9.20 9.00 16.89
CA SER A 140 10.28 8.04 16.93
C SER A 140 10.32 7.33 15.58
N GLY A 141 11.50 7.25 14.96
CA GLY A 141 11.62 6.67 13.64
C GLY A 141 12.57 5.49 13.56
N THR A 142 12.41 4.68 12.52
CA THR A 142 13.29 3.54 12.31
C THR A 142 13.35 3.16 10.83
N PHE A 143 13.96 2.02 10.52
CA PHE A 143 14.27 1.65 9.15
C PHE A 143 13.05 1.39 8.25
N ASN A 144 12.01 0.76 8.81
CA ASN A 144 10.85 0.37 8.03
C ASN A 144 9.69 0.01 8.96
N PRO A 145 8.45 -0.09 8.42
CA PRO A 145 7.30 -0.42 9.25
C PRO A 145 7.41 -1.76 9.99
N VAL A 146 8.12 -2.73 9.44
CA VAL A 146 8.27 -4.02 10.10
C VAL A 146 9.08 -3.89 11.37
N VAL A 147 10.24 -3.25 11.27
CA VAL A 147 11.10 -3.03 12.43
C VAL A 147 10.37 -2.23 13.51
N ARG A 148 9.55 -1.26 13.08
CA ARG A 148 8.78 -0.47 14.02
C ARG A 148 7.81 -1.36 14.80
N ASP A 149 7.07 -2.20 14.08
CA ASP A 149 6.08 -3.08 14.70
C ASP A 149 6.69 -4.08 15.66
N ALA A 150 7.89 -4.56 15.35
CA ALA A 150 8.58 -5.48 16.25
C ALA A 150 8.97 -4.76 17.54
N ALA A 151 9.43 -3.52 17.39
CA ALA A 151 9.82 -2.70 18.53
C ALA A 151 8.62 -2.39 19.42
N TRP A 152 7.47 -2.11 18.81
CA TRP A 152 6.25 -1.87 19.57
C TRP A 152 5.86 -3.09 20.39
N ALA A 153 5.96 -4.26 19.78
CA ALA A 153 5.62 -5.51 20.44
C ALA A 153 6.50 -5.72 21.68
N ARG A 154 7.79 -5.43 21.54
CA ARG A 154 8.73 -5.64 22.63
C ARG A 154 8.48 -4.67 23.77
N THR A 156 5.52 -2.92 24.43
CA THR A 156 4.23 -3.13 25.08
C THR A 156 4.27 -4.34 26.00
N ALA A 157 5.04 -5.36 25.60
CA ALA A 157 5.19 -6.56 26.42
C ALA A 157 5.86 -6.22 27.75
N ALA A 158 6.59 -5.11 27.76
CA ALA A 158 7.28 -4.67 28.97
C ALA A 158 6.42 -3.69 29.75
N GLY A 159 5.31 -3.24 29.17
CA GLY A 159 4.39 -2.37 29.87
C GLY A 159 4.51 -0.91 29.54
N ALA A 160 5.18 -0.58 28.44
CA ALA A 160 5.27 0.80 27.99
C ALA A 160 3.93 1.25 27.42
N GLN A 161 3.61 2.54 27.58
CA GLN A 161 2.39 3.07 26.98
C GLN A 161 2.68 3.77 25.65
N LEU A 162 2.11 3.23 24.58
CA LEU A 162 2.32 3.76 23.23
C LEU A 162 1.38 4.93 22.91
N ASN A 164 1.23 9.25 20.89
CA ASN A 164 1.68 10.14 19.82
C ASN A 164 1.68 11.57 20.33
N TRP A 165 2.33 12.48 19.62
CA TRP A 165 2.56 13.81 20.19
C TRP A 165 1.25 14.53 20.49
N PHE A 166 0.23 14.29 19.66
CA PHE A 166 -1.06 14.94 19.88
C PHE A 166 -1.77 14.42 21.13
N SER A 167 -1.77 13.10 21.33
CA SER A 167 -2.43 12.53 22.50
C SER A 167 -1.64 12.87 23.76
N VAL A 168 -0.32 12.93 23.64
CA VAL A 168 0.51 13.37 24.76
C VAL A 168 0.14 14.79 25.16
N GLY A 169 0.05 15.67 24.17
CA GLY A 169 -0.29 17.06 24.41
C GLY A 169 -1.64 17.22 25.09
N CYS A 170 -2.63 16.47 24.63
CA CYS A 170 -3.99 16.58 25.16
C CYS A 170 -4.11 16.03 26.58
N GLU A 171 -3.38 14.97 26.88
CA GLU A 171 -3.43 14.38 28.21
C GLU A 171 -2.72 15.26 29.23
N LEU A 172 -1.72 15.99 28.76
CA LEU A 172 -1.04 16.97 29.59
C LEU A 172 -1.92 18.19 29.79
N HIS A 173 -2.59 18.61 28.73
CA HIS A 173 -3.35 19.85 28.76
C HIS A 173 -4.66 19.70 29.53
N ARG A 174 -5.31 18.55 29.40
CA ARG A 174 -6.56 18.23 30.10
C ARG A 174 -7.74 19.10 29.68
N ASP A 175 -7.59 20.42 29.81
CA ASP A 175 -8.69 21.36 29.62
C ASP A 175 -8.34 22.48 28.64
N TRP A 176 -9.18 22.65 27.63
CA TRP A 176 -8.99 23.69 26.62
C TRP A 176 -8.87 25.09 27.22
N ARG A 177 -9.65 25.33 28.27
CA ARG A 177 -9.74 26.67 28.86
C ARG A 177 -8.50 27.09 29.65
N ASN A 178 -7.58 26.16 29.87
CA ASN A 178 -6.34 26.47 30.57
C ASN A 178 -5.49 27.48 29.79
N ASP A 179 -5.46 27.33 28.47
CA ASP A 179 -4.77 28.28 27.59
C ASP A 179 -5.21 28.03 26.14
N ILE A 180 -6.30 28.69 25.75
CA ILE A 180 -6.88 28.47 24.43
C ILE A 180 -5.96 28.94 23.30
N GLU A 181 -5.52 30.19 23.36
CA GLU A 181 -4.66 30.75 22.33
C GLU A 181 -3.33 30.01 22.22
N GLY A 182 -2.68 29.81 23.37
CA GLY A 182 -1.36 29.19 23.42
C GLY A 182 -1.33 27.75 22.97
N PHE A 183 -2.28 26.96 23.43
CA PHE A 183 -2.34 25.55 23.06
C PHE A 183 -2.86 25.41 21.63
N GLY A 184 -3.77 26.28 21.25
CA GLY A 184 -4.32 26.26 19.90
C GLY A 184 -3.26 26.59 18.87
N ALA A 185 -2.28 27.40 19.27
CA ALA A 185 -1.17 27.77 18.40
C ALA A 185 -0.33 26.53 18.06
N ILE A 186 -0.17 25.64 19.02
CA ILE A 186 0.59 24.41 18.81
C ILE A 186 -0.13 23.51 17.80
N LEU A 187 -1.44 23.36 17.96
CA LEU A 187 -2.22 22.53 17.06
C LEU A 187 -2.23 23.13 15.64
N GLY A 188 -2.40 24.45 15.56
CA GLY A 188 -2.39 25.12 14.28
C GLY A 188 -1.05 25.02 13.58
N GLY A 189 0.02 25.10 14.36
CA GLY A 189 1.37 25.07 13.82
C GLY A 189 1.84 23.70 13.38
N HIS A 190 1.18 22.64 13.83
CA HIS A 190 1.64 21.29 13.54
C HIS A 190 0.55 20.37 12.98
N LEU A 191 -0.67 20.91 12.84
CA LEU A 191 -1.76 20.22 12.14
C LEU A 191 -2.36 21.16 11.10
N PRO A 192 -1.83 21.11 9.86
CA PRO A 192 -2.28 22.00 8.79
C PRO A 192 -3.80 21.95 8.60
N ALA A 193 -4.38 20.77 8.75
CA ALA A 193 -5.83 20.62 8.65
C ALA A 193 -6.54 21.43 9.73
N TYR A 194 -5.95 21.46 10.93
CA TYR A 194 -6.52 22.23 12.02
C TYR A 194 -6.29 23.73 11.84
N ALA A 195 -5.14 24.08 11.27
CA ALA A 195 -4.84 25.47 10.93
C ALA A 195 -5.89 26.02 9.97
N ASN A 196 -6.32 25.19 9.03
CA ASN A 196 -7.37 25.56 8.08
C ASN A 196 -8.70 25.80 8.76
N LEU A 197 -9.03 24.98 9.75
CA LEU A 197 -10.26 25.16 10.51
C LEU A 197 -10.25 26.49 11.24
N ILE A 198 -9.10 26.82 11.82
CA ILE A 198 -8.93 28.07 12.55
C ILE A 198 -9.13 29.27 11.63
N GLN A 199 -8.61 29.18 10.40
CA GLN A 199 -8.74 30.28 9.45
C GLN A 199 -10.18 30.43 8.95
N SER A 200 -10.83 29.32 8.64
CA SER A 200 -12.22 29.34 8.20
C SER A 200 -13.11 29.90 9.29
N PHE A 201 -12.86 29.48 10.53
CA PHE A 201 -13.65 29.91 11.67
C PHE A 201 -13.51 31.41 11.94
N GLY A 202 -12.37 31.98 11.60
CA GLY A 202 -12.10 33.37 11.91
C GLY A 202 -12.76 34.38 11.00
N THR A 203 -13.45 33.91 9.97
CA THR A 203 -14.11 34.80 9.02
C THR A 203 -15.61 34.93 9.28
N SER B 2 8.37 -6.34 38.84
CA SER B 2 7.40 -6.25 37.75
C SER B 2 8.03 -6.70 36.43
N PHE B 3 8.80 -5.80 35.80
CA PHE B 3 9.45 -6.15 34.54
C PHE B 3 10.97 -6.25 34.67
N THR B 4 11.52 -7.27 34.02
CA THR B 4 12.97 -7.46 33.97
C THR B 4 13.44 -7.39 32.53
N TYR B 5 14.40 -6.51 32.28
CA TYR B 5 14.96 -6.33 30.94
C TYR B 5 15.99 -7.43 30.66
N LYS B 6 15.54 -8.55 30.12
CA LYS B 6 16.44 -9.64 29.76
C LYS B 6 17.06 -9.35 28.41
N ARG B 7 18.21 -8.70 28.41
CA ARG B 7 18.81 -8.27 27.15
C ARG B 7 19.96 -9.19 26.74
N LEU B 8 20.26 -9.17 25.45
CA LEU B 8 21.29 -10.01 24.86
C LEU B 8 22.68 -9.77 25.47
N ASP B 9 23.35 -10.86 25.84
CA ASP B 9 24.72 -10.83 26.34
C ASP B 9 25.58 -11.68 25.40
N LYS B 10 26.69 -11.14 24.93
CA LYS B 10 27.50 -11.85 23.94
C LYS B 10 28.15 -13.10 24.53
N ASN B 11 28.08 -13.25 25.84
CA ASN B 11 28.65 -14.44 26.47
C ASN B 11 27.59 -15.46 26.86
N ASP B 12 26.32 -15.14 26.61
CA ASP B 12 25.22 -16.01 27.03
C ASP B 12 24.30 -16.34 25.85
N ALA B 13 24.71 -16.03 24.63
CA ALA B 13 23.82 -16.18 23.48
C ALA B 13 24.36 -17.08 22.38
N ALA B 14 23.46 -17.77 21.68
CA ALA B 14 23.81 -18.58 20.52
C ALA B 14 22.90 -18.24 19.34
N VAL B 15 23.38 -18.44 18.12
CA VAL B 15 22.60 -18.10 16.93
C VAL B 15 22.17 -19.34 16.16
N LEU B 16 20.89 -19.39 15.83
CA LEU B 16 20.32 -20.51 15.08
C LEU B 16 19.79 -20.09 13.71
N PHE B 17 20.42 -20.60 12.66
CA PHE B 17 19.96 -20.40 11.30
C PHE B 17 19.12 -21.61 10.86
N VAL B 18 17.82 -21.43 10.73
CA VAL B 18 16.94 -22.56 10.45
C VAL B 18 16.37 -22.53 9.03
N ASP B 19 16.90 -23.39 8.17
CA ASP B 19 16.33 -23.67 6.85
C ASP B 19 16.36 -22.51 5.86
N HIS B 20 17.47 -21.77 5.84
CA HIS B 20 17.69 -20.80 4.77
C HIS B 20 18.15 -21.53 3.51
N GLN B 21 17.21 -22.22 2.88
CA GLN B 21 17.52 -23.07 1.75
C GLN B 21 17.06 -22.44 0.43
N ALA B 22 17.77 -22.78 -0.64
CA ALA B 22 17.56 -22.17 -1.95
C ALA B 22 16.13 -22.31 -2.44
N GLY B 23 15.53 -23.48 -2.20
CA GLY B 23 14.16 -23.72 -2.62
C GLY B 23 13.15 -22.98 -1.75
N LEU B 24 13.27 -23.12 -0.44
CA LEU B 24 12.32 -22.54 0.50
C LEU B 24 12.29 -21.01 0.40
N LEU B 25 13.42 -20.40 0.04
CA LEU B 25 13.49 -18.95 -0.12
C LEU B 25 12.56 -18.46 -1.22
N SER B 26 12.21 -19.35 -2.14
CA SER B 26 11.28 -19.03 -3.22
C SER B 26 9.87 -18.74 -2.69
N LEU B 27 9.61 -19.18 -1.46
CA LEU B 27 8.30 -18.98 -0.83
C LEU B 27 8.19 -17.63 -0.13
N VAL B 28 9.32 -17.00 0.15
CA VAL B 28 9.32 -15.74 0.90
C VAL B 28 8.86 -14.56 0.03
N ARG B 29 7.69 -14.01 0.36
CA ARG B 29 7.16 -12.87 -0.40
C ARG B 29 6.83 -11.67 0.49
N ASP B 30 7.10 -11.78 1.79
CA ASP B 30 6.82 -10.68 2.71
C ASP B 30 8.04 -9.76 2.89
N PHE B 31 9.13 -10.11 2.22
CA PHE B 31 10.30 -9.24 2.08
C PHE B 31 10.77 -9.30 0.63
N SER B 32 11.32 -8.20 0.13
CA SER B 32 11.93 -8.24 -1.19
C SER B 32 13.18 -9.10 -1.11
N PRO B 33 13.51 -9.80 -2.21
CA PRO B 33 14.67 -10.69 -2.23
C PRO B 33 15.96 -9.99 -1.84
N ASP B 34 16.10 -8.74 -2.26
CA ASP B 34 17.30 -7.96 -1.97
C ASP B 34 17.46 -7.63 -0.49
N GLU B 35 16.38 -7.15 0.13
N GLU B 35 16.39 -7.11 0.12
CA GLU B 35 16.44 -6.76 1.54
CA GLU B 35 16.43 -6.77 1.53
C GLU B 35 16.61 -7.99 2.42
C GLU B 35 16.61 -7.99 2.41
N PHE B 36 16.02 -9.11 2.00
CA PHE B 36 16.08 -10.32 2.80
C PHE B 36 17.47 -10.95 2.79
N LYS B 37 18.10 -10.99 1.62
CA LYS B 37 19.46 -11.50 1.52
C LYS B 37 20.41 -10.67 2.38
N ASN B 38 20.26 -9.35 2.30
CA ASN B 38 21.08 -8.45 3.08
C ASN B 38 20.89 -8.66 4.59
N ASN B 39 19.65 -8.86 5.00
CA ASN B 39 19.34 -9.05 6.41
C ASN B 39 19.91 -10.36 6.95
N VAL B 40 19.78 -11.44 6.18
CA VAL B 40 20.32 -12.72 6.61
C VAL B 40 21.84 -12.66 6.68
N LEU B 41 22.46 -12.01 5.70
CA LEU B 41 23.91 -11.84 5.70
C LEU B 41 24.39 -10.92 6.83
N ALA B 42 23.58 -9.94 7.20
CA ALA B 42 23.92 -9.04 8.29
C ALA B 42 23.96 -9.78 9.63
N LEU B 43 22.95 -10.62 9.87
CA LEU B 43 22.90 -11.42 11.08
C LEU B 43 24.11 -12.36 11.15
N ALA B 44 24.51 -12.88 9.99
CA ALA B 44 25.66 -13.77 9.92
C ALA B 44 26.96 -13.05 10.29
N ASP B 45 27.13 -11.83 9.79
CA ASP B 45 28.30 -11.02 10.13
C ASP B 45 28.35 -10.72 11.62
N ILE B 46 27.18 -10.51 12.21
CA ILE B 46 27.06 -10.24 13.63
C ILE B 46 27.44 -11.47 14.45
N ALA B 47 26.94 -12.63 14.02
CA ALA B 47 27.27 -13.88 14.68
C ALA B 47 28.78 -14.13 14.65
N ARG B 48 29.42 -13.81 13.52
CA ARG B 48 30.87 -13.96 13.44
C ARG B 48 31.61 -12.94 14.29
N PHE B 49 31.13 -11.70 14.23
CA PHE B 49 31.82 -10.59 14.89
C PHE B 49 31.86 -10.73 16.42
N PHE B 50 30.80 -11.25 17.01
CA PHE B 50 30.73 -11.37 18.46
C PHE B 50 31.10 -12.76 18.95
N ASN B 51 31.67 -13.56 18.06
CA ASN B 51 32.12 -14.92 18.37
C ASN B 51 31.04 -15.77 19.04
N LEU B 52 29.83 -15.70 18.51
CA LEU B 52 28.74 -16.49 19.04
C LEU B 52 28.77 -17.90 18.46
N PRO B 53 28.55 -18.91 19.31
CA PRO B 53 28.34 -20.27 18.79
C PRO B 53 27.14 -20.29 17.85
N THR B 54 27.33 -20.88 16.67
CA THR B 54 26.31 -20.84 15.62
C THR B 54 25.86 -22.25 15.26
N ILE B 55 24.57 -22.43 15.00
CA ILE B 55 24.06 -23.72 14.56
C ILE B 55 23.29 -23.60 13.25
N LEU B 56 23.66 -24.41 12.27
CA LEU B 56 22.96 -24.45 10.99
C LEU B 56 22.10 -25.71 10.91
N THR B 57 20.88 -25.57 10.40
CA THR B 57 20.02 -26.73 10.23
C THR B 57 19.16 -26.60 8.98
N THR B 58 18.92 -27.72 8.30
CA THR B 58 18.10 -27.73 7.09
C THR B 58 16.99 -28.78 7.18
N SER B 59 15.95 -28.60 6.37
CA SER B 59 14.84 -29.55 6.33
CA SER B 59 14.84 -29.55 6.33
C SER B 59 14.71 -30.15 4.95
N PHE B 60 14.94 -31.46 4.86
CA PHE B 60 14.72 -32.21 3.62
C PHE B 60 15.52 -31.59 2.47
N GLU B 61 16.82 -31.39 2.67
CA GLU B 61 17.62 -30.64 1.70
C GLU B 61 17.87 -31.45 0.44
N ASP B 62 17.54 -32.73 0.47
CA ASP B 62 17.74 -33.59 -0.70
C ASP B 62 16.48 -33.66 -1.56
N GLY B 63 15.58 -32.70 -1.36
CA GLY B 63 14.38 -32.58 -2.17
C GLY B 63 14.25 -31.18 -2.73
N PRO B 64 13.01 -30.78 -3.08
CA PRO B 64 12.75 -29.46 -3.64
C PRO B 64 13.09 -28.31 -2.71
N ASN B 65 13.19 -28.58 -1.41
CA ASN B 65 13.52 -27.55 -0.43
C ASN B 65 14.90 -26.97 -0.72
N GLY B 66 15.78 -27.80 -1.27
CA GLY B 66 17.07 -27.33 -1.76
C GLY B 66 18.17 -27.21 -0.73
N PRO B 67 19.38 -26.92 -1.18
CA PRO B 67 20.56 -26.79 -0.32
C PRO B 67 20.54 -25.52 0.51
N LEU B 68 21.30 -25.51 1.58
CA LEU B 68 21.51 -24.30 2.38
C LEU B 68 22.24 -23.28 1.51
N VAL B 69 21.87 -22.01 1.62
CA VAL B 69 22.52 -20.96 0.83
C VAL B 69 24.04 -20.95 1.09
N PRO B 70 24.83 -20.75 0.01
CA PRO B 70 26.28 -20.90 0.05
C PRO B 70 26.96 -20.01 1.08
N GLU B 71 26.44 -18.81 1.27
CA GLU B 71 27.05 -17.85 2.19
C GLU B 71 27.12 -18.41 3.60
N LEU B 72 26.05 -19.06 4.04
CA LEU B 72 26.02 -19.62 5.39
C LEU B 72 26.99 -20.79 5.56
N LYS B 73 27.11 -21.65 4.56
CA LYS B 73 28.06 -22.75 4.67
C LYS B 73 29.51 -22.25 4.65
N GLU B 74 29.78 -21.26 3.81
CA GLU B 74 31.14 -20.73 3.68
C GLU B 74 31.59 -19.92 4.89
N PHE B 76 30.35 -20.33 8.08
CA PHE B 76 30.42 -21.13 9.29
C PHE B 76 30.74 -22.58 8.99
N PRO B 77 31.92 -22.86 8.42
CA PRO B 77 32.25 -24.23 8.02
C PRO B 77 32.48 -25.15 9.22
N GLN B 78 32.66 -24.57 10.39
CA GLN B 78 32.95 -25.34 11.59
C GLN B 78 31.77 -25.39 12.55
N ALA B 79 30.69 -24.71 12.20
CA ALA B 79 29.48 -24.75 12.99
C ALA B 79 28.79 -26.10 12.82
N PRO B 80 28.14 -26.59 13.89
CA PRO B 80 27.30 -27.79 13.78
C PRO B 80 26.26 -27.65 12.67
N TYR B 81 26.18 -28.66 11.81
CA TYR B 81 25.27 -28.65 10.66
C TYR B 81 24.33 -29.84 10.77
N ILE B 82 23.09 -29.60 11.17
CA ILE B 82 22.14 -30.69 11.32
C ILE B 82 21.14 -30.70 10.17
N ALA B 83 21.32 -31.65 9.26
CA ALA B 83 20.38 -31.83 8.14
C ALA B 83 19.23 -32.74 8.56
N ARG B 84 18.05 -32.16 8.73
CA ARG B 84 16.89 -32.93 9.17
C ARG B 84 16.16 -33.57 7.99
N PRO B 85 16.20 -34.91 7.94
CA PRO B 85 15.51 -35.61 6.85
C PRO B 85 14.00 -35.56 6.98
N GLY B 86 13.50 -35.51 8.21
CA GLY B 86 12.07 -35.63 8.44
C GLY B 86 11.39 -34.57 9.30
N ASN B 87 11.88 -34.39 10.51
CA ASN B 87 11.21 -33.52 11.47
C ASN B 87 11.09 -32.07 11.02
N ILE B 88 9.85 -31.59 10.96
CA ILE B 88 9.56 -30.23 10.54
C ILE B 88 9.95 -29.26 11.64
N ASN B 89 9.52 -29.53 12.86
CA ASN B 89 10.00 -28.81 14.02
C ASN B 89 11.41 -29.27 14.34
N ALA B 90 12.37 -28.36 14.21
CA ALA B 90 13.78 -28.68 14.42
C ALA B 90 14.03 -29.20 15.84
N TRP B 91 13.16 -28.83 16.77
CA TRP B 91 13.31 -29.26 18.16
C TRP B 91 12.92 -30.74 18.35
N ASP B 92 12.23 -31.31 17.37
CA ASP B 92 11.89 -32.72 17.41
C ASP B 92 13.05 -33.59 16.92
N ASN B 93 14.11 -32.92 16.47
CA ASN B 93 15.32 -33.62 16.06
C ASN B 93 16.30 -33.66 17.23
N GLU B 94 16.67 -34.86 17.66
CA GLU B 94 17.50 -35.00 18.86
C GLU B 94 18.91 -34.47 18.68
N ASP B 95 19.46 -34.59 17.47
CA ASP B 95 20.79 -34.07 17.18
C ASP B 95 20.81 -32.54 17.30
N PHE B 96 19.73 -31.90 16.86
CA PHE B 96 19.63 -30.45 16.89
C PHE B 96 19.59 -29.93 18.33
N VAL B 97 18.75 -30.52 19.16
CA VAL B 97 18.62 -30.10 20.56
C VAL B 97 19.93 -30.35 21.30
N LYS B 98 20.58 -31.47 20.99
CA LYS B 98 21.86 -31.80 21.58
C LYS B 98 22.90 -30.73 21.29
N ALA B 99 22.92 -30.25 20.05
CA ALA B 99 23.85 -29.21 19.63
C ALA B 99 23.53 -27.87 20.28
N VAL B 100 22.24 -27.59 20.47
CA VAL B 100 21.83 -26.36 21.12
C VAL B 100 22.29 -26.35 22.57
N LYS B 101 22.04 -27.44 23.27
CA LYS B 101 22.40 -27.53 24.67
C LYS B 101 23.91 -27.64 24.87
N ALA B 102 24.61 -28.16 23.87
CA ALA B 102 26.06 -28.28 23.95
C ALA B 102 26.74 -26.90 23.96
N THR B 103 26.08 -25.90 23.41
CA THR B 103 26.61 -24.54 23.42
C THR B 103 26.56 -23.99 24.84
N GLY B 104 25.62 -24.51 25.63
CA GLY B 104 25.48 -24.09 27.01
C GLY B 104 24.93 -22.68 27.15
N LYS B 105 24.30 -22.19 26.10
CA LYS B 105 23.80 -20.82 26.09
C LYS B 105 22.32 -20.76 26.47
N LYS B 106 21.94 -19.69 27.16
CA LYS B 106 20.58 -19.55 27.67
C LYS B 106 19.74 -18.78 26.66
N GLN B 107 20.36 -17.83 25.99
CA GLN B 107 19.69 -17.00 25.00
C GLN B 107 19.86 -17.55 23.58
N LEU B 108 18.74 -17.71 22.89
CA LEU B 108 18.76 -18.24 21.53
C LEU B 108 18.30 -17.18 20.53
N ILE B 109 19.20 -16.80 19.64
CA ILE B 109 18.89 -15.89 18.55
C ILE B 109 18.50 -16.72 17.32
N ILE B 110 17.28 -16.53 16.83
CA ILE B 110 16.78 -17.40 15.77
C ILE B 110 16.25 -16.65 14.54
N ALA B 111 16.55 -17.20 13.36
CA ALA B 111 16.04 -16.68 12.09
C ALA B 111 15.88 -17.83 11.10
N GLY B 112 14.93 -17.73 10.18
CA GLY B 112 14.74 -18.79 9.21
C GLY B 112 13.53 -18.70 8.29
N VAL B 113 13.28 -19.80 7.58
CA VAL B 113 12.21 -19.89 6.58
C VAL B 113 11.50 -21.24 6.67
N VAL B 114 10.17 -21.24 6.75
CA VAL B 114 9.34 -20.04 6.83
C VAL B 114 9.03 -19.68 8.28
N THR B 115 8.67 -18.41 8.51
CA THR B 115 8.50 -17.87 9.85
C THR B 115 7.46 -18.59 10.69
N ASP B 116 6.31 -18.88 10.08
CA ASP B 116 5.17 -19.45 10.80
C ASP B 116 5.38 -20.92 11.17
N VAL B 117 6.41 -21.55 10.61
CA VAL B 117 6.65 -22.97 10.84
C VAL B 117 8.07 -23.26 11.31
N VAL B 119 10.49 -21.49 11.98
CA VAL B 119 10.96 -20.61 13.04
C VAL B 119 10.06 -20.71 14.28
N ALA B 120 8.75 -20.60 14.05
CA ALA B 120 7.79 -20.56 15.14
C ALA B 120 7.80 -21.84 15.96
N PHE B 121 7.84 -22.99 15.30
CA PHE B 121 7.74 -24.26 16.02
C PHE B 121 8.92 -24.46 16.99
N PRO B 122 10.17 -24.33 16.51
CA PRO B 122 11.25 -24.51 17.50
C PRO B 122 11.34 -23.38 18.53
N THR B 123 10.90 -22.19 18.16
CA THR B 123 10.82 -21.07 19.11
C THR B 123 9.90 -21.43 20.27
N LEU B 124 8.72 -21.94 19.95
CA LEU B 124 7.73 -22.33 20.96
C LEU B 124 8.23 -23.51 21.79
N SER B 125 8.96 -24.42 21.16
CA SER B 125 9.52 -25.57 21.87
C SER B 125 10.62 -25.12 22.83
N ALA B 126 11.46 -24.21 22.37
CA ALA B 126 12.57 -23.73 23.18
C ALA B 126 12.05 -22.91 24.35
N LEU B 127 11.01 -22.12 24.10
CA LEU B 127 10.40 -21.32 25.16
C LEU B 127 9.80 -22.22 26.24
N GLU B 128 9.25 -23.36 25.83
CA GLU B 128 8.68 -24.31 26.78
C GLU B 128 9.76 -24.91 27.66
N GLU B 129 10.96 -25.05 27.12
CA GLU B 129 12.08 -25.62 27.87
C GLU B 129 12.86 -24.56 28.64
N GLY B 130 12.35 -23.33 28.63
CA GLY B 130 12.89 -22.28 29.47
C GLY B 130 13.95 -21.40 28.83
N PHE B 131 14.22 -21.57 27.55
CA PHE B 131 15.18 -20.71 26.87
C PHE B 131 14.60 -19.33 26.65
N ASP B 132 15.45 -18.32 26.67
CA ASP B 132 15.05 -16.97 26.25
C ASP B 132 15.26 -16.88 24.74
N VAL B 133 14.18 -16.66 24.00
CA VAL B 133 14.28 -16.67 22.55
C VAL B 133 14.13 -15.28 21.95
N PHE B 134 15.10 -14.91 21.11
CA PHE B 134 15.09 -13.63 20.41
C PHE B 134 14.93 -13.88 18.92
N VAL B 135 13.79 -13.49 18.38
CA VAL B 135 13.47 -13.75 16.98
C VAL B 135 13.92 -12.61 16.09
N VAL B 136 14.81 -12.88 15.14
CA VAL B 136 15.21 -11.87 14.18
C VAL B 136 14.17 -11.79 13.09
N THR B 137 13.27 -10.83 13.22
CA THR B 137 12.08 -10.78 12.39
C THR B 137 12.36 -10.42 10.93
N ASP B 138 13.36 -9.58 10.69
CA ASP B 138 13.64 -9.17 9.30
C ASP B 138 14.64 -10.11 8.63
N ALA B 139 15.08 -11.14 9.34
CA ALA B 139 15.89 -12.19 8.74
C ALA B 139 15.11 -13.49 8.70
N SER B 140 13.79 -13.39 8.94
CA SER B 140 12.89 -14.53 8.82
C SER B 140 11.78 -14.18 7.84
N GLY B 141 11.54 -15.06 6.88
CA GLY B 141 10.58 -14.78 5.84
C GLY B 141 9.43 -15.77 5.76
N THR B 142 8.34 -15.35 5.13
CA THR B 142 7.20 -16.22 4.94
C THR B 142 6.36 -15.77 3.73
N PHE B 143 5.18 -16.34 3.58
CA PHE B 143 4.36 -16.19 2.37
C PHE B 143 3.85 -14.77 2.13
N ASN B 144 3.47 -14.09 3.20
CA ASN B 144 2.86 -12.76 3.09
C ASN B 144 2.80 -12.08 4.45
N PRO B 145 2.56 -10.76 4.48
CA PRO B 145 2.50 -10.04 5.76
C PRO B 145 1.45 -10.57 6.73
N VAL B 146 0.35 -11.12 6.21
CA VAL B 146 -0.72 -11.64 7.07
C VAL B 146 -0.26 -12.86 7.86
N VAL B 147 0.31 -13.84 7.16
CA VAL B 147 0.83 -15.03 7.81
C VAL B 147 1.91 -14.65 8.83
N ARG B 148 2.73 -13.66 8.48
CA ARG B 148 3.78 -13.18 9.37
C ARG B 148 3.20 -12.62 10.67
N ASP B 149 2.19 -11.77 10.56
CA ASP B 149 1.56 -11.16 11.72
C ASP B 149 0.95 -12.21 12.64
N ALA B 150 0.40 -13.26 12.06
CA ALA B 150 -0.16 -14.35 12.85
C ALA B 150 0.93 -15.09 13.60
N ALA B 151 2.06 -15.32 12.93
CA ALA B 151 3.21 -15.98 13.55
C ALA B 151 3.78 -15.14 14.67
N TRP B 152 3.83 -13.82 14.46
CA TRP B 152 4.28 -12.91 15.50
C TRP B 152 3.41 -12.99 16.73
N ALA B 153 2.09 -12.96 16.52
CA ALA B 153 1.15 -13.00 17.62
C ALA B 153 1.33 -14.28 18.42
N ARG B 154 1.51 -15.40 17.71
CA ARG B 154 1.63 -16.69 18.36
C ARG B 154 2.91 -16.78 19.18
N THR B 156 4.83 -13.98 20.41
CA THR B 156 4.82 -13.03 21.52
C THR B 156 3.96 -13.53 22.67
N ALA B 157 2.88 -14.23 22.35
CA ALA B 157 2.00 -14.79 23.37
C ALA B 157 2.75 -15.80 24.22
N ALA B 158 3.80 -16.38 23.64
CA ALA B 158 4.59 -17.40 24.31
C ALA B 158 5.78 -16.79 25.05
N GLY B 159 6.02 -15.50 24.82
CA GLY B 159 7.09 -14.81 25.51
C GLY B 159 8.35 -14.63 24.68
N ALA B 160 8.24 -14.82 23.38
CA ALA B 160 9.38 -14.57 22.50
C ALA B 160 9.61 -13.07 22.40
N GLN B 161 10.86 -12.67 22.25
CA GLN B 161 11.19 -11.27 22.06
C GLN B 161 11.43 -11.00 20.57
N LEU B 162 10.58 -10.18 19.97
CA LEU B 162 10.69 -9.86 18.56
C LEU B 162 11.68 -8.72 18.31
N ASN B 164 15.26 -7.31 15.50
CA ASN B 164 15.79 -7.24 14.14
C ASN B 164 17.31 -7.27 14.20
N TRP B 165 17.96 -7.53 13.07
CA TRP B 165 19.40 -7.79 13.10
C TRP B 165 20.17 -6.58 13.63
N PHE B 166 19.70 -5.38 13.34
CA PHE B 166 20.38 -4.17 13.82
C PHE B 166 20.27 -4.02 15.33
N SER B 167 19.08 -4.24 15.86
CA SER B 167 18.88 -4.13 17.30
C SER B 167 19.56 -5.29 18.02
N VAL B 168 19.60 -6.46 17.40
CA VAL B 168 20.35 -7.59 17.95
C VAL B 168 21.83 -7.24 18.08
N GLY B 169 22.40 -6.70 17.00
CA GLY B 169 23.79 -6.29 16.97
C GLY B 169 24.12 -5.23 17.99
N CYS B 170 23.24 -4.25 18.14
CA CYS B 170 23.48 -3.14 19.07
C CYS B 170 23.38 -3.57 20.52
N GLU B 171 22.46 -4.48 20.82
CA GLU B 171 22.27 -4.95 22.18
C GLU B 171 23.44 -5.86 22.59
N LEU B 172 24.03 -6.52 21.61
CA LEU B 172 25.22 -7.33 21.83
C LEU B 172 26.46 -6.45 22.03
N HIS B 173 26.54 -5.39 21.23
CA HIS B 173 27.73 -4.55 21.21
C HIS B 173 27.83 -3.64 22.43
N ARG B 174 26.69 -3.12 22.89
CA ARG B 174 26.59 -2.26 24.07
C ARG B 174 27.29 -0.91 23.92
N ASP B 175 28.59 -0.95 23.61
CA ASP B 175 29.43 0.24 23.61
C ASP B 175 30.22 0.36 22.30
N TRP B 176 30.09 1.51 21.64
CA TRP B 176 30.79 1.79 20.38
C TRP B 176 32.30 1.60 20.51
N ARG B 177 32.83 1.96 21.66
CA ARG B 177 34.27 1.97 21.89
C ARG B 177 34.87 0.57 22.04
N ASN B 178 34.02 -0.45 22.10
CA ASN B 178 34.52 -1.82 22.17
C ASN B 178 35.25 -2.20 20.89
N ASP B 179 34.74 -1.75 19.75
CA ASP B 179 35.37 -1.94 18.45
C ASP B 179 34.70 -1.02 17.42
N ILE B 180 35.19 0.20 17.29
CA ILE B 180 34.55 1.19 16.42
C ILE B 180 34.60 0.82 14.94
N GLU B 181 35.80 0.58 14.41
CA GLU B 181 35.94 0.25 13.00
C GLU B 181 35.27 -1.07 12.62
N GLY B 182 35.47 -2.09 13.45
CA GLY B 182 34.94 -3.40 13.16
C GLY B 182 33.42 -3.43 13.12
N PHE B 183 32.80 -2.81 14.11
CA PHE B 183 31.34 -2.77 14.17
C PHE B 183 30.77 -1.82 13.14
N GLY B 184 31.47 -0.72 12.90
CA GLY B 184 31.07 0.25 11.89
C GLY B 184 31.12 -0.35 10.50
N ALA B 185 32.04 -1.30 10.31
CA ALA B 185 32.15 -1.98 9.03
C ALA B 185 30.90 -2.81 8.75
N ILE B 186 30.35 -3.42 9.80
CA ILE B 186 29.14 -4.21 9.65
C ILE B 186 27.95 -3.33 9.28
N LEU B 187 27.79 -2.23 10.00
CA LEU B 187 26.70 -1.31 9.75
C LEU B 187 26.82 -0.70 8.36
N GLY B 188 28.04 -0.32 7.99
CA GLY B 188 28.31 0.24 6.68
C GLY B 188 28.04 -0.75 5.57
N GLY B 189 28.37 -2.02 5.80
CA GLY B 189 28.23 -3.04 4.79
C GLY B 189 26.79 -3.51 4.56
N HIS B 190 25.90 -3.20 5.50
CA HIS B 190 24.53 -3.70 5.43
C HIS B 190 23.48 -2.60 5.61
N LEU B 191 23.94 -1.37 5.78
CA LEU B 191 23.05 -0.20 5.75
C LEU B 191 23.59 0.84 4.79
N PRO B 192 23.14 0.77 3.52
CA PRO B 192 23.60 1.68 2.47
C PRO B 192 23.47 3.14 2.90
N ALA B 193 22.40 3.46 3.62
CA ALA B 193 22.21 4.82 4.13
C ALA B 193 23.33 5.21 5.09
N TYR B 194 23.77 4.25 5.90
CA TYR B 194 24.83 4.50 6.86
C TYR B 194 26.20 4.55 6.18
N ALA B 195 26.38 3.73 5.16
CA ALA B 195 27.62 3.74 4.38
C ALA B 195 27.83 5.11 3.75
N ASN B 196 26.75 5.72 3.29
CA ASN B 196 26.81 7.06 2.71
C ASN B 196 27.25 8.10 3.74
N LEU B 197 26.75 7.96 4.96
CA LEU B 197 27.11 8.86 6.05
C LEU B 197 28.60 8.76 6.35
N ILE B 198 29.11 7.52 6.38
CA ILE B 198 30.52 7.28 6.64
C ILE B 198 31.38 7.93 5.56
N GLN B 199 30.93 7.84 4.31
CA GLN B 199 31.70 8.39 3.20
C GLN B 199 31.71 9.91 3.22
N SER B 200 30.57 10.52 3.50
CA SER B 200 30.50 11.97 3.62
C SER B 200 31.37 12.46 4.77
N PHE B 201 31.35 11.73 5.88
CA PHE B 201 32.11 12.11 7.07
C PHE B 201 33.62 12.11 6.81
N GLY B 202 34.06 11.24 5.89
CA GLY B 202 35.47 11.04 5.61
C GLY B 202 36.18 12.07 4.74
N THR B 203 35.44 13.06 4.25
CA THR B 203 36.03 14.08 3.39
C THR B 203 36.33 15.35 4.18
N SER C 2 5.48 -22.31 33.35
CA SER C 2 5.50 -21.03 32.67
C SER C 2 4.75 -21.07 31.34
N PHE C 3 5.44 -21.46 30.28
CA PHE C 3 4.79 -21.59 28.98
C PHE C 3 4.70 -23.04 28.54
N THR C 4 3.54 -23.41 28.03
CA THR C 4 3.32 -24.75 27.50
C THR C 4 2.96 -24.67 26.02
N TYR C 5 3.72 -25.39 25.21
CA TYR C 5 3.49 -25.44 23.78
C TYR C 5 2.36 -26.44 23.46
N LYS C 6 1.13 -25.93 23.43
CA LYS C 6 -0.04 -26.74 23.11
C LYS C 6 -0.17 -26.85 21.59
N ARG C 7 0.44 -27.87 20.99
CA ARG C 7 0.46 -27.95 19.54
C ARG C 7 -0.55 -28.94 18.99
N LEU C 8 -0.97 -28.72 17.75
CA LEU C 8 -1.98 -29.54 17.10
C LEU C 8 -1.56 -31.00 17.03
N ASP C 9 -2.48 -31.86 17.42
CA ASP C 9 -2.29 -33.31 17.32
C ASP C 9 -3.37 -33.88 16.42
N LYS C 10 -2.97 -34.69 15.44
CA LYS C 10 -3.92 -35.21 14.47
C LYS C 10 -4.92 -36.18 15.09
N ASN C 11 -4.69 -36.56 16.34
CA ASN C 11 -5.63 -37.43 17.06
C ASN C 11 -6.47 -36.69 18.10
N ASP C 12 -6.26 -35.38 18.23
N ASP C 12 -6.26 -35.38 18.22
CA ASP C 12 -6.95 -34.59 19.24
CA ASP C 12 -6.94 -34.59 19.23
C ASP C 12 -7.64 -33.35 18.66
C ASP C 12 -7.61 -33.34 18.66
N ALA C 13 -7.76 -33.29 17.34
CA ALA C 13 -8.28 -32.10 16.69
C ALA C 13 -9.53 -32.34 15.86
N ALA C 14 -10.37 -31.31 15.80
CA ALA C 14 -11.53 -31.30 14.95
C ALA C 14 -11.53 -30.01 14.14
N VAL C 15 -12.14 -30.05 12.95
CA VAL C 15 -12.16 -28.88 12.08
C VAL C 15 -13.57 -28.32 11.93
N LEU C 16 -13.70 -27.01 12.09
CA LEU C 16 -15.00 -26.36 11.94
C LEU C 16 -14.99 -25.40 10.76
N PHE C 17 -15.79 -25.70 9.75
CA PHE C 17 -15.97 -24.79 8.62
C PHE C 17 -17.25 -23.99 8.86
N VAL C 18 -17.11 -22.71 9.15
CA VAL C 18 -18.26 -21.91 9.52
C VAL C 18 -18.67 -20.90 8.46
N ASP C 19 -19.77 -21.20 7.78
CA ASP C 19 -20.47 -20.26 6.90
C ASP C 19 -19.69 -19.78 5.68
N HIS C 20 -18.98 -20.70 5.03
CA HIS C 20 -18.39 -20.40 3.73
C HIS C 20 -19.47 -20.50 2.65
N GLN C 21 -20.34 -19.50 2.63
CA GLN C 21 -21.50 -19.53 1.75
C GLN C 21 -21.33 -18.59 0.56
N ALA C 22 -21.97 -18.95 -0.55
CA ALA C 22 -21.81 -18.27 -1.83
C ALA C 22 -22.09 -16.77 -1.75
N GLY C 23 -23.11 -16.40 -0.99
CA GLY C 23 -23.45 -15.00 -0.81
C GLY C 23 -22.49 -14.27 0.10
N LEU C 24 -22.22 -14.83 1.28
CA LEU C 24 -21.38 -14.18 2.28
C LEU C 24 -19.94 -13.93 1.79
N LEU C 25 -19.45 -14.80 0.91
CA LEU C 25 -18.10 -14.66 0.37
C LEU C 25 -17.93 -13.36 -0.40
N SER C 26 -19.04 -12.80 -0.86
CA SER C 26 -19.02 -11.52 -1.57
C SER C 26 -18.58 -10.39 -0.64
N LEU C 27 -18.67 -10.62 0.66
CA LEU C 27 -18.29 -9.62 1.65
C LEU C 27 -16.79 -9.60 1.97
N VAL C 28 -16.10 -10.68 1.60
CA VAL C 28 -14.68 -10.79 1.91
C VAL C 28 -13.85 -9.92 0.98
N ARG C 29 -13.24 -8.86 1.52
CA ARG C 29 -12.42 -7.97 0.71
C ARG C 29 -11.02 -7.82 1.27
N ASP C 30 -10.72 -8.54 2.35
CA ASP C 30 -9.40 -8.47 2.98
C ASP C 30 -8.50 -9.57 2.43
N PHE C 31 -9.05 -10.35 1.52
CA PHE C 31 -8.29 -11.30 0.73
C PHE C 31 -8.75 -11.23 -0.71
N SER C 32 -7.86 -11.48 -1.66
CA SER C 32 -8.28 -11.60 -3.03
C SER C 32 -9.10 -12.89 -3.18
N PRO C 33 -10.09 -12.89 -4.09
CA PRO C 33 -10.93 -14.07 -4.29
C PRO C 33 -10.12 -15.31 -4.65
N ASP C 34 -9.05 -15.12 -5.42
CA ASP C 34 -8.21 -16.23 -5.85
C ASP C 34 -7.44 -16.85 -4.69
N GLU C 35 -6.82 -16.01 -3.86
N GLU C 35 -6.83 -16.00 -3.85
CA GLU C 35 -6.04 -16.51 -2.73
CA GLU C 35 -6.04 -16.51 -2.73
C GLU C 35 -6.94 -17.11 -1.66
C GLU C 35 -6.94 -17.10 -1.64
N PHE C 36 -8.12 -16.52 -1.47
CA PHE C 36 -9.02 -16.98 -0.43
C PHE C 36 -9.63 -18.33 -0.79
N LYS C 37 -10.04 -18.49 -2.04
CA LYS C 37 -10.59 -19.77 -2.48
C LYS C 37 -9.57 -20.87 -2.33
N ASN C 38 -8.34 -20.58 -2.73
CA ASN C 38 -7.24 -21.52 -2.62
C ASN C 38 -6.94 -21.90 -1.17
N ASN C 39 -6.99 -20.92 -0.27
CA ASN C 39 -6.69 -21.17 1.14
C ASN C 39 -7.72 -22.06 1.82
N VAL C 40 -8.99 -21.81 1.54
CA VAL C 40 -10.08 -22.61 2.11
C VAL C 40 -10.02 -24.05 1.61
N LEU C 41 -9.77 -24.21 0.32
CA LEU C 41 -9.65 -25.55 -0.27
C LEU C 41 -8.42 -26.26 0.25
N ALA C 42 -7.38 -25.49 0.57
CA ALA C 42 -6.17 -26.05 1.13
C ALA C 42 -6.43 -26.61 2.52
N LEU C 43 -7.18 -25.86 3.32
CA LEU C 43 -7.55 -26.31 4.64
C LEU C 43 -8.43 -27.56 4.54
N ALA C 44 -9.29 -27.60 3.52
CA ALA C 44 -10.16 -28.75 3.31
C ALA C 44 -9.36 -30.00 2.95
N ASP C 45 -8.38 -29.84 2.07
CA ASP C 45 -7.51 -30.96 1.71
C ASP C 45 -6.74 -31.50 2.90
N ILE C 46 -6.33 -30.59 3.79
CA ILE C 46 -5.58 -30.99 4.96
C ILE C 46 -6.47 -31.78 5.93
N ALA C 47 -7.68 -31.30 6.15
CA ALA C 47 -8.64 -32.01 7.00
C ALA C 47 -8.95 -33.39 6.45
N ARG C 48 -9.07 -33.49 5.13
CA ARG C 48 -9.35 -34.76 4.48
C ARG C 48 -8.14 -35.68 4.57
N PHE C 49 -6.96 -35.10 4.39
CA PHE C 49 -5.72 -35.86 4.38
C PHE C 49 -5.45 -36.52 5.73
N PHE C 50 -5.76 -35.82 6.81
CA PHE C 50 -5.51 -36.35 8.15
C PHE C 50 -6.77 -36.96 8.74
N ASN C 51 -7.79 -37.10 7.90
CA ASN C 51 -9.05 -37.71 8.28
C ASN C 51 -9.59 -37.15 9.59
N LEU C 52 -9.55 -35.82 9.72
CA LEU C 52 -10.03 -35.16 10.92
C LEU C 52 -11.55 -35.06 10.92
N PRO C 53 -12.17 -35.28 12.09
CA PRO C 53 -13.60 -35.03 12.21
C PRO C 53 -13.92 -33.59 11.85
N THR C 54 -14.84 -33.41 10.92
CA THR C 54 -15.13 -32.10 10.37
C THR C 54 -16.60 -31.77 10.58
N ILE C 55 -16.88 -30.51 10.89
CA ILE C 55 -18.25 -30.05 11.05
C ILE C 55 -18.52 -28.87 10.12
N LEU C 56 -19.59 -28.98 9.35
CA LEU C 56 -20.01 -27.89 8.47
C LEU C 56 -21.23 -27.21 9.06
N THR C 57 -21.26 -25.88 9.01
CA THR C 57 -22.42 -25.15 9.48
C THR C 57 -22.65 -23.92 8.60
N THR C 58 -23.92 -23.57 8.38
CA THR C 58 -24.28 -22.41 7.57
C THR C 58 -25.24 -21.52 8.34
N SER C 59 -25.32 -20.26 7.92
CA SER C 59 -26.16 -19.27 8.55
C SER C 59 -27.21 -18.75 7.58
N PHE C 60 -28.46 -19.15 7.80
CA PHE C 60 -29.59 -18.61 7.04
C PHE C 60 -29.36 -18.82 5.54
N GLU C 61 -29.08 -20.07 5.17
CA GLU C 61 -28.67 -20.38 3.81
C GLU C 61 -29.82 -20.29 2.81
N ASP C 62 -31.05 -20.20 3.32
CA ASP C 62 -32.22 -20.09 2.45
C ASP C 62 -32.54 -18.64 2.18
N GLY C 63 -31.57 -17.77 2.42
CA GLY C 63 -31.70 -16.36 2.13
C GLY C 63 -30.53 -15.87 1.30
N PRO C 64 -30.26 -14.56 1.35
CA PRO C 64 -29.18 -13.94 0.58
C PRO C 64 -27.80 -14.46 0.96
N ASN C 65 -27.65 -15.04 2.16
CA ASN C 65 -26.36 -15.57 2.58
C ASN C 65 -25.93 -16.69 1.65
N GLY C 66 -26.90 -17.42 1.12
CA GLY C 66 -26.64 -18.39 0.08
C GLY C 66 -26.21 -19.76 0.56
N PRO C 67 -26.09 -20.71 -0.38
CA PRO C 67 -25.71 -22.09 -0.07
C PRO C 67 -24.24 -22.22 0.28
N LEU C 68 -23.90 -23.33 0.94
CA LEU C 68 -22.51 -23.66 1.19
C LEU C 68 -21.79 -23.91 -0.14
N VAL C 69 -20.55 -23.44 -0.26
CA VAL C 69 -19.79 -23.64 -1.49
C VAL C 69 -19.71 -25.13 -1.82
N PRO C 70 -19.85 -25.48 -3.11
CA PRO C 70 -20.00 -26.88 -3.54
C PRO C 70 -18.84 -27.78 -3.13
N GLU C 71 -17.62 -27.24 -3.11
CA GLU C 71 -16.44 -28.04 -2.78
C GLU C 71 -16.52 -28.64 -1.39
N LEU C 72 -17.02 -27.87 -0.43
CA LEU C 72 -17.11 -28.36 0.95
C LEU C 72 -18.12 -29.50 1.12
N LYS C 73 -19.27 -29.40 0.46
CA LYS C 73 -20.27 -30.46 0.54
C LYS C 73 -19.76 -31.74 -0.11
N GLU C 74 -19.05 -31.58 -1.23
CA GLU C 74 -18.54 -32.72 -1.98
C GLU C 74 -17.39 -33.44 -1.28
N PHE C 76 -16.86 -33.41 2.06
CA PHE C 76 -17.30 -33.95 3.34
C PHE C 76 -18.77 -34.35 3.36
N PRO C 77 -19.16 -35.33 2.54
CA PRO C 77 -20.58 -35.73 2.45
C PRO C 77 -21.08 -36.44 3.72
N GLN C 78 -20.15 -36.84 4.59
CA GLN C 78 -20.51 -37.54 5.81
C GLN C 78 -20.30 -36.67 7.06
N ALA C 79 -19.86 -35.44 6.85
CA ALA C 79 -19.70 -34.51 7.96
C ALA C 79 -21.05 -34.05 8.49
N PRO C 80 -21.14 -33.84 9.81
CA PRO C 80 -22.32 -33.19 10.38
C PRO C 80 -22.57 -31.85 9.71
N TYR C 81 -23.80 -31.60 9.31
CA TYR C 81 -24.15 -30.37 8.60
C TYR C 81 -25.22 -29.65 9.39
N ILE C 82 -24.83 -28.61 10.11
CA ILE C 82 -25.79 -27.89 10.93
C ILE C 82 -26.18 -26.59 10.25
N ALA C 83 -27.37 -26.58 9.66
CA ALA C 83 -27.89 -25.38 9.04
C ALA C 83 -28.62 -24.56 10.10
N ARG C 84 -28.01 -23.45 10.51
CA ARG C 84 -28.59 -22.60 11.54
C ARG C 84 -29.54 -21.60 10.92
N PRO C 85 -30.85 -21.73 11.20
CA PRO C 85 -31.80 -20.78 10.64
C PRO C 85 -31.68 -19.40 11.27
N GLY C 86 -31.28 -19.36 12.53
CA GLY C 86 -31.30 -18.12 13.29
C GLY C 86 -30.03 -17.68 13.99
N ASN C 87 -29.49 -18.54 14.84
CA ASN C 87 -28.36 -18.18 15.70
C ASN C 87 -27.11 -17.75 14.94
N ILE C 88 -26.68 -16.53 15.20
CA ILE C 88 -25.50 -15.96 14.56
C ILE C 88 -24.22 -16.58 15.12
N ASN C 89 -24.11 -16.62 16.45
CA ASN C 89 -23.05 -17.40 17.09
C ASN C 89 -23.41 -18.88 17.01
N ALA C 90 -22.59 -19.64 16.29
CA ALA C 90 -22.87 -21.06 16.08
C ALA C 90 -22.93 -21.83 17.40
N TRP C 91 -22.29 -21.28 18.43
CA TRP C 91 -22.26 -21.92 19.73
C TRP C 91 -23.60 -21.81 20.45
N ASP C 92 -24.44 -20.89 20.00
CA ASP C 92 -25.78 -20.74 20.58
C ASP C 92 -26.76 -21.76 19.99
N ASN C 93 -26.27 -22.53 19.02
CA ASN C 93 -27.04 -23.60 18.41
C ASN C 93 -26.71 -24.92 19.10
N GLU C 94 -27.74 -25.56 19.67
CA GLU C 94 -27.52 -26.75 20.46
C GLU C 94 -27.05 -27.93 19.62
N ASP C 95 -27.55 -28.01 18.38
CA ASP C 95 -27.14 -29.08 17.47
C ASP C 95 -25.66 -28.96 17.09
N PHE C 96 -25.19 -27.74 16.91
CA PHE C 96 -23.79 -27.52 16.56
C PHE C 96 -22.86 -27.91 17.71
N VAL C 97 -23.17 -27.46 18.92
CA VAL C 97 -22.36 -27.77 20.09
C VAL C 97 -22.39 -29.26 20.41
N LYS C 98 -23.54 -29.88 20.25
CA LYS C 98 -23.70 -31.31 20.46
C LYS C 98 -22.78 -32.07 19.50
N ALA C 99 -22.72 -31.62 18.25
CA ALA C 99 -21.89 -32.25 17.24
C ALA C 99 -20.40 -32.07 17.52
N VAL C 100 -20.04 -30.91 18.05
CA VAL C 100 -18.65 -30.62 18.37
C VAL C 100 -18.15 -31.54 19.48
N LYS C 101 -18.92 -31.67 20.55
CA LYS C 101 -18.52 -32.50 21.68
C LYS C 101 -18.57 -33.97 21.32
N ALA C 102 -19.41 -34.33 20.36
CA ALA C 102 -19.53 -35.71 19.92
C ALA C 102 -18.23 -36.20 19.28
N THR C 103 -17.43 -35.27 18.75
CA THR C 103 -16.15 -35.63 18.17
C THR C 103 -15.19 -36.08 19.26
N GLY C 104 -15.39 -35.56 20.46
CA GLY C 104 -14.54 -35.87 21.59
C GLY C 104 -13.16 -35.22 21.46
N LYS C 105 -13.06 -34.20 20.62
CA LYS C 105 -11.78 -33.55 20.41
C LYS C 105 -11.62 -32.31 21.27
N LYS C 106 -10.38 -32.07 21.69
CA LYS C 106 -10.04 -31.01 22.62
C LYS C 106 -9.62 -29.78 21.85
N GLN C 107 -8.94 -30.00 20.72
CA GLN C 107 -8.45 -28.93 19.87
C GLN C 107 -9.43 -28.63 18.74
N LEU C 108 -9.80 -27.37 18.60
CA LEU C 108 -10.72 -26.99 17.53
C LEU C 108 -10.04 -26.07 16.52
N ILE C 109 -9.94 -26.56 15.29
CA ILE C 109 -9.43 -25.77 14.17
C ILE C 109 -10.61 -25.10 13.47
N ILE C 110 -10.63 -23.78 13.43
CA ILE C 110 -11.79 -23.06 12.93
C ILE C 110 -11.43 -22.06 11.83
N ALA C 111 -12.29 -21.98 10.83
CA ALA C 111 -12.15 -21.02 9.74
C ALA C 111 -13.54 -20.64 9.24
N GLY C 112 -13.70 -19.43 8.72
CA GLY C 112 -15.00 -19.03 8.20
C GLY C 112 -15.17 -17.58 7.81
N VAL C 113 -16.43 -17.22 7.56
CA VAL C 113 -16.82 -15.91 7.07
C VAL C 113 -18.08 -15.45 7.79
N VAL C 114 -18.09 -14.24 8.36
CA VAL C 114 -16.93 -13.36 8.38
C VAL C 114 -16.14 -13.54 9.67
N THR C 115 -14.87 -13.13 9.66
CA THR C 115 -13.95 -13.38 10.75
C THR C 115 -14.38 -12.75 12.09
N ASP C 116 -14.83 -11.50 12.04
CA ASP C 116 -15.14 -10.75 13.25
C ASP C 116 -16.42 -11.22 13.93
N VAL C 117 -17.19 -12.06 13.26
CA VAL C 117 -18.47 -12.51 13.81
C VAL C 117 -18.58 -14.02 13.84
N VAL C 119 -16.74 -16.36 13.03
CA VAL C 119 -15.58 -17.08 13.53
C VAL C 119 -15.28 -16.69 14.98
N ALA C 120 -15.23 -15.38 15.22
CA ALA C 120 -14.84 -14.86 16.53
C ALA C 120 -15.80 -15.30 17.63
N PHE C 121 -17.09 -15.25 17.36
CA PHE C 121 -18.10 -15.54 18.38
C PHE C 121 -18.01 -16.98 18.90
N PRO C 122 -18.03 -18.00 18.01
CA PRO C 122 -17.88 -19.35 18.56
C PRO C 122 -16.47 -19.62 19.09
N THR C 123 -15.47 -18.93 18.55
CA THR C 123 -14.11 -19.03 19.07
C THR C 123 -14.06 -18.61 20.53
N LEU C 124 -14.65 -17.46 20.84
CA LEU C 124 -14.69 -16.95 22.21
C LEU C 124 -15.53 -17.86 23.11
N SER C 125 -16.59 -18.43 22.56
CA SER C 125 -17.44 -19.34 23.33
C SER C 125 -16.71 -20.64 23.66
N ALA C 126 -15.98 -21.16 22.68
CA ALA C 126 -15.28 -22.42 22.84
C ALA C 126 -14.14 -22.27 23.84
N LEU C 127 -13.47 -21.13 23.80
CA LEU C 127 -12.39 -20.84 24.73
C LEU C 127 -12.91 -20.79 26.15
N GLU C 128 -14.14 -20.29 26.30
CA GLU C 128 -14.79 -20.21 27.61
C GLU C 128 -15.08 -21.59 28.17
N GLU C 129 -15.37 -22.54 27.28
CA GLU C 129 -15.68 -23.91 27.69
C GLU C 129 -14.43 -24.78 27.81
N GLY C 130 -13.27 -24.17 27.66
CA GLY C 130 -12.03 -24.89 27.90
C GLY C 130 -11.38 -25.54 26.69
N PHE C 131 -11.90 -25.28 25.50
CA PHE C 131 -11.31 -25.81 24.28
C PHE C 131 -10.02 -25.07 23.89
N ASP C 132 -9.08 -25.78 23.28
CA ASP C 132 -7.94 -25.13 22.66
C ASP C 132 -8.33 -24.78 21.24
N VAL C 133 -8.38 -23.49 20.92
CA VAL C 133 -8.86 -23.08 19.61
C VAL C 133 -7.74 -22.53 18.74
N PHE C 134 -7.64 -23.09 17.54
CA PHE C 134 -6.63 -22.68 16.58
C PHE C 134 -7.33 -22.03 15.39
N VAL C 135 -7.12 -20.73 15.22
CA VAL C 135 -7.80 -20.00 14.16
C VAL C 135 -6.97 -19.95 12.87
N VAL C 136 -7.53 -20.48 11.79
CA VAL C 136 -6.87 -20.40 10.49
C VAL C 136 -7.17 -19.04 9.88
N THR C 137 -6.23 -18.11 10.04
CA THR C 137 -6.48 -16.72 9.72
C THR C 137 -6.60 -16.45 8.22
N ASP C 138 -5.87 -17.19 7.40
CA ASP C 138 -5.91 -16.95 5.96
C ASP C 138 -7.00 -17.76 5.26
N ALA C 139 -7.75 -18.55 6.04
CA ALA C 139 -8.93 -19.23 5.51
C ALA C 139 -10.18 -18.65 6.15
N SER C 140 -10.00 -17.50 6.79
CA SER C 140 -11.11 -16.75 7.36
C SER C 140 -11.07 -15.34 6.78
N GLY C 141 -12.21 -14.87 6.27
CA GLY C 141 -12.25 -13.58 5.61
C GLY C 141 -13.22 -12.59 6.22
N THR C 142 -13.00 -11.32 5.96
CA THR C 142 -13.91 -10.28 6.44
C THR C 142 -13.83 -9.03 5.55
N PHE C 143 -14.46 -7.94 6.00
CA PHE C 143 -14.67 -6.77 5.17
C PHE C 143 -13.41 -6.03 4.74
N ASN C 144 -12.43 -5.94 5.63
CA ASN C 144 -11.21 -5.17 5.36
C ASN C 144 -10.12 -5.49 6.40
N PRO C 145 -8.86 -5.11 6.11
CA PRO C 145 -7.76 -5.42 7.04
C PRO C 145 -7.97 -4.87 8.45
N VAL C 146 -8.64 -3.73 8.57
CA VAL C 146 -8.86 -3.13 9.88
C VAL C 146 -9.77 -4.00 10.74
N VAL C 147 -10.89 -4.41 10.17
CA VAL C 147 -11.83 -5.28 10.88
C VAL C 147 -11.14 -6.58 11.27
N ARG C 148 -10.29 -7.09 10.38
CA ARG C 148 -9.57 -8.33 10.65
C ARG C 148 -8.66 -8.18 11.86
N ASP C 149 -7.90 -7.10 11.91
CA ASP C 149 -6.97 -6.85 13.01
C ASP C 149 -7.68 -6.71 14.36
N ALA C 150 -8.87 -6.13 14.35
CA ALA C 150 -9.66 -5.99 15.55
C ALA C 150 -10.10 -7.36 16.06
N ALA C 151 -10.49 -8.22 15.13
CA ALA C 151 -10.88 -9.58 15.46
C ALA C 151 -9.72 -10.38 16.04
N TRP C 152 -8.53 -10.20 15.44
CA TRP C 152 -7.32 -10.87 15.93
C TRP C 152 -7.02 -10.44 17.36
N ALA C 153 -7.13 -9.14 17.60
CA ALA C 153 -6.87 -8.58 18.92
C ALA C 153 -7.79 -9.20 19.96
N ARG C 154 -9.07 -9.31 19.59
CA ARG C 154 -10.08 -9.83 20.50
C ARG C 154 -9.89 -11.32 20.77
N THR C 156 -6.92 -13.18 20.35
CA THR C 156 -5.68 -13.46 21.07
C THR C 156 -5.81 -13.11 22.53
N ALA C 157 -6.54 -12.04 22.81
CA ALA C 157 -6.77 -11.61 24.19
C ALA C 157 -7.50 -12.69 24.97
N ALA C 158 -8.22 -13.56 24.26
CA ALA C 158 -8.96 -14.64 24.88
C ALA C 158 -8.15 -15.94 24.89
N GLY C 159 -7.02 -15.95 24.19
CA GLY C 159 -6.15 -17.11 24.21
C GLY C 159 -6.26 -18.02 23.01
N ALA C 160 -6.87 -17.53 21.94
CA ALA C 160 -6.91 -18.30 20.70
C ALA C 160 -5.52 -18.31 20.08
N GLN C 161 -5.18 -19.39 19.39
CA GLN C 161 -3.90 -19.44 18.69
C GLN C 161 -4.09 -19.11 17.22
N LEU C 162 -3.46 -18.02 16.78
CA LEU C 162 -3.59 -17.58 15.40
C LEU C 162 -2.61 -18.31 14.50
N ASN C 164 -2.25 -20.35 10.21
CA ASN C 164 -2.58 -20.33 8.80
C ASN C 164 -2.60 -21.76 8.30
N TRP C 165 -3.18 -21.99 7.12
CA TRP C 165 -3.42 -23.38 6.71
C TRP C 165 -2.13 -24.17 6.59
N PHE C 166 -1.05 -23.52 6.14
CA PHE C 166 0.23 -24.18 5.97
C PHE C 166 0.85 -24.61 7.30
N SER C 167 0.81 -23.71 8.29
CA SER C 167 1.37 -24.03 9.59
C SER C 167 0.50 -25.06 10.30
N VAL C 168 -0.81 -25.00 10.05
CA VAL C 168 -1.73 -26.00 10.56
C VAL C 168 -1.34 -27.37 10.01
N GLY C 169 -1.12 -27.43 8.70
CA GLY C 169 -0.74 -28.67 8.04
C GLY C 169 0.58 -29.25 8.55
N CYS C 170 1.56 -28.38 8.73
CA CYS C 170 2.89 -28.82 9.17
C CYS C 170 2.91 -29.26 10.63
N GLU C 171 2.13 -28.60 11.47
CA GLU C 171 2.10 -28.96 12.89
C GLU C 171 1.37 -30.29 13.09
N LEU C 172 0.39 -30.57 12.23
CA LEU C 172 -0.30 -31.85 12.26
C LEU C 172 0.56 -32.98 11.70
N HIS C 173 1.28 -32.69 10.62
CA HIS C 173 2.04 -33.70 9.89
C HIS C 173 3.30 -34.11 10.62
N ARG C 174 3.95 -33.15 11.28
CA ARG C 174 5.16 -33.37 12.09
C ARG C 174 6.41 -33.79 11.31
N ASP C 175 6.30 -34.88 10.57
CA ASP C 175 7.46 -35.51 9.94
C ASP C 175 7.19 -35.72 8.45
N TRP C 176 8.10 -35.23 7.61
CA TRP C 176 7.98 -35.38 6.16
C TRP C 176 7.83 -36.82 5.73
N ARG C 177 8.53 -37.70 6.43
CA ARG C 177 8.62 -39.11 6.06
C ARG C 177 7.34 -39.91 6.33
N ASN C 178 6.40 -39.30 7.04
CA ASN C 178 5.13 -39.96 7.32
C ASN C 178 4.34 -40.25 6.04
N ASP C 179 4.38 -39.31 5.11
CA ASP C 179 3.74 -39.48 3.81
C ASP C 179 4.24 -38.38 2.87
N ILE C 180 5.35 -38.65 2.18
CA ILE C 180 5.99 -37.63 1.35
C ILE C 180 5.14 -37.23 0.14
N GLU C 181 4.74 -38.21 -0.67
CA GLU C 181 3.96 -37.94 -1.87
C GLU C 181 2.60 -37.33 -1.56
N GLY C 182 1.89 -37.91 -0.60
CA GLY C 182 0.55 -37.48 -0.28
C GLY C 182 0.52 -36.05 0.25
N PHE C 183 1.43 -35.73 1.16
CA PHE C 183 1.48 -34.40 1.74
C PHE C 183 2.08 -33.40 0.75
N GLY C 184 3.04 -33.87 -0.04
CA GLY C 184 3.66 -33.05 -1.06
C GLY C 184 2.66 -32.66 -2.13
N ALA C 185 1.67 -33.53 -2.34
CA ALA C 185 0.60 -33.27 -3.30
C ALA C 185 -0.23 -32.07 -2.87
N ILE C 186 -0.43 -31.95 -1.56
CA ILE C 186 -1.19 -30.83 -0.99
C ILE C 186 -0.43 -29.53 -1.17
N LEU C 187 0.87 -29.56 -0.88
CA LEU C 187 1.70 -28.38 -1.03
C LEU C 187 1.80 -27.97 -2.50
N GLY C 188 1.98 -28.95 -3.37
CA GLY C 188 2.06 -28.71 -4.79
C GLY C 188 0.77 -28.12 -5.34
N GLY C 189 -0.36 -28.60 -4.82
CA GLY C 189 -1.65 -28.17 -5.30
C GLY C 189 -2.10 -26.79 -4.82
N HIS C 190 -1.48 -26.28 -3.77
CA HIS C 190 -1.94 -25.03 -3.19
C HIS C 190 -0.83 -23.98 -2.98
N LEU C 191 0.40 -24.34 -3.34
CA LEU C 191 1.50 -23.39 -3.34
C LEU C 191 2.22 -23.44 -4.68
N PRO C 192 1.77 -22.60 -5.62
CA PRO C 192 2.31 -22.59 -6.99
C PRO C 192 3.83 -22.48 -7.01
N ALA C 193 4.38 -21.70 -6.10
CA ALA C 193 5.83 -21.57 -6.00
C ALA C 193 6.48 -22.92 -5.66
N TYR C 194 5.81 -23.70 -4.82
CA TYR C 194 6.32 -25.01 -4.42
C TYR C 194 6.15 -26.04 -5.53
N ALA C 195 5.05 -25.95 -6.27
CA ALA C 195 4.85 -26.81 -7.42
C ALA C 195 5.97 -26.60 -8.44
N ASN C 196 6.40 -25.35 -8.60
CA ASN C 196 7.49 -25.02 -9.51
C ASN C 196 8.82 -25.64 -9.06
N LEU C 197 9.06 -25.65 -7.75
CA LEU C 197 10.25 -26.28 -7.20
C LEU C 197 10.26 -27.77 -7.49
N ILE C 198 9.09 -28.39 -7.30
CA ILE C 198 8.93 -29.82 -7.52
C ILE C 198 9.19 -30.18 -8.99
N GLN C 199 8.73 -29.33 -9.90
CA GLN C 199 8.91 -29.58 -11.32
C GLN C 199 10.38 -29.41 -11.75
N SER C 200 11.02 -28.34 -11.24
CA SER C 200 12.44 -28.12 -11.52
C SER C 200 13.30 -29.23 -10.94
N PHE C 201 12.96 -29.68 -9.74
CA PHE C 201 13.70 -30.73 -9.07
C PHE C 201 13.61 -32.06 -9.82
N GLY C 202 12.51 -32.27 -10.54
CA GLY C 202 12.26 -33.52 -11.22
C GLY C 202 13.00 -33.71 -12.55
N THR C 203 13.76 -32.71 -12.97
CA THR C 203 14.46 -32.77 -14.25
C THR C 203 15.94 -33.14 -14.10
N SER D 2 -8.70 -18.57 33.40
CA SER D 2 -9.87 -19.05 32.68
C SER D 2 -10.61 -17.88 32.04
N PHE D 3 -10.76 -17.91 30.72
CA PHE D 3 -11.44 -16.85 29.97
C PHE D 3 -12.96 -16.85 30.13
N THR D 4 -13.53 -15.66 30.26
CA THR D 4 -14.97 -15.47 30.29
C THR D 4 -15.38 -14.62 29.09
N TYR D 5 -16.32 -15.14 28.30
CA TYR D 5 -16.82 -14.43 27.13
C TYR D 5 -17.87 -13.37 27.52
N LYS D 6 -17.40 -12.15 27.78
CA LYS D 6 -18.27 -11.02 28.08
C LYS D 6 -18.82 -10.39 26.80
N ARG D 7 -19.98 -10.86 26.35
CA ARG D 7 -20.53 -10.37 25.08
C ARG D 7 -21.64 -9.35 25.31
N LEU D 8 -21.86 -8.50 24.30
CA LEU D 8 -22.85 -7.44 24.37
C LEU D 8 -24.26 -7.96 24.61
N ASP D 9 -24.95 -7.30 25.54
CA ASP D 9 -26.34 -7.60 25.86
C ASP D 9 -27.18 -6.37 25.54
N LYS D 10 -28.25 -6.54 24.77
CA LYS D 10 -29.04 -5.39 24.33
C LYS D 10 -29.78 -4.73 25.49
N ASN D 11 -29.79 -5.39 26.64
CA ASN D 11 -30.44 -4.84 27.83
C ASN D 11 -29.44 -4.30 28.84
N ASP D 12 -28.16 -4.41 28.51
CA ASP D 12 -27.10 -4.00 29.41
C ASP D 12 -26.12 -3.02 28.77
N ALA D 13 -26.48 -2.49 27.61
CA ALA D 13 -25.53 -1.67 26.86
C ALA D 13 -26.03 -0.26 26.57
N ALA D 14 -25.10 0.69 26.55
CA ALA D 14 -25.38 2.06 26.16
C ALA D 14 -24.35 2.51 25.12
N VAL D 15 -24.73 3.47 24.28
CA VAL D 15 -23.84 3.93 23.21
C VAL D 15 -23.37 5.36 23.45
N LEU D 16 -22.06 5.58 23.31
CA LEU D 16 -21.50 6.92 23.50
C LEU D 16 -20.90 7.43 22.19
N PHE D 17 -21.48 8.50 21.65
CA PHE D 17 -20.94 9.16 20.48
C PHE D 17 -20.14 10.38 20.94
N VAL D 18 -18.82 10.31 20.80
CA VAL D 18 -17.96 11.35 21.33
C VAL D 18 -17.32 12.21 20.22
N ASP D 19 -17.83 13.42 20.07
CA ASP D 19 -17.19 14.46 19.26
C ASP D 19 -17.11 14.16 17.76
N HIS D 20 -18.18 13.61 17.19
CA HIS D 20 -18.28 13.52 15.73
C HIS D 20 -18.71 14.87 15.19
N GLN D 21 -17.78 15.82 15.21
CA GLN D 21 -18.08 17.19 14.83
C GLN D 21 -17.52 17.53 13.46
N ALA D 22 -18.19 18.45 12.77
CA ALA D 22 -17.88 18.79 11.39
C ALA D 22 -16.43 19.21 11.17
N GLY D 23 -15.88 19.97 12.12
CA GLY D 23 -14.49 20.40 12.04
C GLY D 23 -13.52 19.27 12.31
N LEU D 24 -13.72 18.56 13.43
CA LEU D 24 -12.81 17.50 13.83
C LEU D 24 -12.74 16.36 12.82
N LEU D 25 -13.84 16.10 12.12
CA LEU D 25 -13.88 15.04 11.12
C LEU D 25 -12.89 15.28 9.99
N SER D 26 -12.53 16.54 9.78
CA SER D 26 -11.55 16.90 8.77
C SER D 26 -10.17 16.32 9.09
N LEU D 27 -9.97 15.95 10.35
CA LEU D 27 -8.69 15.41 10.79
C LEU D 27 -8.54 13.91 10.54
N VAL D 28 -9.67 13.24 10.31
CA VAL D 28 -9.68 11.79 10.11
C VAL D 28 -9.15 11.41 8.73
N ARG D 29 -8.00 10.75 8.70
CA ARG D 29 -7.40 10.35 7.43
C ARG D 29 -7.11 8.85 7.39
N ASP D 30 -7.47 8.13 8.45
CA ASP D 30 -7.23 6.69 8.47
C ASP D 30 -8.43 5.91 7.95
N PHE D 31 -9.48 6.65 7.57
CA PHE D 31 -10.62 6.12 6.85
C PHE D 31 -10.98 7.08 5.74
N SER D 32 -11.49 6.58 4.62
CA SER D 32 -12.02 7.47 3.60
C SER D 32 -13.31 8.11 4.13
N PRO D 33 -13.60 9.36 3.70
CA PRO D 33 -14.80 10.05 4.17
C PRO D 33 -16.09 9.28 3.89
N ASP D 34 -16.14 8.58 2.75
CA ASP D 34 -17.33 7.83 2.36
C ASP D 34 -17.58 6.65 3.29
N GLU D 35 -16.54 5.87 3.56
CA GLU D 35 -16.67 4.71 4.42
C GLU D 35 -16.87 5.10 5.87
N PHE D 36 -16.24 6.20 6.29
CA PHE D 36 -16.33 6.61 7.68
C PHE D 36 -17.73 7.13 8.00
N LYS D 37 -18.29 7.90 7.08
CA LYS D 37 -19.65 8.40 7.26
C LYS D 37 -20.64 7.23 7.36
N ASN D 38 -20.47 6.24 6.48
CA ASN D 38 -21.34 5.07 6.49
C ASN D 38 -21.21 4.28 7.78
N ASN D 39 -19.99 4.15 8.28
CA ASN D 39 -19.74 3.38 9.48
C ASN D 39 -20.38 3.99 10.72
N VAL D 40 -20.27 5.31 10.87
CA VAL D 40 -20.87 6.00 11.99
C VAL D 40 -22.40 5.91 11.93
N LEU D 41 -22.97 6.09 10.73
CA LEU D 41 -24.41 5.98 10.51
C LEU D 41 -24.92 4.57 10.73
N ALA D 42 -24.08 3.58 10.44
CA ALA D 42 -24.45 2.19 10.67
C ALA D 42 -24.60 1.93 12.16
N LEU D 43 -23.65 2.45 12.93
CA LEU D 43 -23.70 2.32 14.38
C LEU D 43 -24.94 3.01 14.95
N ALA D 44 -25.30 4.14 14.36
CA ALA D 44 -26.47 4.91 14.79
C ALA D 44 -27.76 4.14 14.53
N ASP D 45 -27.88 3.52 13.36
CA ASP D 45 -29.05 2.70 13.03
C ASP D 45 -29.16 1.52 13.98
N ILE D 46 -28.01 0.96 14.36
CA ILE D 46 -28.01 -0.16 15.28
C ILE D 46 -28.47 0.26 16.67
N ALA D 47 -27.96 1.40 17.16
CA ALA D 47 -28.39 1.93 18.45
C ALA D 47 -29.89 2.20 18.45
N ARG D 48 -30.41 2.72 17.34
CA ARG D 48 -31.83 3.00 17.26
C ARG D 48 -32.65 1.71 17.23
N PHE D 49 -32.13 0.73 16.50
CA PHE D 49 -32.84 -0.53 16.27
C PHE D 49 -33.07 -1.31 17.56
N PHE D 50 -32.10 -1.26 18.48
CA PHE D 50 -32.21 -1.99 19.74
C PHE D 50 -32.63 -1.07 20.88
N ASN D 51 -33.01 0.16 20.54
CA ASN D 51 -33.42 1.16 21.53
C ASN D 51 -32.42 1.29 22.67
N LEU D 52 -31.14 1.36 22.32
CA LEU D 52 -30.11 1.49 23.33
C LEU D 52 -30.07 2.93 23.81
N PRO D 53 -29.94 3.12 25.14
CA PRO D 53 -29.72 4.47 25.66
C PRO D 53 -28.45 5.05 25.05
N THR D 54 -28.57 6.24 24.49
CA THR D 54 -27.48 6.85 23.73
C THR D 54 -27.08 8.19 24.34
N ILE D 55 -25.79 8.47 24.34
CA ILE D 55 -25.30 9.74 24.84
C ILE D 55 -24.44 10.46 23.80
N LEU D 56 -24.80 11.71 23.50
CA LEU D 56 -24.03 12.54 22.58
C LEU D 56 -23.22 13.56 23.35
N THR D 57 -21.97 13.75 22.95
CA THR D 57 -21.15 14.78 23.57
C THR D 57 -20.21 15.43 22.56
N THR D 58 -19.96 16.73 22.76
CA THR D 58 -19.08 17.48 21.88
C THR D 58 -17.99 18.21 22.66
N SER D 59 -16.93 18.57 21.95
CA SER D 59 -15.78 19.27 22.53
C SER D 59 -15.59 20.64 21.92
N PHE D 60 -15.91 21.70 22.67
CA PHE D 60 -15.62 23.06 22.24
C PHE D 60 -16.29 23.35 20.89
N GLU D 61 -17.59 23.08 20.80
CA GLU D 61 -18.29 23.13 19.52
C GLU D 61 -18.50 24.55 19.03
N ASP D 62 -18.22 25.53 19.89
CA ASP D 62 -18.38 26.92 19.51
C ASP D 62 -17.05 27.45 18.98
N GLY D 63 -16.17 26.54 18.60
CA GLY D 63 -14.91 26.89 18.01
C GLY D 63 -14.70 26.15 16.70
N PRO D 64 -13.42 26.01 16.28
CA PRO D 64 -13.03 25.34 15.04
C PRO D 64 -13.42 23.86 15.01
N ASN D 65 -13.65 23.26 16.17
CA ASN D 65 -14.04 21.86 16.23
C ASN D 65 -15.38 21.63 15.52
N GLY D 66 -16.23 22.66 15.57
CA GLY D 66 -17.46 22.65 14.79
C GLY D 66 -18.62 21.95 15.48
N PRO D 67 -19.82 22.06 14.87
CA PRO D 67 -21.03 21.45 15.42
C PRO D 67 -21.06 19.94 15.25
N LEU D 68 -21.88 19.27 16.05
CA LEU D 68 -22.12 17.84 15.88
C LEU D 68 -22.78 17.64 14.53
N VAL D 69 -22.38 16.59 13.81
CA VAL D 69 -22.96 16.30 12.51
C VAL D 69 -24.47 16.12 12.63
N PRO D 70 -25.23 16.63 11.64
CA PRO D 70 -26.68 16.70 11.73
C PRO D 70 -27.36 15.36 11.94
N GLU D 71 -26.82 14.30 11.34
CA GLU D 71 -27.46 12.98 11.42
C GLU D 71 -27.60 12.45 12.85
N LEU D 72 -26.56 12.60 13.65
CA LEU D 72 -26.60 12.10 15.02
C LEU D 72 -27.61 12.89 15.84
N LYS D 73 -27.64 14.18 15.61
CA LYS D 73 -28.55 15.07 16.32
C LYS D 73 -30.01 14.74 15.99
N GLU D 74 -30.26 14.49 14.71
CA GLU D 74 -31.60 14.18 14.21
C GLU D 74 -32.07 12.76 14.55
N PHE D 76 -31.06 11.04 17.32
CA PHE D 76 -31.21 10.89 18.77
C PHE D 76 -31.69 12.16 19.47
N PRO D 77 -32.92 12.59 19.14
CA PRO D 77 -33.48 13.85 19.64
C PRO D 77 -33.81 13.85 21.12
N GLN D 78 -33.87 12.67 21.74
CA GLN D 78 -34.21 12.58 23.16
C GLN D 78 -33.00 12.18 23.99
N ALA D 79 -31.87 11.97 23.33
CA ALA D 79 -30.64 11.62 24.03
C ALA D 79 -30.04 12.80 24.79
N PRO D 80 -29.42 12.52 25.94
CA PRO D 80 -28.64 13.52 26.65
C PRO D 80 -27.56 14.12 25.73
N TYR D 81 -27.46 15.44 25.71
CA TYR D 81 -26.50 16.12 24.86
C TYR D 81 -25.59 16.98 25.71
N ILE D 82 -24.36 16.53 25.92
CA ILE D 82 -23.42 17.25 26.77
C ILE D 82 -22.38 18.01 25.94
N ALA D 83 -22.55 19.32 25.85
CA ALA D 83 -21.58 20.17 25.17
C ALA D 83 -20.48 20.55 26.14
N ARG D 84 -19.30 19.96 25.98
CA ARG D 84 -18.18 20.22 26.87
C ARG D 84 -17.37 21.42 26.39
N PRO D 85 -17.40 22.51 27.17
CA PRO D 85 -16.66 23.72 26.81
C PRO D 85 -15.15 23.56 26.94
N GLY D 86 -14.69 22.72 27.86
CA GLY D 86 -13.27 22.62 28.14
C GLY D 86 -12.66 21.23 28.14
N ASN D 87 -13.19 20.34 28.96
CA ASN D 87 -12.57 19.04 29.20
C ASN D 87 -12.42 18.19 27.96
N ILE D 88 -11.17 17.83 27.68
CA ILE D 88 -10.83 17.04 26.50
C ILE D 88 -11.27 15.60 26.72
N ASN D 89 -10.90 15.04 27.87
CA ASN D 89 -11.44 13.74 28.30
C ASN D 89 -12.86 13.93 28.78
N ALA D 90 -13.81 13.31 28.08
CA ALA D 90 -15.23 13.47 28.40
C ALA D 90 -15.58 13.02 29.81
N TRP D 91 -14.79 12.10 30.36
CA TRP D 91 -15.04 11.57 31.69
C TRP D 91 -14.67 12.57 32.77
N ASP D 92 -13.91 13.60 32.40
CA ASP D 92 -13.57 14.67 33.34
C ASP D 92 -14.70 15.68 33.46
N ASN D 93 -15.74 15.50 32.64
CA ASN D 93 -16.95 16.32 32.70
C ASN D 93 -18.01 15.64 33.55
N GLU D 94 -18.44 16.29 34.62
CA GLU D 94 -19.35 15.65 35.57
C GLU D 94 -20.75 15.41 34.99
N ASP D 95 -21.21 16.30 34.12
CA ASP D 95 -22.51 16.10 33.49
C ASP D 95 -22.51 14.87 32.60
N PHE D 96 -21.39 14.63 31.92
CA PHE D 96 -21.27 13.47 31.04
C PHE D 96 -21.30 12.17 31.82
N VAL D 97 -20.52 12.11 32.89
CA VAL D 97 -20.44 10.91 33.73
C VAL D 97 -21.78 10.63 34.40
N LYS D 98 -22.46 11.69 34.82
CA LYS D 98 -23.78 11.57 35.41
C LYS D 98 -24.76 10.93 34.44
N ALA D 99 -24.70 11.36 33.19
CA ALA D 99 -25.61 10.86 32.16
C ALA D 99 -25.32 9.40 31.84
N VAL D 100 -24.04 9.03 31.88
CA VAL D 100 -23.66 7.64 31.62
C VAL D 100 -24.20 6.72 32.72
N LYS D 101 -24.01 7.11 33.97
CA LYS D 101 -24.45 6.28 35.09
C LYS D 101 -25.97 6.27 35.23
N ALA D 102 -26.62 7.32 34.74
CA ALA D 102 -28.08 7.40 34.80
C ALA D 102 -28.75 6.34 33.92
N THR D 103 -28.06 5.89 32.89
CA THR D 103 -28.60 4.84 32.02
C THR D 103 -28.65 3.50 32.75
N GLY D 104 -27.76 3.35 33.73
CA GLY D 104 -27.68 2.12 34.51
C GLY D 104 -27.10 0.97 33.72
N LYS D 105 -26.41 1.27 32.63
CA LYS D 105 -25.85 0.23 31.79
C LYS D 105 -24.39 -0.03 32.18
N LYS D 106 -23.98 -1.29 32.10
CA LYS D 106 -22.67 -1.72 32.55
C LYS D 106 -21.70 -1.74 31.38
N GLN D 107 -22.23 -2.08 30.21
CA GLN D 107 -21.46 -2.15 28.98
C GLN D 107 -21.55 -0.86 28.18
N LEU D 108 -20.40 -0.31 27.79
CA LEU D 108 -20.37 0.93 27.02
C LEU D 108 -19.84 0.73 25.61
N ILE D 109 -20.70 1.00 24.63
CA ILE D 109 -20.31 0.96 23.24
C ILE D 109 -19.90 2.37 22.84
N ILE D 110 -18.63 2.56 22.47
CA ILE D 110 -18.11 3.90 22.26
C ILE D 110 -17.45 4.11 20.89
N ALA D 111 -17.70 5.28 20.31
CA ALA D 111 -17.11 5.68 19.05
C ALA D 111 -16.92 7.19 19.01
N GLY D 112 -15.92 7.66 18.29
CA GLY D 112 -15.69 9.09 18.19
C GLY D 112 -14.42 9.52 17.48
N VAL D 113 -14.13 10.82 17.61
CA VAL D 113 -13.01 11.46 16.92
C VAL D 113 -12.33 12.44 17.87
N VAL D 114 -11.01 12.37 18.02
CA VAL D 114 -10.16 11.37 17.38
C VAL D 114 -9.93 10.14 18.27
N THR D 115 -9.52 9.04 17.65
CA THR D 115 -9.39 7.77 18.34
C THR D 115 -8.42 7.79 19.52
N ASP D 116 -7.26 8.39 19.33
CA ASP D 116 -6.19 8.37 20.33
C ASP D 116 -6.46 9.25 21.54
N VAL D 117 -7.48 10.10 21.46
CA VAL D 117 -7.75 11.05 22.53
C VAL D 117 -9.19 11.02 23.01
N VAL D 119 -11.59 9.25 22.23
CA VAL D 119 -12.14 7.92 22.41
C VAL D 119 -11.34 7.18 23.48
N ALA D 120 -10.01 7.20 23.35
CA ALA D 120 -9.13 6.46 24.25
C ALA D 120 -9.22 6.95 25.69
N PHE D 121 -9.22 8.27 25.89
CA PHE D 121 -9.17 8.82 27.25
C PHE D 121 -10.41 8.44 28.07
N PRO D 122 -11.63 8.69 27.54
CA PRO D 122 -12.76 8.25 28.36
C PRO D 122 -12.88 6.73 28.45
N THR D 123 -12.39 6.02 27.43
CA THR D 123 -12.34 4.56 27.49
C THR D 123 -11.52 4.08 28.68
N LEU D 124 -10.32 4.63 28.82
CA LEU D 124 -9.45 4.26 29.93
C LEU D 124 -10.05 4.69 31.27
N SER D 125 -10.71 5.84 31.29
CA SER D 125 -11.37 6.35 32.50
C SER D 125 -12.53 5.48 32.90
N ALA D 126 -13.31 5.04 31.92
CA ALA D 126 -14.48 4.21 32.20
C ALA D 126 -14.05 2.85 32.69
N LEU D 127 -12.98 2.32 32.13
CA LEU D 127 -12.44 1.04 32.57
C LEU D 127 -11.98 1.12 34.01
N GLU D 128 -11.45 2.28 34.39
CA GLU D 128 -10.98 2.51 35.75
C GLU D 128 -12.14 2.48 36.75
N GLU D 129 -13.31 2.91 36.30
CA GLU D 129 -14.51 2.92 37.16
C GLU D 129 -15.31 1.61 37.07
N GLY D 130 -14.76 0.62 36.38
CA GLY D 130 -15.34 -0.71 36.37
C GLY D 130 -16.29 -1.06 35.24
N PHE D 131 -16.42 -0.16 34.26
CA PHE D 131 -17.27 -0.44 33.10
C PHE D 131 -16.62 -1.42 32.14
N ASP D 132 -17.44 -2.21 31.45
CA ASP D 132 -16.98 -3.01 30.32
C ASP D 132 -17.09 -2.16 29.07
N VAL D 133 -15.96 -1.91 28.40
CA VAL D 133 -15.98 -1.01 27.26
C VAL D 133 -15.74 -1.73 25.92
N PHE D 134 -16.64 -1.47 24.97
CA PHE D 134 -16.54 -2.03 23.62
C PHE D 134 -16.30 -0.93 22.60
N VAL D 135 -15.11 -0.93 22.00
CA VAL D 135 -14.72 0.14 21.10
C VAL D 135 -15.09 -0.18 19.66
N VAL D 136 -15.92 0.65 19.06
CA VAL D 136 -16.25 0.49 17.65
C VAL D 136 -15.15 1.13 16.82
N THR D 137 -14.20 0.30 16.36
CA THR D 137 -12.97 0.80 15.76
C THR D 137 -13.17 1.42 14.38
N ASP D 138 -14.12 0.92 13.60
CA ASP D 138 -14.32 1.45 12.26
C ASP D 138 -15.31 2.62 12.25
N ALA D 139 -15.79 2.98 13.43
CA ALA D 139 -16.60 4.20 13.59
C ALA D 139 -15.83 5.23 14.41
N SER D 140 -14.54 4.98 14.58
CA SER D 140 -13.65 5.91 15.25
C SER D 140 -12.49 6.26 14.33
N GLY D 141 -12.21 7.55 14.18
CA GLY D 141 -11.16 7.98 13.27
C GLY D 141 -10.05 8.76 13.92
N THR D 142 -8.90 8.81 13.26
CA THR D 142 -7.77 9.61 13.73
C THR D 142 -6.86 9.98 12.55
N PHE D 143 -5.68 10.54 12.84
CA PHE D 143 -4.84 11.15 11.81
C PHE D 143 -4.28 10.19 10.75
N ASN D 144 -3.91 8.98 11.17
CA ASN D 144 -3.27 8.02 10.28
C ASN D 144 -3.28 6.62 10.88
N PRO D 145 -3.00 5.58 10.06
CA PRO D 145 -3.00 4.21 10.58
C PRO D 145 -2.06 3.96 11.76
N VAL D 146 -0.93 4.67 11.81
CA VAL D 146 0.03 4.46 12.89
C VAL D 146 -0.53 4.92 14.24
N VAL D 147 -1.06 6.14 14.29
CA VAL D 147 -1.64 6.67 15.51
C VAL D 147 -2.77 5.77 15.98
N ARG D 148 -3.54 5.24 15.03
CA ARG D 148 -4.63 4.33 15.32
C ARG D 148 -4.14 3.07 16.03
N ASP D 149 -3.07 2.47 15.49
CA ASP D 149 -2.53 1.24 16.07
C ASP D 149 -2.03 1.44 17.49
N ALA D 150 -1.44 2.60 17.76
CA ALA D 150 -0.96 2.92 19.09
C ALA D 150 -2.12 3.07 20.07
N ALA D 151 -3.19 3.69 19.61
CA ALA D 151 -4.38 3.86 20.44
C ALA D 151 -4.99 2.49 20.75
N TRP D 152 -5.02 1.60 19.77
CA TRP D 152 -5.51 0.23 19.97
C TRP D 152 -4.68 -0.50 21.01
N ALA D 153 -3.37 -0.35 20.92
CA ALA D 153 -2.46 -1.00 21.86
C ALA D 153 -2.74 -0.52 23.28
N ARG D 154 -2.93 0.78 23.43
CA ARG D 154 -3.15 1.37 24.75
C ARG D 154 -4.49 0.93 25.33
N THR D 156 -6.32 -1.97 24.46
CA THR D 156 -6.38 -3.41 24.74
C THR D 156 -5.61 -3.77 25.99
N ALA D 157 -4.52 -3.05 26.24
CA ALA D 157 -3.72 -3.28 27.44
C ALA D 157 -4.53 -2.99 28.70
N ALA D 158 -5.56 -2.17 28.55
CA ALA D 158 -6.42 -1.79 29.67
C ALA D 158 -7.65 -2.69 29.80
N GLY D 159 -7.88 -3.53 28.79
CA GLY D 159 -8.99 -4.47 28.84
C GLY D 159 -10.21 -4.05 28.05
N ALA D 160 -10.05 -3.07 27.17
CA ALA D 160 -11.12 -2.67 26.26
C ALA D 160 -11.26 -3.74 25.16
N GLN D 161 -12.47 -3.95 24.68
CA GLN D 161 -12.69 -4.89 23.59
C GLN D 161 -12.82 -4.19 22.23
N LEU D 162 -11.91 -4.51 21.30
CA LEU D 162 -11.93 -3.89 19.98
C LEU D 162 -12.90 -4.60 19.05
N ASN D 164 -16.21 -3.72 15.74
CA ASN D 164 -16.62 -2.94 14.59
C ASN D 164 -18.14 -2.93 14.57
N TRP D 165 -18.75 -2.03 13.78
CA TRP D 165 -20.20 -1.86 13.89
C TRP D 165 -20.95 -3.13 13.52
N PHE D 166 -20.40 -3.91 12.57
CA PHE D 166 -21.09 -5.13 12.15
C PHE D 166 -21.07 -6.17 13.27
N SER D 167 -19.92 -6.36 13.91
CA SER D 167 -19.81 -7.35 14.97
C SER D 167 -20.61 -6.92 16.19
N VAL D 168 -20.69 -5.61 16.43
CA VAL D 168 -21.54 -5.08 17.48
C VAL D 168 -23.01 -5.42 17.22
N GLY D 169 -23.46 -5.18 16.00
CA GLY D 169 -24.83 -5.48 15.64
C GLY D 169 -25.18 -6.95 15.78
N CYS D 170 -24.29 -7.82 15.32
CA CYS D 170 -24.58 -9.25 15.34
C CYS D 170 -24.59 -9.82 16.76
N GLU D 171 -23.71 -9.31 17.61
CA GLU D 171 -23.61 -9.77 18.99
C GLU D 171 -24.79 -9.29 19.81
N LEU D 172 -25.33 -8.12 19.44
CA LEU D 172 -26.53 -7.59 20.06
C LEU D 172 -27.78 -8.35 19.60
N HIS D 173 -27.81 -8.67 18.31
CA HIS D 173 -29.00 -9.27 17.70
C HIS D 173 -29.17 -10.74 18.09
N ARG D 174 -28.06 -11.45 18.19
CA ARG D 174 -28.02 -12.88 18.57
C ARG D 174 -28.67 -13.81 17.54
N ASP D 175 -29.93 -13.57 17.22
CA ASP D 175 -30.72 -14.49 16.41
C ASP D 175 -31.41 -13.77 15.24
N TRP D 176 -31.17 -14.26 14.02
CA TRP D 176 -31.78 -13.67 12.83
C TRP D 176 -33.31 -13.58 12.90
N ARG D 177 -33.92 -14.59 13.52
CA ARG D 177 -35.38 -14.69 13.53
C ARG D 177 -36.03 -13.67 14.46
N ASN D 178 -35.23 -12.96 15.25
CA ASN D 178 -35.77 -11.94 16.13
C ASN D 178 -36.41 -10.83 15.30
N ASP D 179 -35.78 -10.49 14.19
CA ASP D 179 -36.32 -9.51 13.25
C ASP D 179 -35.57 -9.58 11.91
N ILE D 180 -36.06 -10.41 11.01
CA ILE D 180 -35.41 -10.62 9.71
C ILE D 180 -35.47 -9.37 8.84
N GLU D 181 -36.68 -8.84 8.63
CA GLU D 181 -36.85 -7.66 7.80
C GLU D 181 -36.08 -6.46 8.35
N GLY D 182 -36.24 -6.21 9.65
CA GLY D 182 -35.65 -5.06 10.30
C GLY D 182 -34.13 -5.06 10.35
N PHE D 183 -33.55 -6.20 10.69
CA PHE D 183 -32.11 -6.29 10.81
C PHE D 183 -31.47 -6.32 9.43
N GLY D 184 -32.14 -6.97 8.48
CA GLY D 184 -31.69 -7.05 7.11
C GLY D 184 -31.67 -5.69 6.43
N ALA D 185 -32.57 -4.81 6.86
CA ALA D 185 -32.61 -3.46 6.33
C ALA D 185 -31.34 -2.69 6.69
N ILE D 186 -30.84 -2.92 7.90
CA ILE D 186 -29.62 -2.28 8.35
C ILE D 186 -28.41 -2.77 7.57
N LEU D 187 -28.32 -4.09 7.40
CA LEU D 187 -27.21 -4.66 6.63
C LEU D 187 -27.28 -4.21 5.19
N GLY D 188 -28.49 -4.17 4.63
CA GLY D 188 -28.68 -3.71 3.26
C GLY D 188 -28.30 -2.24 3.09
N GLY D 189 -28.60 -1.44 4.10
CA GLY D 189 -28.34 -0.01 4.03
C GLY D 189 -26.88 0.40 4.22
N HIS D 190 -26.08 -0.47 4.79
CA HIS D 190 -24.70 -0.10 5.13
C HIS D 190 -23.65 -1.09 4.63
N LEU D 191 -24.12 -2.13 3.96
CA LEU D 191 -23.23 -3.06 3.28
C LEU D 191 -23.72 -3.19 1.85
N PRO D 192 -23.20 -2.34 0.96
CA PRO D 192 -23.62 -2.32 -0.45
C PRO D 192 -23.54 -3.70 -1.09
N ALA D 193 -22.53 -4.48 -0.72
CA ALA D 193 -22.39 -5.84 -1.23
C ALA D 193 -23.58 -6.69 -0.80
N TYR D 194 -24.04 -6.49 0.43
CA TYR D 194 -25.16 -7.27 0.96
C TYR D 194 -26.49 -6.82 0.37
N ALA D 195 -26.64 -5.52 0.11
CA ALA D 195 -27.83 -5.00 -0.56
C ALA D 195 -27.97 -5.66 -1.93
N ASN D 196 -26.84 -5.86 -2.60
CA ASN D 196 -26.80 -6.52 -3.90
C ASN D 196 -27.25 -7.97 -3.83
N LEU D 197 -26.86 -8.67 -2.76
CA LEU D 197 -27.28 -10.06 -2.55
C LEU D 197 -28.78 -10.13 -2.40
N ILE D 198 -29.32 -9.19 -1.61
CA ILE D 198 -30.75 -9.13 -1.36
C ILE D 198 -31.53 -8.91 -2.65
N GLN D 199 -31.01 -8.04 -3.52
CA GLN D 199 -31.70 -7.74 -4.77
C GLN D 199 -31.70 -8.92 -5.74
N SER D 200 -30.56 -9.60 -5.86
CA SER D 200 -30.47 -10.79 -6.70
C SER D 200 -31.37 -11.89 -6.19
N PHE D 201 -31.39 -12.05 -4.87
CA PHE D 201 -32.17 -13.08 -4.22
C PHE D 201 -33.66 -12.88 -4.45
N GLY D 202 -34.07 -11.62 -4.61
CA GLY D 202 -35.47 -11.28 -4.75
C GLY D 202 -36.09 -11.50 -6.13
N THR D 203 -35.28 -11.94 -7.09
CA THR D 203 -35.79 -12.13 -8.45
C THR D 203 -36.12 -13.59 -8.74
N SER E 2 12.80 17.34 -34.33
CA SER E 2 11.66 16.51 -33.96
C SER E 2 11.14 16.91 -32.57
N PHE E 3 12.00 16.77 -31.56
CA PHE E 3 11.64 17.15 -30.20
C PHE E 3 12.42 18.37 -29.77
N THR E 4 11.73 19.29 -29.09
CA THR E 4 12.36 20.48 -28.56
C THR E 4 12.22 20.53 -27.04
N TYR E 5 13.35 20.68 -26.35
CA TYR E 5 13.33 20.77 -24.90
C TYR E 5 12.91 22.17 -24.47
N LYS E 6 11.61 22.39 -24.32
CA LYS E 6 11.10 23.68 -23.86
C LYS E 6 11.14 23.75 -22.34
N ARG E 7 12.26 24.25 -21.80
CA ARG E 7 12.45 24.27 -20.37
C ARG E 7 12.19 25.64 -19.78
N LEU E 8 11.87 25.65 -18.49
CA LEU E 8 11.52 26.88 -17.79
C LEU E 8 12.66 27.90 -17.85
N ASP E 9 12.29 29.14 -18.17
CA ASP E 9 13.21 30.27 -18.17
C ASP E 9 12.68 31.27 -17.16
N LYS E 10 13.54 31.73 -16.25
CA LYS E 10 13.10 32.60 -15.17
C LYS E 10 12.63 33.96 -15.67
N ASN E 11 12.87 34.24 -16.94
CA ASN E 11 12.43 35.49 -17.56
C ASN E 11 11.21 35.32 -18.45
N ASP E 12 10.72 34.09 -18.57
N ASP E 12 10.71 34.10 -18.59
CA ASP E 12 9.62 33.79 -19.47
CA ASP E 12 9.58 33.83 -19.48
C ASP E 12 8.47 33.06 -18.79
C ASP E 12 8.43 33.09 -18.78
N ALA E 13 8.51 33.00 -17.45
CA ALA E 13 7.53 32.21 -16.70
C ALA E 13 6.75 33.01 -15.67
N ALA E 14 5.50 32.62 -15.45
CA ALA E 14 4.67 33.19 -14.40
C ALA E 14 4.08 32.06 -13.56
N VAL E 15 3.76 32.36 -12.30
CA VAL E 15 3.24 31.33 -11.42
C VAL E 15 1.78 31.61 -11.11
N LEU E 16 0.94 30.58 -11.24
CA LEU E 16 -0.48 30.71 -10.95
C LEU E 16 -0.86 29.85 -9.76
N PHE E 17 -1.26 30.49 -8.67
CA PHE E 17 -1.77 29.79 -7.50
C PHE E 17 -3.30 29.81 -7.57
N VAL E 18 -3.88 28.65 -7.80
CA VAL E 18 -5.32 28.56 -7.99
C VAL E 18 -6.04 27.86 -6.82
N ASP E 19 -6.74 28.64 -6.02
CA ASP E 19 -7.69 28.13 -5.04
C ASP E 19 -7.09 27.28 -3.92
N HIS E 20 -5.94 27.68 -3.40
CA HIS E 20 -5.43 27.06 -2.19
C HIS E 20 -6.16 27.63 -0.99
N GLN E 21 -7.42 27.21 -0.82
CA GLN E 21 -8.28 27.78 0.21
C GLN E 21 -8.48 26.82 1.38
N ALA E 22 -8.68 27.40 2.57
CA ALA E 22 -8.74 26.65 3.82
C ALA E 22 -9.79 25.54 3.82
N GLY E 23 -10.95 25.82 3.24
CA GLY E 23 -12.01 24.84 3.18
C GLY E 23 -11.66 23.76 2.15
N LEU E 24 -11.28 24.18 0.95
CA LEU E 24 -11.00 23.24 -0.13
C LEU E 24 -9.84 22.29 0.17
N LEU E 25 -8.86 22.76 0.93
CA LEU E 25 -7.70 21.92 1.26
C LEU E 25 -8.12 20.69 2.06
N SER E 26 -9.27 20.77 2.72
CA SER E 26 -9.80 19.65 3.48
C SER E 26 -10.17 18.46 2.56
N LEU E 27 -10.34 18.73 1.28
CA LEU E 27 -10.70 17.70 0.30
C LEU E 27 -9.48 16.93 -0.20
N VAL E 28 -8.29 17.48 0.02
CA VAL E 28 -7.06 16.87 -0.48
C VAL E 28 -6.67 15.66 0.37
N ARG E 29 -6.76 14.47 -0.22
CA ARG E 29 -6.44 13.22 0.46
C ARG E 29 -5.39 12.39 -0.27
N ASP E 30 -4.87 12.90 -1.38
CA ASP E 30 -3.85 12.17 -2.13
C ASP E 30 -2.45 12.61 -1.72
N PHE E 31 -2.40 13.54 -0.77
CA PHE E 31 -1.16 13.92 -0.10
C PHE E 31 -1.47 14.05 1.39
N SER E 32 -0.48 13.76 2.24
CA SER E 32 -0.65 14.03 3.67
C SER E 32 -0.66 15.54 3.84
N PRO E 33 -1.40 16.02 4.86
CA PRO E 33 -1.51 17.46 5.11
C PRO E 33 -0.14 18.12 5.32
N ASP E 34 0.77 17.40 5.97
CA ASP E 34 2.10 17.94 6.26
C ASP E 34 2.96 18.15 5.02
N GLU E 35 3.02 17.15 4.15
N GLU E 35 3.03 17.15 4.16
CA GLU E 35 3.85 17.25 2.96
CA GLU E 35 3.83 17.25 2.95
C GLU E 35 3.24 18.24 1.95
C GLU E 35 3.24 18.26 1.97
N PHE E 36 1.92 18.32 1.91
CA PHE E 36 1.26 19.20 0.96
C PHE E 36 1.48 20.66 1.34
N LYS E 37 1.38 20.97 2.63
CA LYS E 37 1.65 22.33 3.07
C LYS E 37 3.08 22.72 2.73
N ASN E 38 4.01 21.82 2.96
CA ASN E 38 5.41 22.08 2.66
C ASN E 38 5.64 22.30 1.16
N ASN E 39 4.97 21.51 0.32
CA ASN E 39 5.14 21.61 -1.12
C ASN E 39 4.61 22.93 -1.68
N VAL E 40 3.44 23.35 -1.22
CA VAL E 40 2.84 24.61 -1.65
C VAL E 40 3.70 25.78 -1.22
N LEU E 41 4.19 25.74 0.03
CA LEU E 41 5.06 26.79 0.55
C LEU E 41 6.42 26.80 -0.14
N ALA E 42 6.88 25.64 -0.57
CA ALA E 42 8.15 25.54 -1.29
C ALA E 42 8.04 26.24 -2.65
N LEU E 43 6.93 26.03 -3.35
CA LEU E 43 6.72 26.69 -4.63
C LEU E 43 6.65 28.21 -4.47
N ALA E 44 6.03 28.67 -3.39
CA ALA E 44 5.91 30.11 -3.12
C ALA E 44 7.29 30.74 -2.87
N ASP E 45 8.13 30.04 -2.12
CA ASP E 45 9.49 30.53 -1.89
C ASP E 45 10.25 30.63 -3.22
N ILE E 46 10.00 29.69 -4.11
CA ILE E 46 10.64 29.66 -5.42
C ILE E 46 10.16 30.80 -6.31
N ALA E 47 8.86 31.05 -6.32
CA ALA E 47 8.29 32.14 -7.09
C ALA E 47 8.88 33.48 -6.67
N ARG E 48 9.06 33.65 -5.36
CA ARG E 48 9.64 34.87 -4.80
C ARG E 48 11.14 34.98 -5.11
N PHE E 49 11.85 33.87 -4.97
CA PHE E 49 13.31 33.83 -5.11
C PHE E 49 13.77 34.22 -6.50
N PHE E 50 13.00 33.82 -7.51
CA PHE E 50 13.35 34.11 -8.90
C PHE E 50 12.58 35.32 -9.41
N ASN E 51 11.92 36.02 -8.50
CA ASN E 51 11.13 37.20 -8.85
C ASN E 51 10.18 36.96 -10.00
N LEU E 52 9.44 35.86 -9.95
CA LEU E 52 8.47 35.54 -10.98
C LEU E 52 7.16 36.30 -10.76
N PRO E 53 6.57 36.82 -11.85
CA PRO E 53 5.22 37.38 -11.72
C PRO E 53 4.26 36.32 -11.21
N THR E 54 3.52 36.63 -10.14
CA THR E 54 2.68 35.64 -9.49
C THR E 54 1.22 36.08 -9.51
N ILE E 55 0.31 35.13 -9.73
CA ILE E 55 -1.10 35.44 -9.68
C ILE E 55 -1.83 34.53 -8.70
N LEU E 56 -2.58 35.14 -7.78
CA LEU E 56 -3.40 34.40 -6.82
C LEU E 56 -4.86 34.48 -7.22
N THR E 57 -5.56 33.36 -7.15
CA THR E 57 -6.98 33.38 -7.46
C THR E 57 -7.76 32.42 -6.56
N THR E 58 -8.98 32.80 -6.21
CA THR E 58 -9.82 31.96 -5.34
C THR E 58 -11.19 31.72 -5.97
N SER E 59 -11.85 30.67 -5.52
CA SER E 59 -13.16 30.28 -6.01
C SER E 59 -14.21 30.33 -4.91
N PHE E 60 -15.10 31.32 -4.98
CA PHE E 60 -16.24 31.39 -4.06
C PHE E 60 -15.74 31.43 -2.62
N GLU E 61 -14.82 32.34 -2.33
CA GLU E 61 -14.14 32.37 -1.04
C GLU E 61 -15.05 32.88 0.07
N ASP E 62 -16.21 33.41 -0.31
CA ASP E 62 -17.16 33.92 0.68
C ASP E 62 -18.18 32.84 1.03
N GLY E 63 -17.83 31.59 0.73
CA GLY E 63 -18.65 30.45 1.08
C GLY E 63 -17.83 29.42 1.83
N PRO E 64 -18.27 28.15 1.82
CA PRO E 64 -17.60 27.04 2.51
C PRO E 64 -16.19 26.75 1.99
N ASN E 65 -15.88 27.21 0.78
CA ASN E 65 -14.55 27.00 0.21
C ASN E 65 -13.47 27.68 1.04
N GLY E 66 -13.82 28.79 1.67
CA GLY E 66 -12.94 29.45 2.61
C GLY E 66 -11.95 30.40 1.99
N PRO E 67 -11.21 31.15 2.83
CA PRO E 67 -10.23 32.14 2.39
C PRO E 67 -8.96 31.50 1.83
N LEU E 68 -8.20 32.28 1.07
CA LEU E 68 -6.89 31.84 0.63
C LEU E 68 -6.00 31.68 1.85
N VAL E 69 -5.15 30.65 1.86
CA VAL E 69 -4.26 30.41 2.99
C VAL E 69 -3.38 31.63 3.25
N PRO E 70 -3.16 31.95 4.54
CA PRO E 70 -2.50 33.19 4.97
C PRO E 70 -1.10 33.38 4.41
N GLU E 71 -0.35 32.29 4.27
CA GLU E 71 1.02 32.37 3.83
C GLU E 71 1.14 33.03 2.45
N LEU E 72 0.23 32.70 1.55
CA LEU E 72 0.25 33.24 0.20
C LEU E 72 -0.06 34.74 0.15
N LYS E 73 -1.05 35.18 0.91
CA LYS E 73 -1.39 36.61 0.94
C LYS E 73 -0.29 37.45 1.58
N GLU E 74 0.33 36.92 2.64
CA GLU E 74 1.35 37.67 3.35
C GLU E 74 2.59 37.80 2.46
N PHE E 76 2.78 37.63 -0.99
CA PHE E 76 2.59 38.34 -2.26
C PHE E 76 1.51 39.42 -2.19
N PRO E 77 1.73 40.47 -1.38
CA PRO E 77 0.73 41.52 -1.15
C PRO E 77 0.48 42.40 -2.39
N GLN E 78 1.38 42.33 -3.37
CA GLN E 78 1.25 43.12 -4.60
C GLN E 78 0.89 42.27 -5.81
N ALA E 79 0.76 40.97 -5.61
CA ALA E 79 0.35 40.10 -6.70
C ALA E 79 -1.12 40.33 -7.00
N PRO E 80 -1.49 40.25 -8.28
CA PRO E 80 -2.90 40.29 -8.67
C PRO E 80 -3.70 39.21 -7.93
N TYR E 81 -4.82 39.62 -7.34
CA TYR E 81 -5.66 38.73 -6.56
C TYR E 81 -7.06 38.71 -7.15
N ILE E 82 -7.39 37.66 -7.88
CA ILE E 82 -8.69 37.59 -8.52
C ILE E 82 -9.61 36.65 -7.76
N ALA E 83 -10.54 37.23 -7.01
CA ALA E 83 -11.54 36.44 -6.31
C ALA E 83 -12.72 36.19 -7.23
N ARG E 84 -12.83 34.93 -7.70
CA ARG E 84 -13.88 34.53 -8.62
C ARG E 84 -15.15 34.13 -7.87
N PRO E 85 -16.22 34.92 -8.00
CA PRO E 85 -17.48 34.61 -7.32
C PRO E 85 -18.21 33.40 -7.92
N GLY E 86 -18.03 33.17 -9.21
CA GLY E 86 -18.80 32.14 -9.89
C GLY E 86 -18.04 31.11 -10.71
N ASN E 87 -17.23 31.58 -11.65
CA ASN E 87 -16.57 30.69 -12.61
C ASN E 87 -15.63 29.67 -12.00
N ILE E 88 -15.92 28.40 -12.29
CA ILE E 88 -15.13 27.29 -11.79
C ILE E 88 -13.78 27.23 -12.50
N ASN E 89 -13.83 27.26 -13.83
CA ASN E 89 -12.62 27.40 -14.64
C ASN E 89 -12.15 28.85 -14.58
N ALA E 90 -10.96 29.06 -14.02
CA ALA E 90 -10.41 30.41 -13.85
C ALA E 90 -10.24 31.14 -15.18
N TRP E 91 -10.08 30.38 -16.25
CA TRP E 91 -9.87 30.95 -17.56
C TRP E 91 -11.17 31.53 -18.11
N ASP E 92 -12.30 31.16 -17.49
CA ASP E 92 -13.59 31.74 -17.85
C ASP E 92 -13.80 33.08 -17.15
N ASN E 93 -12.86 33.45 -16.29
CA ASN E 93 -12.89 34.74 -15.63
C ASN E 93 -12.01 35.71 -16.41
N GLU E 94 -12.60 36.80 -16.91
CA GLU E 94 -11.89 37.71 -17.78
C GLU E 94 -10.78 38.47 -17.05
N ASP E 95 -11.00 38.78 -15.79
CA ASP E 95 -10.00 39.47 -14.99
C ASP E 95 -8.77 38.60 -14.80
N PHE E 96 -8.98 37.30 -14.60
CA PHE E 96 -7.88 36.36 -14.43
C PHE E 96 -7.08 36.25 -15.73
N VAL E 97 -7.76 36.09 -16.85
CA VAL E 97 -7.08 35.97 -18.13
C VAL E 97 -6.34 37.26 -18.45
N LYS E 98 -6.97 38.39 -18.13
CA LYS E 98 -6.35 39.69 -18.33
C LYS E 98 -5.06 39.81 -17.53
N ALA E 99 -5.08 39.33 -16.28
CA ALA E 99 -3.92 39.39 -15.40
C ALA E 99 -2.78 38.50 -15.89
N VAL E 100 -3.14 37.34 -16.43
CA VAL E 100 -2.16 36.40 -16.96
C VAL E 100 -1.43 36.96 -18.17
N LYS E 101 -2.21 37.49 -19.11
CA LYS E 101 -1.64 38.02 -20.35
C LYS E 101 -0.87 39.30 -20.12
N ALA E 102 -1.23 40.03 -19.07
CA ALA E 102 -0.55 41.27 -18.74
C ALA E 102 0.89 41.00 -18.30
N THR E 103 1.15 39.79 -17.81
CA THR E 103 2.51 39.42 -17.42
C THR E 103 3.40 39.27 -18.64
N GLY E 104 2.78 38.93 -19.78
CA GLY E 104 3.50 38.74 -21.03
C GLY E 104 4.35 37.48 -21.05
N LYS E 105 4.04 36.53 -20.16
CA LYS E 105 4.83 35.31 -20.07
C LYS E 105 4.21 34.17 -20.88
N LYS E 106 5.08 33.34 -21.44
CA LYS E 106 4.68 32.25 -22.32
C LYS E 106 4.53 30.97 -21.51
N GLN E 107 5.37 30.83 -20.49
CA GLN E 107 5.36 29.66 -19.64
C GLN E 107 4.52 29.91 -18.39
N LEU E 108 3.58 29.00 -18.12
CA LEU E 108 2.73 29.12 -16.95
C LEU E 108 2.97 27.96 -15.97
N ILE E 109 3.46 28.31 -14.78
CA ILE E 109 3.63 27.35 -13.71
C ILE E 109 2.37 27.36 -12.84
N ILE E 110 1.68 26.22 -12.77
CA ILE E 110 0.37 26.20 -12.13
C ILE E 110 0.25 25.14 -11.02
N ALA E 111 -0.42 25.52 -9.94
CA ALA E 111 -0.70 24.62 -8.82
C ALA E 111 -2.02 25.00 -8.17
N GLY E 112 -2.71 24.02 -7.59
CA GLY E 112 -3.96 24.32 -6.93
C GLY E 112 -4.80 23.14 -6.45
N VAL E 113 -6.03 23.45 -6.07
CA VAL E 113 -6.98 22.50 -5.50
C VAL E 113 -8.37 22.78 -6.08
N VAL E 114 -9.05 21.75 -6.59
CA VAL E 114 -8.52 20.39 -6.69
C VAL E 114 -7.89 20.17 -8.06
N THR E 115 -7.04 19.15 -8.16
CA THR E 115 -6.26 18.91 -9.37
C THR E 115 -7.10 18.68 -10.61
N ASP E 116 -8.14 17.85 -10.47
CA ASP E 116 -8.96 17.44 -11.61
C ASP E 116 -9.86 18.52 -12.15
N VAL E 117 -9.99 19.63 -11.43
CA VAL E 117 -10.91 20.69 -11.84
C VAL E 117 -10.27 22.07 -11.88
N VAL E 119 -7.37 23.09 -11.36
CA VAL E 119 -6.09 23.11 -12.06
C VAL E 119 -6.24 22.65 -13.50
N ALA E 120 -6.93 21.52 -13.68
CA ALA E 120 -7.06 20.91 -15.00
C ALA E 120 -7.76 21.82 -15.99
N PHE E 121 -8.85 22.45 -15.57
CA PHE E 121 -9.64 23.27 -16.50
C PHE E 121 -8.86 24.46 -17.07
N PRO E 122 -8.25 25.31 -16.21
CA PRO E 122 -7.49 26.40 -16.84
C PRO E 122 -6.25 25.93 -17.58
N THR E 123 -5.67 24.80 -17.16
CA THR E 123 -4.54 24.20 -17.86
C THR E 123 -4.91 23.84 -19.31
N LEU E 124 -6.05 23.18 -19.47
CA LEU E 124 -6.51 22.80 -20.79
C LEU E 124 -6.88 24.02 -21.63
N SER E 125 -7.43 25.04 -20.98
CA SER E 125 -7.79 26.28 -21.66
C SER E 125 -6.56 27.03 -22.12
N ALA E 126 -5.55 27.08 -21.27
CA ALA E 126 -4.31 27.79 -21.57
C ALA E 126 -3.54 27.09 -22.68
N LEU E 127 -3.56 25.76 -22.66
CA LEU E 127 -2.93 24.97 -23.71
C LEU E 127 -3.58 25.22 -25.06
N GLU E 128 -4.89 25.43 -25.04
CA GLU E 128 -5.65 25.69 -26.25
C GLU E 128 -5.24 27.04 -26.85
N GLU E 129 -4.85 27.99 -26.01
CA GLU E 129 -4.43 29.31 -26.45
C GLU E 129 -2.93 29.39 -26.74
N GLY E 130 -2.24 28.26 -26.67
CA GLY E 130 -0.84 28.19 -27.07
C GLY E 130 0.18 28.40 -25.98
N PHE E 131 -0.26 28.49 -24.73
CA PHE E 131 0.70 28.64 -23.62
C PHE E 131 1.42 27.33 -23.37
N ASP E 132 2.67 27.44 -22.91
CA ASP E 132 3.39 26.29 -22.39
C ASP E 132 3.05 26.15 -20.93
N VAL E 133 2.41 25.05 -20.55
CA VAL E 133 1.95 24.91 -19.16
C VAL E 133 2.75 23.86 -18.40
N PHE E 134 3.26 24.26 -17.24
CA PHE E 134 4.01 23.38 -16.39
C PHE E 134 3.24 23.14 -15.09
N VAL E 135 2.75 21.92 -14.91
CA VAL E 135 1.94 21.60 -13.73
C VAL E 135 2.77 21.07 -12.59
N VAL E 136 2.74 21.77 -11.46
CA VAL E 136 3.42 21.31 -10.24
C VAL E 136 2.54 20.30 -9.53
N THR E 137 2.81 19.02 -9.78
CA THR E 137 1.92 17.93 -9.38
C THR E 137 1.88 17.71 -7.86
N ASP E 138 2.99 17.97 -7.17
CA ASP E 138 3.02 17.74 -5.74
C ASP E 138 2.57 18.98 -4.95
N ALA E 139 2.23 20.05 -5.66
CA ALA E 139 1.64 21.22 -5.02
C ALA E 139 0.19 21.37 -5.47
N SER E 140 -0.32 20.31 -6.08
CA SER E 140 -1.72 20.21 -6.48
C SER E 140 -2.33 18.96 -5.83
N GLY E 141 -3.49 19.13 -5.19
CA GLY E 141 -4.11 18.03 -4.50
C GLY E 141 -5.52 17.73 -4.98
N THR E 142 -5.99 16.52 -4.71
CA THR E 142 -7.35 16.13 -5.07
C THR E 142 -7.85 15.02 -4.13
N PHE E 143 -9.00 14.44 -4.47
CA PHE E 143 -9.70 13.54 -3.55
C PHE E 143 -8.95 12.24 -3.22
N ASN E 144 -8.27 11.68 -4.22
CA ASN E 144 -7.62 10.38 -4.07
C ASN E 144 -6.65 10.14 -5.23
N PRO E 145 -5.73 9.16 -5.10
CA PRO E 145 -4.76 8.91 -6.18
C PRO E 145 -5.37 8.58 -7.54
N VAL E 146 -6.54 7.95 -7.55
CA VAL E 146 -7.18 7.56 -8.82
C VAL E 146 -7.63 8.78 -9.62
N VAL E 147 -8.32 9.69 -8.95
CA VAL E 147 -8.74 10.93 -9.58
C VAL E 147 -7.53 11.71 -10.07
N ARG E 148 -6.44 11.68 -9.30
CA ARG E 148 -5.20 12.35 -9.69
C ARG E 148 -4.63 11.79 -10.99
N ASP E 149 -4.55 10.46 -11.08
CA ASP E 149 -4.00 9.81 -12.26
C ASP E 149 -4.83 10.11 -13.51
N ALA E 150 -6.15 10.21 -13.33
CA ALA E 150 -7.05 10.55 -14.44
C ALA E 150 -6.83 11.97 -14.91
N ALA E 151 -6.60 12.88 -13.97
CA ALA E 151 -6.34 14.28 -14.28
C ALA E 151 -5.02 14.45 -15.03
N TRP E 152 -4.01 13.68 -14.63
CA TRP E 152 -2.72 13.69 -15.30
C TRP E 152 -2.87 13.26 -16.75
N ALA E 153 -3.63 12.19 -16.96
CA ALA E 153 -3.83 11.65 -18.30
C ALA E 153 -4.45 12.69 -19.21
N ARG E 154 -5.44 13.41 -18.70
CA ARG E 154 -6.14 14.40 -19.49
C ARG E 154 -5.23 15.58 -19.80
N THR E 156 -1.70 15.53 -19.78
CA THR E 156 -0.58 15.13 -20.62
C THR E 156 -1.01 14.98 -22.07
N ALA E 157 -2.24 14.49 -22.26
CA ALA E 157 -2.81 14.31 -23.59
C ALA E 157 -2.96 15.64 -24.32
N ALA E 158 -3.06 16.72 -23.55
CA ALA E 158 -3.22 18.05 -24.11
C ALA E 158 -1.88 18.75 -24.29
N GLY E 159 -0.81 18.13 -23.80
CA GLY E 159 0.53 18.65 -23.98
C GLY E 159 1.11 19.39 -22.78
N ALA E 160 0.49 19.19 -21.62
CA ALA E 160 1.01 19.76 -20.39
C ALA E 160 2.28 19.05 -19.96
N GLN E 161 3.19 19.77 -19.33
CA GLN E 161 4.38 19.17 -18.78
C GLN E 161 4.23 18.94 -17.27
N LEU E 162 4.27 17.68 -16.84
CA LEU E 162 4.12 17.37 -15.43
C LEU E 162 5.44 17.48 -14.67
N ASN E 164 7.42 18.94 -10.56
CA ASN E 164 7.33 19.09 -9.12
C ASN E 164 8.13 20.32 -8.69
N TRP E 165 7.92 20.79 -7.46
CA TRP E 165 8.50 22.07 -7.07
C TRP E 165 10.02 22.04 -7.11
N PHE E 166 10.61 20.89 -6.79
CA PHE E 166 12.07 20.78 -6.79
C PHE E 166 12.60 20.87 -8.22
N SER E 167 11.96 20.17 -9.14
CA SER E 167 12.39 20.17 -10.53
C SER E 167 12.09 21.51 -11.19
N VAL E 168 11.00 22.14 -10.77
CA VAL E 168 10.68 23.50 -11.21
C VAL E 168 11.78 24.47 -10.77
N GLY E 169 12.17 24.38 -9.50
CA GLY E 169 13.22 25.23 -8.98
C GLY E 169 14.56 25.06 -9.67
N CYS E 170 14.94 23.81 -9.92
CA CYS E 170 16.25 23.50 -10.51
C CYS E 170 16.32 23.90 -11.98
N GLU E 171 15.21 23.77 -12.70
CA GLU E 171 15.18 24.14 -14.10
C GLU E 171 15.21 25.65 -14.25
N LEU E 172 14.66 26.35 -13.27
CA LEU E 172 14.71 27.80 -13.22
C LEU E 172 16.10 28.29 -12.82
N HIS E 173 16.71 27.57 -11.88
CA HIS E 173 17.98 27.99 -11.30
C HIS E 173 19.18 27.75 -12.21
N ARG E 174 19.16 26.64 -12.94
CA ARG E 174 20.20 26.26 -13.89
C ARG E 174 21.57 25.97 -13.27
N ASP E 175 22.12 26.95 -12.56
CA ASP E 175 23.49 26.89 -12.08
C ASP E 175 23.55 27.19 -10.59
N TRP E 176 24.14 26.28 -9.82
CA TRP E 176 24.26 26.44 -8.37
C TRP E 176 24.95 27.75 -7.99
N ARG E 177 25.93 28.14 -8.79
CA ARG E 177 26.80 29.27 -8.45
C ARG E 177 26.11 30.62 -8.58
N ASN E 178 24.91 30.63 -9.14
CA ASN E 178 24.15 31.88 -9.28
C ASN E 178 23.83 32.47 -7.92
N ASP E 179 23.48 31.60 -6.98
CA ASP E 179 23.22 32.00 -5.59
C ASP E 179 23.20 30.76 -4.72
N ILE E 180 24.36 30.38 -4.21
CA ILE E 180 24.50 29.15 -3.44
C ILE E 180 23.73 29.19 -2.14
N GLU E 181 24.00 30.23 -1.36
CA GLU E 181 23.41 30.38 -0.04
C GLU E 181 21.89 30.55 -0.14
N GLY E 182 21.45 31.41 -1.05
CA GLY E 182 20.04 31.73 -1.21
C GLY E 182 19.19 30.55 -1.65
N PHE E 183 19.70 29.80 -2.63
CA PHE E 183 18.98 28.65 -3.15
C PHE E 183 19.07 27.47 -2.17
N GLY E 184 20.20 27.36 -1.49
CA GLY E 184 20.40 26.33 -0.50
C GLY E 184 19.46 26.48 0.68
N ALA E 185 19.08 27.71 0.97
CA ALA E 185 18.14 28.00 2.06
C ALA E 185 16.77 27.41 1.74
N ILE E 186 16.37 27.49 0.48
CA ILE E 186 15.09 26.95 0.03
C ILE E 186 15.08 25.43 0.16
N LEU E 187 16.15 24.80 -0.32
CA LEU E 187 16.26 23.36 -0.24
C LEU E 187 16.32 22.89 1.20
N GLY E 188 17.11 23.60 2.01
CA GLY E 188 17.22 23.28 3.42
C GLY E 188 15.89 23.45 4.13
N GLY E 189 15.14 24.47 3.73
CA GLY E 189 13.89 24.80 4.37
C GLY E 189 12.72 23.90 4.01
N HIS E 190 12.84 23.17 2.90
CA HIS E 190 11.71 22.37 2.43
C HIS E 190 12.07 20.93 2.12
N LEU E 191 13.34 20.58 2.32
CA LEU E 191 13.79 19.19 2.23
C LEU E 191 14.57 18.86 3.49
N PRO E 192 13.86 18.34 4.50
CA PRO E 192 14.42 18.00 5.81
C PRO E 192 15.66 17.14 5.69
N ALA E 193 15.65 16.21 4.75
CA ALA E 193 16.81 15.35 4.51
C ALA E 193 18.01 16.17 4.07
N TYR E 194 17.78 17.21 3.27
CA TYR E 194 18.88 18.04 2.78
C TYR E 194 19.39 18.97 3.88
N ALA E 195 18.47 19.46 4.70
CA ALA E 195 18.85 20.28 5.84
C ALA E 195 19.80 19.49 6.74
N ASN E 196 19.53 18.19 6.87
CA ASN E 196 20.39 17.31 7.65
C ASN E 196 21.80 17.19 7.04
N LEU E 197 21.87 17.12 5.72
CA LEU E 197 23.15 17.07 5.02
C LEU E 197 23.96 18.34 5.24
N ILE E 198 23.28 19.48 5.15
CA ILE E 198 23.91 20.78 5.36
C ILE E 198 24.48 20.90 6.77
N GLN E 199 23.74 20.40 7.76
CA GLN E 199 24.20 20.50 9.15
C GLN E 199 25.40 19.59 9.41
N SER E 200 25.35 18.38 8.88
CA SER E 200 26.47 17.45 9.01
C SER E 200 27.70 18.03 8.32
N PHE E 201 27.49 18.63 7.16
CA PHE E 201 28.59 19.20 6.39
C PHE E 201 29.25 20.36 7.13
N GLY E 202 28.48 21.05 7.95
CA GLY E 202 28.97 22.24 8.62
C GLY E 202 29.88 21.98 9.82
N THR E 203 30.06 20.71 10.15
CA THR E 203 30.90 20.33 11.28
C THR E 203 32.29 19.88 10.82
N SER F 2 -3.17 23.06 -32.38
CA SER F 2 -2.42 21.93 -31.82
C SER F 2 -3.19 21.21 -30.72
N PHE F 3 -4.25 21.85 -30.23
CA PHE F 3 -5.11 21.24 -29.20
C PHE F 3 -6.41 22.03 -29.03
N THR F 4 -7.50 21.30 -28.92
CA THR F 4 -8.78 21.92 -28.65
C THR F 4 -9.35 21.37 -27.35
N TYR F 5 -9.74 22.29 -26.46
CA TYR F 5 -10.34 21.90 -25.19
C TYR F 5 -11.80 21.54 -25.42
N LYS F 6 -12.04 20.27 -25.71
CA LYS F 6 -13.40 19.79 -25.91
C LYS F 6 -14.04 19.49 -24.58
N ARG F 7 -14.71 20.48 -24.00
CA ARG F 7 -15.26 20.33 -22.68
C ARG F 7 -16.76 20.07 -22.73
N LEU F 8 -17.27 19.43 -21.69
CA LEU F 8 -18.67 19.06 -21.62
C LEU F 8 -19.60 20.25 -21.71
N ASP F 9 -20.62 20.12 -22.55
CA ASP F 9 -21.66 21.13 -22.66
C ASP F 9 -22.98 20.46 -22.29
N LYS F 10 -23.73 21.06 -21.36
CA LYS F 10 -24.94 20.45 -20.84
C LYS F 10 -26.05 20.33 -21.89
N ASN F 11 -25.83 20.94 -23.05
CA ASN F 11 -26.78 20.85 -24.15
C ASN F 11 -26.29 19.90 -25.24
N ASP F 12 -25.12 19.30 -25.03
CA ASP F 12 -24.53 18.43 -26.04
C ASP F 12 -24.16 17.06 -25.51
N ALA F 13 -24.62 16.73 -24.30
CA ALA F 13 -24.17 15.50 -23.66
C ALA F 13 -25.30 14.55 -23.29
N ALA F 14 -24.99 13.25 -23.33
CA ALA F 14 -25.90 12.22 -22.86
C ALA F 14 -25.13 11.31 -21.91
N VAL F 15 -25.83 10.70 -20.96
CA VAL F 15 -25.16 9.84 -19.99
C VAL F 15 -25.55 8.39 -20.20
N LEU F 16 -24.55 7.52 -20.24
CA LEU F 16 -24.76 6.09 -20.45
C LEU F 16 -24.36 5.28 -19.22
N PHE F 17 -25.33 4.64 -18.60
CA PHE F 17 -25.08 3.72 -17.51
C PHE F 17 -25.06 2.28 -18.02
N VAL F 18 -23.88 1.67 -18.02
CA VAL F 18 -23.73 0.34 -18.60
C VAL F 18 -23.51 -0.76 -17.56
N ASP F 19 -24.55 -1.56 -17.33
CA ASP F 19 -24.44 -2.80 -16.56
C ASP F 19 -24.05 -2.64 -15.09
N HIS F 20 -24.63 -1.63 -14.42
CA HIS F 20 -24.52 -1.55 -12.97
C HIS F 20 -25.52 -2.52 -12.34
N GLN F 21 -25.21 -3.81 -12.42
CA GLN F 21 -26.13 -4.85 -11.97
C GLN F 21 -25.67 -5.49 -10.67
N ALA F 22 -26.63 -5.98 -9.89
CA ALA F 22 -26.39 -6.49 -8.54
C ALA F 22 -25.32 -7.58 -8.49
N GLY F 23 -25.34 -8.47 -9.49
CA GLY F 23 -24.36 -9.53 -9.56
C GLY F 23 -22.98 -9.02 -9.98
N LEU F 24 -22.93 -8.25 -11.06
CA LEU F 24 -21.65 -7.78 -11.59
C LEU F 24 -20.89 -6.90 -10.61
N LEU F 25 -21.61 -6.16 -9.77
CA LEU F 25 -20.95 -5.28 -8.80
C LEU F 25 -20.08 -6.07 -7.84
N SER F 26 -20.39 -7.35 -7.67
CA SER F 26 -19.58 -8.22 -6.83
C SER F 26 -18.19 -8.42 -7.40
N LEU F 27 -18.01 -8.14 -8.69
CA LEU F 27 -16.71 -8.33 -9.32
C LEU F 27 -15.79 -7.13 -9.09
N VAL F 28 -16.39 -6.00 -8.69
CA VAL F 28 -15.64 -4.76 -8.51
C VAL F 28 -14.83 -4.75 -7.21
N ARG F 29 -13.50 -4.79 -7.36
CA ARG F 29 -12.61 -4.80 -6.20
C ARG F 29 -11.55 -3.70 -6.25
N ASP F 30 -11.60 -2.84 -7.26
CA ASP F 30 -10.61 -1.76 -7.38
C ASP F 30 -11.14 -0.48 -6.72
N PHE F 31 -12.34 -0.56 -6.19
CA PHE F 31 -12.92 0.47 -5.32
C PHE F 31 -13.61 -0.23 -4.16
N SER F 32 -13.63 0.42 -3.00
CA SER F 32 -14.40 -0.10 -1.89
C SER F 32 -15.89 0.00 -2.22
N PRO F 33 -16.71 -0.90 -1.68
CA PRO F 33 -18.14 -0.87 -1.97
C PRO F 33 -18.80 0.47 -1.63
N ASP F 34 -18.39 1.08 -0.52
CA ASP F 34 -19.00 2.34 -0.09
C ASP F 34 -18.69 3.50 -1.02
N GLU F 35 -17.42 3.65 -1.41
N GLU F 35 -17.42 3.66 -1.40
CA GLU F 35 -17.05 4.76 -2.28
CA GLU F 35 -17.05 4.76 -2.28
C GLU F 35 -17.62 4.59 -3.67
C GLU F 35 -17.66 4.58 -3.66
N PHE F 36 -17.72 3.34 -4.13
CA PHE F 36 -18.20 3.07 -5.47
C PHE F 36 -19.70 3.34 -5.59
N LYS F 37 -20.47 2.92 -4.58
CA LYS F 37 -21.90 3.18 -4.56
C LYS F 37 -22.17 4.68 -4.56
N ASN F 38 -21.41 5.40 -3.73
CA ASN F 38 -21.56 6.84 -3.65
C ASN F 38 -21.25 7.55 -4.97
N ASN F 39 -20.20 7.09 -5.66
CA ASN F 39 -19.79 7.70 -6.92
C ASN F 39 -20.82 7.50 -8.03
N VAL F 40 -21.35 6.28 -8.13
CA VAL F 40 -22.35 5.98 -9.16
C VAL F 40 -23.61 6.81 -8.92
N LEU F 41 -24.04 6.90 -7.67
CA LEU F 41 -25.20 7.72 -7.33
C LEU F 41 -24.94 9.19 -7.54
N ALA F 42 -23.69 9.62 -7.35
CA ALA F 42 -23.32 11.01 -7.58
C ALA F 42 -23.43 11.37 -9.05
N LEU F 43 -22.94 10.48 -9.90
CA LEU F 43 -23.03 10.66 -11.34
C LEU F 43 -24.49 10.71 -11.76
N ALA F 44 -25.28 9.88 -11.12
CA ALA F 44 -26.70 9.79 -11.39
C ALA F 44 -27.44 11.07 -11.00
N ASP F 45 -27.13 11.64 -9.83
CA ASP F 45 -27.72 12.92 -9.42
C ASP F 45 -27.36 14.04 -10.37
N ILE F 46 -26.14 13.99 -10.88
CA ILE F 46 -25.65 14.99 -11.81
C ILE F 46 -26.38 14.93 -13.16
N ALA F 47 -26.60 13.73 -13.68
CA ALA F 47 -27.34 13.55 -14.94
C ALA F 47 -28.76 14.09 -14.80
N ARG F 48 -29.39 13.87 -13.65
CA ARG F 48 -30.71 14.39 -13.40
C ARG F 48 -30.70 15.90 -13.22
N PHE F 49 -29.69 16.41 -12.55
CA PHE F 49 -29.60 17.83 -12.24
C PHE F 49 -29.52 18.70 -13.47
N PHE F 50 -28.81 18.23 -14.48
CA PHE F 50 -28.61 18.97 -15.73
C PHE F 50 -29.55 18.49 -16.82
N ASN F 51 -30.53 17.68 -16.42
CA ASN F 51 -31.54 17.14 -17.34
C ASN F 51 -30.94 16.50 -18.59
N LEU F 52 -29.90 15.71 -18.40
CA LEU F 52 -29.24 15.04 -19.52
C LEU F 52 -30.02 13.81 -19.94
N PRO F 53 -30.16 13.60 -21.25
CA PRO F 53 -30.74 12.34 -21.73
C PRO F 53 -29.90 11.16 -21.24
N THR F 54 -30.56 10.19 -20.60
CA THR F 54 -29.87 9.09 -19.96
C THR F 54 -30.30 7.77 -20.57
N ILE F 55 -29.35 6.86 -20.74
CA ILE F 55 -29.66 5.53 -21.26
C ILE F 55 -29.16 4.46 -20.30
N LEU F 56 -30.05 3.55 -19.94
CA LEU F 56 -29.71 2.44 -19.08
C LEU F 56 -29.62 1.16 -19.91
N THR F 57 -28.59 0.36 -19.66
CA THR F 57 -28.46 -0.91 -20.36
C THR F 57 -27.89 -2.00 -19.46
N THR F 58 -28.36 -3.23 -19.66
CA THR F 58 -27.90 -4.36 -18.86
C THR F 58 -27.44 -5.51 -19.75
N SER F 59 -26.63 -6.38 -19.17
CA SER F 59 -26.09 -7.53 -19.88
C SER F 59 -26.55 -8.83 -19.23
N PHE F 60 -27.47 -9.54 -19.90
CA PHE F 60 -27.89 -10.87 -19.46
C PHE F 60 -28.45 -10.83 -18.03
N GLU F 61 -29.41 -9.93 -17.80
CA GLU F 61 -29.91 -9.66 -16.45
C GLU F 61 -30.80 -10.77 -15.88
N ASP F 62 -31.19 -11.73 -16.72
CA ASP F 62 -32.02 -12.83 -16.26
C ASP F 62 -31.14 -14.01 -15.86
N GLY F 63 -29.86 -13.73 -15.65
CA GLY F 63 -28.92 -14.74 -15.21
C GLY F 63 -28.19 -14.27 -13.97
N PRO F 64 -27.00 -14.84 -13.73
CA PRO F 64 -26.19 -14.50 -12.55
C PRO F 64 -25.75 -13.03 -12.53
N ASN F 65 -25.77 -12.37 -13.68
CA ASN F 65 -25.39 -10.96 -13.75
C ASN F 65 -26.33 -10.10 -12.90
N GLY F 66 -27.58 -10.54 -12.79
CA GLY F 66 -28.51 -9.90 -11.88
C GLY F 66 -29.21 -8.69 -12.46
N PRO F 67 -30.18 -8.15 -11.72
CA PRO F 67 -30.97 -6.98 -12.13
C PRO F 67 -30.17 -5.68 -12.05
N LEU F 68 -30.62 -4.65 -12.75
CA LEU F 68 -30.04 -3.32 -12.61
C LEU F 68 -30.31 -2.82 -11.19
N VAL F 69 -29.33 -2.14 -10.58
CA VAL F 69 -29.48 -1.64 -9.21
C VAL F 69 -30.70 -0.73 -9.08
N PRO F 70 -31.43 -0.85 -7.97
CA PRO F 70 -32.74 -0.20 -7.79
C PRO F 70 -32.69 1.32 -7.94
N GLU F 71 -31.61 1.92 -7.47
CA GLU F 71 -31.49 3.38 -7.46
C GLU F 71 -31.58 3.95 -8.87
N LEU F 72 -30.95 3.28 -9.82
CA LEU F 72 -30.97 3.76 -11.20
C LEU F 72 -32.35 3.69 -11.81
N LYS F 73 -33.06 2.60 -11.58
CA LYS F 73 -34.43 2.52 -12.08
C LYS F 73 -35.39 3.49 -11.38
N GLU F 74 -35.19 3.70 -10.08
CA GLU F 74 -36.07 4.57 -9.32
C GLU F 74 -35.89 6.02 -9.78
N PHE F 76 -34.40 7.00 -12.88
CA PHE F 76 -34.67 7.15 -14.31
C PHE F 76 -35.69 6.14 -14.80
N PRO F 77 -36.94 6.23 -14.29
CA PRO F 77 -37.92 5.20 -14.62
C PRO F 77 -38.40 5.23 -16.06
N GLN F 78 -38.19 6.35 -16.74
CA GLN F 78 -38.68 6.48 -18.12
C GLN F 78 -37.55 6.58 -19.12
N ALA F 79 -36.32 6.43 -18.64
CA ALA F 79 -35.15 6.46 -19.50
C ALA F 79 -35.17 5.20 -20.38
N PRO F 80 -34.66 5.33 -21.62
CA PRO F 80 -34.52 4.14 -22.46
C PRO F 80 -33.74 3.05 -21.73
N TYR F 81 -34.32 1.85 -21.70
CA TYR F 81 -33.75 0.72 -20.99
C TYR F 81 -33.55 -0.44 -21.94
N ILE F 82 -32.30 -0.66 -22.37
CA ILE F 82 -32.04 -1.73 -23.31
C ILE F 82 -31.43 -2.91 -22.58
N ALA F 83 -32.24 -3.95 -22.40
CA ALA F 83 -31.77 -5.19 -21.79
C ALA F 83 -31.17 -6.06 -22.88
N ARG F 84 -29.85 -6.19 -22.89
CA ARG F 84 -29.17 -6.97 -23.90
C ARG F 84 -29.07 -8.43 -23.50
N PRO F 85 -29.79 -9.30 -24.22
CA PRO F 85 -29.71 -10.73 -23.92
C PRO F 85 -28.36 -11.33 -24.30
N GLY F 86 -27.71 -10.79 -25.33
CA GLY F 86 -26.50 -11.41 -25.84
C GLY F 86 -25.25 -10.57 -25.96
N ASN F 87 -25.34 -9.47 -26.71
CA ASN F 87 -24.18 -8.67 -27.06
C ASN F 87 -23.44 -8.07 -25.85
N ILE F 88 -22.15 -8.42 -25.72
CA ILE F 88 -21.31 -7.95 -24.63
C ILE F 88 -20.94 -6.49 -24.82
N ASN F 89 -20.47 -6.15 -26.01
CA ASN F 89 -20.29 -4.76 -26.40
C ASN F 89 -21.67 -4.18 -26.70
N ALA F 90 -22.08 -3.19 -25.91
CA ALA F 90 -23.40 -2.60 -26.04
C ALA F 90 -23.62 -1.97 -27.41
N TRP F 91 -22.53 -1.61 -28.07
CA TRP F 91 -22.61 -0.99 -29.39
C TRP F 91 -22.97 -1.99 -30.49
N ASP F 92 -22.84 -3.27 -30.19
CA ASP F 92 -23.23 -4.32 -31.14
C ASP F 92 -24.73 -4.57 -31.07
N ASN F 93 -25.39 -3.92 -30.13
CA ASN F 93 -26.84 -3.98 -30.00
C ASN F 93 -27.47 -2.79 -30.73
N GLU F 94 -28.28 -3.09 -31.73
CA GLU F 94 -28.84 -2.05 -32.59
C GLU F 94 -29.81 -1.14 -31.84
N ASP F 95 -30.57 -1.71 -30.91
CA ASP F 95 -31.53 -0.93 -30.13
C ASP F 95 -30.82 0.10 -29.25
N PHE F 96 -29.67 -0.29 -28.70
CA PHE F 96 -28.87 0.59 -27.85
C PHE F 96 -28.33 1.77 -28.64
N VAL F 97 -27.76 1.49 -29.81
CA VAL F 97 -27.19 2.54 -30.65
C VAL F 97 -28.24 3.52 -31.17
N LYS F 98 -29.37 2.98 -31.57
CA LYS F 98 -30.47 3.80 -32.07
C LYS F 98 -30.96 4.73 -30.95
N ALA F 99 -31.01 4.19 -29.73
CA ALA F 99 -31.45 4.96 -28.57
C ALA F 99 -30.44 6.07 -28.27
N VAL F 100 -29.17 5.78 -28.50
CA VAL F 100 -28.11 6.78 -28.33
C VAL F 100 -28.26 7.90 -29.36
N LYS F 101 -28.40 7.52 -30.63
CA LYS F 101 -28.47 8.49 -31.71
C LYS F 101 -29.78 9.28 -31.70
N ALA F 102 -30.82 8.71 -31.09
CA ALA F 102 -32.10 9.39 -30.97
C ALA F 102 -31.97 10.63 -30.08
N THR F 103 -30.99 10.61 -29.19
CA THR F 103 -30.73 11.74 -28.30
C THR F 103 -30.18 12.93 -29.09
N GLY F 104 -29.52 12.66 -30.20
CA GLY F 104 -28.95 13.72 -31.01
C GLY F 104 -27.76 14.40 -30.33
N LYS F 105 -27.17 13.71 -29.36
CA LYS F 105 -26.06 14.26 -28.58
C LYS F 105 -24.70 13.83 -29.11
N LYS F 106 -23.74 14.73 -29.00
CA LYS F 106 -22.39 14.54 -29.52
C LYS F 106 -21.43 13.99 -28.48
N GLN F 107 -21.62 14.44 -27.25
CA GLN F 107 -20.77 14.04 -26.14
C GLN F 107 -21.40 12.89 -25.37
N LEU F 108 -20.63 11.83 -25.16
CA LEU F 108 -21.13 10.69 -24.42
C LEU F 108 -20.38 10.53 -23.11
N ILE F 109 -21.10 10.69 -22.01
CA ILE F 109 -20.58 10.45 -20.68
C ILE F 109 -20.91 9.01 -20.27
N ILE F 110 -19.88 8.20 -20.02
CA ILE F 110 -20.11 6.76 -19.79
C ILE F 110 -19.49 6.23 -18.49
N ALA F 111 -20.22 5.34 -17.84
CA ALA F 111 -19.76 4.65 -16.63
C ALA F 111 -20.37 3.26 -16.57
N GLY F 112 -19.67 2.30 -15.97
CA GLY F 112 -20.22 0.96 -15.86
C GLY F 112 -19.30 -0.11 -15.32
N VAL F 113 -19.75 -1.36 -15.47
CA VAL F 113 -19.06 -2.53 -14.91
C VAL F 113 -19.10 -3.69 -15.91
N VAL F 114 -17.97 -4.31 -16.22
CA VAL F 114 -16.67 -3.91 -15.70
C VAL F 114 -15.98 -2.95 -16.67
N THR F 115 -15.01 -2.20 -16.16
CA THR F 115 -14.35 -1.14 -16.92
C THR F 115 -13.67 -1.64 -18.19
N ASP F 116 -12.95 -2.76 -18.06
CA ASP F 116 -12.13 -3.26 -19.16
C ASP F 116 -12.97 -3.85 -20.29
N VAL F 117 -14.25 -4.05 -20.05
CA VAL F 117 -15.10 -4.67 -21.06
C VAL F 117 -16.36 -3.87 -21.36
N VAL F 119 -17.49 -1.17 -20.34
CA VAL F 119 -17.26 0.25 -20.56
C VAL F 119 -16.34 0.49 -21.75
N ALA F 120 -15.21 -0.20 -21.75
CA ALA F 120 -14.18 0.01 -22.76
C ALA F 120 -14.67 -0.29 -24.17
N PHE F 121 -15.39 -1.40 -24.33
CA PHE F 121 -15.78 -1.84 -25.68
C PHE F 121 -16.70 -0.83 -26.37
N PRO F 122 -17.80 -0.41 -25.73
CA PRO F 122 -18.62 0.59 -26.43
C PRO F 122 -17.92 1.95 -26.51
N THR F 123 -17.04 2.25 -25.56
CA THR F 123 -16.25 3.46 -25.62
C THR F 123 -15.41 3.49 -26.89
N LEU F 124 -14.71 2.40 -27.15
CA LEU F 124 -13.86 2.30 -28.34
C LEU F 124 -14.70 2.32 -29.61
N SER F 125 -15.87 1.70 -29.57
CA SER F 125 -16.77 1.70 -30.73
C SER F 125 -17.33 3.09 -30.99
N ALA F 126 -17.69 3.80 -29.92
CA ALA F 126 -18.27 5.13 -30.05
C ALA F 126 -17.23 6.11 -30.59
N LEU F 127 -15.98 5.96 -30.15
CA LEU F 127 -14.90 6.80 -30.65
C LEU F 127 -14.67 6.58 -32.13
N GLU F 128 -14.86 5.33 -32.57
CA GLU F 128 -14.70 5.00 -33.98
C GLU F 128 -15.77 5.68 -34.82
N GLU F 129 -16.95 5.89 -34.26
CA GLU F 129 -18.03 6.55 -34.99
C GLU F 129 -17.99 8.08 -34.84
N GLY F 130 -16.95 8.60 -34.19
CA GLY F 130 -16.73 10.02 -34.12
C GLY F 130 -17.30 10.76 -32.92
N PHE F 131 -17.83 10.02 -31.95
CA PHE F 131 -18.35 10.65 -30.74
C PHE F 131 -17.22 11.10 -29.83
N ASP F 132 -17.45 12.17 -29.06
CA ASP F 132 -16.52 12.55 -28.00
C ASP F 132 -16.94 11.79 -26.75
N VAL F 133 -16.06 10.92 -26.26
CA VAL F 133 -16.40 10.07 -25.13
C VAL F 133 -15.66 10.49 -23.86
N PHE F 134 -16.43 10.69 -22.79
CA PHE F 134 -15.90 11.07 -21.49
C PHE F 134 -16.15 9.94 -20.51
N VAL F 135 -15.07 9.30 -20.04
CA VAL F 135 -15.21 8.16 -19.14
C VAL F 135 -15.17 8.58 -17.68
N VAL F 136 -16.25 8.30 -16.95
CA VAL F 136 -16.27 8.57 -15.52
C VAL F 136 -15.53 7.45 -14.81
N THR F 137 -14.26 7.68 -14.50
CA THR F 137 -13.38 6.62 -14.05
C THR F 137 -13.72 6.10 -12.65
N ASP F 138 -14.21 6.97 -11.76
CA ASP F 138 -14.52 6.53 -10.40
C ASP F 138 -15.94 6.00 -10.25
N ALA F 139 -16.70 5.98 -11.35
CA ALA F 139 -18.02 5.34 -11.37
C ALA F 139 -18.02 4.10 -12.27
N SER F 140 -16.81 3.65 -12.61
CA SER F 140 -16.63 2.41 -13.36
C SER F 140 -15.70 1.50 -12.57
N GLY F 141 -16.10 0.25 -12.39
CA GLY F 141 -15.32 -0.67 -11.58
C GLY F 141 -14.85 -1.89 -12.33
N THR F 142 -13.82 -2.53 -11.80
CA THR F 142 -13.32 -3.76 -12.40
C THR F 142 -12.61 -4.59 -11.33
N PHE F 143 -11.91 -5.64 -11.76
CA PHE F 143 -11.39 -6.65 -10.84
C PHE F 143 -10.30 -6.15 -9.88
N ASN F 144 -9.41 -5.28 -10.37
CA ASN F 144 -8.29 -4.82 -9.58
C ASN F 144 -7.64 -3.61 -10.24
N PRO F 145 -6.78 -2.86 -9.51
CA PRO F 145 -6.13 -1.68 -10.09
C PRO F 145 -5.32 -1.97 -11.35
N VAL F 146 -4.75 -3.16 -11.48
CA VAL F 146 -3.95 -3.48 -12.66
C VAL F 146 -4.80 -3.52 -13.91
N VAL F 147 -5.91 -4.25 -13.85
CA VAL F 147 -6.84 -4.34 -14.97
C VAL F 147 -7.39 -2.95 -15.29
N ARG F 148 -7.61 -2.14 -14.26
CA ARG F 148 -8.08 -0.77 -14.46
C ARG F 148 -7.10 0.06 -15.28
N ASP F 149 -5.83 -0.02 -14.90
CA ASP F 149 -4.78 0.74 -15.58
C ASP F 149 -4.63 0.32 -17.04
N ALA F 150 -4.83 -0.97 -17.31
CA ALA F 150 -4.73 -1.46 -18.68
C ALA F 150 -5.86 -0.87 -19.52
N ALA F 151 -7.06 -0.84 -18.95
CA ALA F 151 -8.24 -0.29 -19.62
C ALA F 151 -8.09 1.21 -19.89
N TRP F 152 -7.54 1.94 -18.92
CA TRP F 152 -7.29 3.36 -19.11
C TRP F 152 -6.35 3.60 -20.29
N ALA F 153 -5.28 2.82 -20.33
CA ALA F 153 -4.28 2.94 -21.37
C ALA F 153 -4.90 2.74 -22.75
N ARG F 154 -5.74 1.71 -22.87
CA ARG F 154 -6.35 1.38 -24.15
C ARG F 154 -7.35 2.46 -24.57
N THR F 156 -7.32 5.88 -23.52
CA THR F 156 -6.66 7.15 -23.83
C THR F 156 -5.96 7.11 -25.18
N ALA F 157 -5.42 5.94 -25.54
CA ALA F 157 -4.77 5.77 -26.83
C ALA F 157 -5.79 5.97 -27.94
N ALA F 158 -7.07 5.77 -27.61
CA ALA F 158 -8.14 5.91 -28.58
C ALA F 158 -8.73 7.31 -28.59
N GLY F 159 -8.33 8.13 -27.62
CA GLY F 159 -8.78 9.50 -27.58
C GLY F 159 -9.93 9.74 -26.62
N ALA F 160 -10.17 8.79 -25.74
CA ALA F 160 -11.17 8.98 -24.71
C ALA F 160 -10.63 9.95 -23.67
N GLN F 161 -11.51 10.75 -23.07
CA GLN F 161 -11.12 11.65 -22.01
C GLN F 161 -11.48 11.03 -20.65
N LEU F 162 -10.45 10.76 -19.83
CA LEU F 162 -10.67 10.16 -18.52
C LEU F 162 -11.03 11.22 -17.48
N ASN F 164 -13.79 12.09 -13.70
CA ASN F 164 -14.45 11.58 -12.50
C ASN F 164 -15.74 12.35 -12.28
N TRP F 165 -16.63 11.84 -11.42
CA TRP F 165 -17.98 12.40 -11.32
C TRP F 165 -17.95 13.88 -10.91
N PHE F 166 -16.97 14.25 -10.08
CA PHE F 166 -16.89 15.63 -9.62
C PHE F 166 -16.48 16.58 -10.75
N SER F 167 -15.48 16.19 -11.54
CA SER F 167 -15.04 17.03 -12.65
C SER F 167 -16.08 17.07 -13.78
N VAL F 168 -16.80 15.97 -13.96
CA VAL F 168 -17.90 15.94 -14.94
C VAL F 168 -18.93 17.02 -14.60
N GLY F 169 -19.35 17.05 -13.33
CA GLY F 169 -20.30 18.03 -12.84
C GLY F 169 -19.83 19.48 -12.96
N CYS F 170 -18.57 19.72 -12.62
CA CYS F 170 -18.04 21.08 -12.63
C CYS F 170 -17.89 21.62 -14.05
N GLU F 171 -17.54 20.75 -14.99
CA GLU F 171 -17.38 21.16 -16.37
C GLU F 171 -18.76 21.40 -16.99
N LEU F 172 -19.76 20.66 -16.51
CA LEU F 172 -21.14 20.86 -16.95
C LEU F 172 -21.76 22.11 -16.33
N HIS F 173 -21.46 22.35 -15.07
CA HIS F 173 -22.05 23.44 -14.31
C HIS F 173 -21.46 24.79 -14.68
N ARG F 174 -20.15 24.82 -14.92
CA ARG F 174 -19.41 26.03 -15.34
C ARG F 174 -19.35 27.12 -14.27
N ASP F 175 -20.52 27.55 -13.79
CA ASP F 175 -20.61 28.71 -12.91
C ASP F 175 -21.41 28.38 -11.65
N TRP F 176 -20.83 28.64 -10.49
CA TRP F 176 -21.49 28.39 -9.21
C TRP F 176 -22.84 29.09 -9.10
N ARG F 177 -22.91 30.29 -9.67
CA ARG F 177 -24.08 31.15 -9.51
C ARG F 177 -25.29 30.70 -10.32
N ASN F 178 -25.12 29.70 -11.19
CA ASN F 178 -26.24 29.18 -11.96
C ASN F 178 -27.30 28.55 -11.06
N ASP F 179 -26.84 27.84 -10.03
CA ASP F 179 -27.72 27.24 -9.04
C ASP F 179 -26.88 26.82 -7.84
N ILE F 180 -26.71 27.74 -6.89
CA ILE F 180 -25.83 27.49 -5.77
C ILE F 180 -26.36 26.38 -4.86
N GLU F 181 -27.58 26.53 -4.37
CA GLU F 181 -28.16 25.54 -3.47
C GLU F 181 -28.33 24.17 -4.12
N GLY F 182 -28.87 24.15 -5.33
CA GLY F 182 -29.15 22.90 -6.02
C GLY F 182 -27.89 22.11 -6.30
N PHE F 183 -26.85 22.80 -6.77
CA PHE F 183 -25.60 22.15 -7.07
C PHE F 183 -24.84 21.80 -5.79
N GLY F 184 -24.98 22.67 -4.78
CA GLY F 184 -24.36 22.44 -3.49
C GLY F 184 -24.93 21.24 -2.76
N ALA F 185 -26.20 20.93 -3.03
CA ALA F 185 -26.84 19.76 -2.42
C ALA F 185 -26.18 18.47 -2.92
N ILE F 186 -25.80 18.46 -4.19
CA ILE F 186 -25.13 17.32 -4.78
C ILE F 186 -23.75 17.10 -4.17
N LEU F 187 -23.00 18.19 -4.03
CA LEU F 187 -21.67 18.11 -3.43
C LEU F 187 -21.79 17.72 -1.97
N GLY F 188 -22.74 18.34 -1.27
CA GLY F 188 -22.97 18.03 0.12
C GLY F 188 -23.44 16.59 0.29
N GLY F 189 -24.25 16.13 -0.64
CA GLY F 189 -24.81 14.79 -0.56
C GLY F 189 -23.83 13.70 -0.91
N HIS F 190 -22.72 14.04 -1.58
CA HIS F 190 -21.80 13.00 -2.02
C HIS F 190 -20.35 13.24 -1.66
N LEU F 191 -20.06 14.36 -1.00
CA LEU F 191 -18.74 14.62 -0.45
C LEU F 191 -18.83 14.99 1.02
N PRO F 192 -18.73 13.99 1.91
CA PRO F 192 -18.85 14.21 3.35
C PRO F 192 -17.95 15.31 3.88
N ALA F 193 -16.73 15.42 3.36
CA ALA F 193 -15.82 16.48 3.77
C ALA F 193 -16.40 17.84 3.40
N TYR F 194 -17.07 17.92 2.26
CA TYR F 194 -17.68 19.17 1.83
C TYR F 194 -18.95 19.45 2.61
N ALA F 195 -19.69 18.40 2.95
CA ALA F 195 -20.87 18.52 3.80
C ALA F 195 -20.49 19.12 5.15
N ASN F 196 -19.35 18.69 5.68
CA ASN F 196 -18.82 19.20 6.94
C ASN F 196 -18.48 20.69 6.84
N LEU F 197 -17.92 21.10 5.70
CA LEU F 197 -17.60 22.51 5.48
C LEU F 197 -18.86 23.35 5.48
N ILE F 198 -19.90 22.86 4.81
CA ILE F 198 -21.17 23.57 4.73
C ILE F 198 -21.76 23.74 6.13
N GLN F 199 -21.66 22.72 6.96
CA GLN F 199 -22.22 22.79 8.30
C GLN F 199 -21.46 23.77 9.20
N SER F 200 -20.14 23.73 9.16
CA SER F 200 -19.33 24.68 9.93
C SER F 200 -19.57 26.11 9.47
N PHE F 201 -19.71 26.28 8.16
CA PHE F 201 -19.93 27.60 7.58
C PHE F 201 -21.27 28.18 8.05
N GLY F 202 -22.21 27.30 8.37
CA GLY F 202 -23.56 27.70 8.74
C GLY F 202 -23.75 28.22 10.17
N THR F 203 -22.70 28.23 10.97
CA THR F 203 -22.83 28.68 12.35
C THR F 203 -22.36 30.13 12.54
N SER G 2 -8.68 10.31 -37.06
CA SER G 2 -9.60 9.17 -37.20
C SER G 2 -9.09 7.98 -36.40
N PHE G 3 -9.98 7.39 -35.61
CA PHE G 3 -9.64 6.20 -34.81
C PHE G 3 -10.34 4.96 -35.32
N THR G 4 -9.61 3.85 -35.35
CA THR G 4 -10.19 2.57 -35.74
C THR G 4 -10.09 1.59 -34.58
N TYR G 5 -11.24 1.03 -34.20
CA TYR G 5 -11.30 0.05 -33.12
C TYR G 5 -10.87 -1.32 -33.65
N LYS G 6 -9.57 -1.60 -33.57
CA LYS G 6 -9.05 -2.89 -34.00
C LYS G 6 -9.26 -3.91 -32.90
N ARG G 7 -10.40 -4.60 -32.94
CA ARG G 7 -10.75 -5.52 -31.87
C ARG G 7 -10.49 -6.98 -32.27
N LEU G 8 -10.30 -7.83 -31.28
CA LEU G 8 -9.99 -9.24 -31.49
C LEU G 8 -11.07 -9.97 -32.26
N ASP G 9 -10.65 -10.74 -33.27
CA ASP G 9 -11.56 -11.58 -34.04
C ASP G 9 -11.08 -13.03 -33.89
N LYS G 10 -11.98 -13.94 -33.52
CA LYS G 10 -11.57 -15.31 -33.22
C LYS G 10 -11.07 -16.07 -34.45
N ASN G 11 -11.23 -15.48 -35.63
CA ASN G 11 -10.74 -16.09 -36.85
C ASN G 11 -9.46 -15.43 -37.38
N ASP G 12 -8.97 -14.43 -36.65
N ASP G 12 -8.96 -14.43 -36.65
CA ASP G 12 -7.81 -13.66 -37.07
CA ASP G 12 -7.77 -13.71 -37.10
C ASP G 12 -6.73 -13.58 -36.00
C ASP G 12 -6.73 -13.58 -35.99
N ALA G 13 -6.87 -14.38 -34.95
CA ALA G 13 -5.96 -14.28 -33.80
C ALA G 13 -5.22 -15.57 -33.46
N ALA G 14 -3.99 -15.40 -32.99
CA ALA G 14 -3.19 -16.51 -32.49
C ALA G 14 -2.64 -16.15 -31.11
N VAL G 15 -2.38 -17.16 -30.30
CA VAL G 15 -1.93 -16.93 -28.93
C VAL G 15 -0.49 -17.37 -28.74
N LEU G 16 0.31 -16.51 -28.13
CA LEU G 16 1.71 -16.80 -27.85
C LEU G 16 2.00 -16.88 -26.37
N PHE G 17 2.36 -18.06 -25.90
CA PHE G 17 2.81 -18.24 -24.53
C PHE G 17 4.32 -18.25 -24.47
N VAL G 18 4.91 -17.20 -23.89
CA VAL G 18 6.36 -17.07 -23.91
C VAL G 18 7.01 -17.27 -22.53
N ASP G 19 7.66 -18.42 -22.38
CA ASP G 19 8.56 -18.69 -21.25
C ASP G 19 7.89 -18.72 -19.87
N HIS G 20 6.72 -19.33 -19.78
CA HIS G 20 6.12 -19.62 -18.48
C HIS G 20 6.79 -20.86 -17.90
N GLN G 21 8.03 -20.68 -17.44
CA GLN G 21 8.84 -21.82 -16.98
C GLN G 21 8.95 -21.83 -15.46
N ALA G 22 9.09 -23.04 -14.90
CA ALA G 22 9.05 -23.25 -13.45
C ALA G 22 10.05 -22.40 -12.67
N GLY G 23 11.25 -22.25 -13.22
CA GLY G 23 12.27 -21.44 -12.59
C GLY G 23 11.99 -19.96 -12.69
N LEU G 24 11.69 -19.50 -13.90
CA LEU G 24 11.47 -18.08 -14.16
C LEU G 24 10.29 -17.53 -13.36
N LEU G 25 9.28 -18.37 -13.10
CA LEU G 25 8.11 -17.93 -12.36
C LEU G 25 8.40 -17.48 -10.94
N SER G 26 9.49 -17.98 -10.35
CA SER G 26 9.90 -17.57 -9.02
C SER G 26 10.35 -16.10 -9.02
N LEU G 27 10.61 -15.56 -10.19
CA LEU G 27 11.05 -14.17 -10.31
C LEU G 27 9.87 -13.21 -10.30
N VAL G 28 8.67 -13.73 -10.57
CA VAL G 28 7.47 -12.91 -10.64
C VAL G 28 6.99 -12.51 -9.25
N ARG G 29 7.08 -11.22 -8.93
CA ARG G 29 6.66 -10.73 -7.63
C ARG G 29 5.64 -9.59 -7.74
N ASP G 30 5.25 -9.25 -8.96
CA ASP G 30 4.28 -8.17 -9.14
C ASP G 30 2.86 -8.74 -9.22
N PHE G 31 2.76 -10.05 -9.06
CA PHE G 31 1.50 -10.75 -8.85
C PHE G 31 1.70 -11.80 -7.76
N SER G 32 0.65 -12.08 -6.98
CA SER G 32 0.71 -13.19 -6.04
C SER G 32 0.73 -14.49 -6.83
N PRO G 33 1.38 -15.53 -6.29
CA PRO G 33 1.46 -16.81 -7.01
C PRO G 33 0.10 -17.39 -7.38
N ASP G 34 -0.88 -17.22 -6.49
CA ASP G 34 -2.22 -17.75 -6.72
C ASP G 34 -2.98 -17.07 -7.86
N GLU G 35 -2.98 -15.75 -7.87
N GLU G 35 -3.01 -15.75 -7.85
CA GLU G 35 -3.72 -15.01 -8.89
CA GLU G 35 -3.70 -15.01 -8.90
C GLU G 35 -3.05 -15.18 -10.25
C GLU G 35 -3.05 -15.25 -10.25
N PHE G 36 -1.73 -15.27 -10.26
CA PHE G 36 -1.00 -15.37 -11.52
C PHE G 36 -1.18 -16.73 -12.18
N LYS G 37 -1.16 -17.79 -11.38
CA LYS G 37 -1.41 -19.13 -11.90
C LYS G 37 -2.81 -19.22 -12.49
N ASN G 38 -3.78 -18.65 -11.77
CA ASN G 38 -5.15 -18.64 -12.26
C ASN G 38 -5.30 -17.86 -13.55
N ASN G 39 -4.61 -16.72 -13.65
CA ASN G 39 -4.70 -15.87 -14.83
C ASN G 39 -4.11 -16.54 -16.07
N VAL G 40 -2.95 -17.16 -15.91
CA VAL G 40 -2.32 -17.84 -17.03
C VAL G 40 -3.18 -19.01 -17.48
N LEU G 41 -3.72 -19.78 -16.53
CA LEU G 41 -4.62 -20.88 -16.86
C LEU G 41 -5.94 -20.38 -17.45
N ALA G 42 -6.37 -19.18 -17.06
CA ALA G 42 -7.58 -18.60 -17.62
C ALA G 42 -7.37 -18.28 -19.11
N LEU G 43 -6.21 -17.69 -19.42
CA LEU G 43 -5.86 -17.38 -20.80
C LEU G 43 -5.74 -18.64 -21.63
N ALA G 44 -5.21 -19.69 -21.03
CA ALA G 44 -5.06 -20.97 -21.72
C ALA G 44 -6.42 -21.57 -22.02
N ASP G 45 -7.34 -21.49 -21.06
CA ASP G 45 -8.70 -21.99 -21.27
C ASP G 45 -9.42 -21.25 -22.38
N ILE G 46 -9.15 -19.95 -22.49
CA ILE G 46 -9.74 -19.11 -23.53
C ILE G 46 -9.21 -19.48 -24.92
N ALA G 47 -7.90 -19.70 -25.02
CA ALA G 47 -7.26 -20.14 -26.26
C ALA G 47 -7.83 -21.49 -26.69
N ARG G 48 -8.09 -22.36 -25.72
CA ARG G 48 -8.70 -23.64 -26.00
C ARG G 48 -10.13 -23.51 -26.49
N PHE G 49 -10.89 -22.63 -25.83
CA PHE G 49 -12.33 -22.48 -26.12
C PHE G 49 -12.60 -21.99 -27.54
N PHE G 50 -11.74 -21.12 -28.04
CA PHE G 50 -11.94 -20.57 -29.38
C PHE G 50 -11.10 -21.25 -30.46
N ASN G 51 -10.49 -22.38 -30.11
CA ASN G 51 -9.65 -23.14 -31.04
C ASN G 51 -8.64 -22.24 -31.75
N LEU G 52 -7.98 -21.39 -30.97
CA LEU G 52 -7.00 -20.48 -31.53
C LEU G 52 -5.67 -21.18 -31.76
N PRO G 53 -5.03 -20.90 -32.91
CA PRO G 53 -3.66 -21.39 -33.12
C PRO G 53 -2.74 -20.85 -32.02
N THR G 54 -2.03 -21.76 -31.37
CA THR G 54 -1.24 -21.43 -30.19
C THR G 54 0.22 -21.78 -30.40
N ILE G 55 1.11 -20.93 -29.88
CA ILE G 55 2.54 -21.22 -29.95
C ILE G 55 3.20 -21.17 -28.57
N LEU G 56 3.89 -22.25 -28.23
CA LEU G 56 4.62 -22.31 -26.97
C LEU G 56 6.11 -22.15 -27.24
N THR G 57 6.77 -21.35 -26.42
CA THR G 57 8.20 -21.16 -26.55
C THR G 57 8.86 -21.02 -25.19
N THR G 58 10.10 -21.52 -25.09
CA THR G 58 10.85 -21.47 -23.85
C THR G 58 12.25 -20.85 -24.02
N SER G 59 12.81 -20.39 -22.91
CA SER G 59 14.12 -19.75 -22.93
C SER G 59 15.10 -20.53 -22.08
N PHE G 60 16.03 -21.24 -22.73
CA PHE G 60 17.12 -21.92 -22.03
C PHE G 60 16.56 -22.86 -20.96
N GLU G 61 15.65 -23.74 -21.37
CA GLU G 61 14.91 -24.58 -20.44
C GLU G 61 15.75 -25.69 -19.82
N ASP G 62 16.95 -25.89 -20.36
CA ASP G 62 17.87 -26.90 -19.84
C ASP G 62 18.83 -26.30 -18.82
N GLY G 63 18.46 -25.14 -18.29
CA GLY G 63 19.22 -24.48 -17.25
C GLY G 63 18.33 -24.16 -16.07
N PRO G 64 18.72 -23.18 -15.25
CA PRO G 64 17.97 -22.77 -14.07
C PRO G 64 16.58 -22.23 -14.39
N ASN G 65 16.37 -21.82 -15.63
CA ASN G 65 15.08 -21.28 -16.05
C ASN G 65 13.98 -22.32 -15.91
N GLY G 66 14.34 -23.59 -16.06
CA GLY G 66 13.42 -24.68 -15.80
C GLY G 66 12.49 -25.01 -16.94
N PRO G 67 11.72 -26.10 -16.79
CA PRO G 67 10.78 -26.56 -17.81
C PRO G 67 9.53 -25.69 -17.89
N LEU G 68 8.83 -25.76 -19.01
CA LEU G 68 7.54 -25.12 -19.17
C LEU G 68 6.56 -25.76 -18.20
N VAL G 69 5.68 -24.97 -17.58
CA VAL G 69 4.71 -25.49 -16.61
C VAL G 69 3.86 -26.60 -17.22
N PRO G 70 3.59 -27.66 -16.44
CA PRO G 70 2.96 -28.89 -16.92
C PRO G 70 1.60 -28.63 -17.56
N GLU G 71 0.86 -27.67 -17.03
CA GLU G 71 -0.48 -27.38 -17.53
C GLU G 71 -0.46 -26.98 -18.99
N LEU G 72 0.51 -26.15 -19.37
CA LEU G 72 0.59 -25.68 -20.75
C LEU G 72 0.94 -26.79 -21.74
N LYS G 73 1.86 -27.68 -21.38
CA LYS G 73 2.19 -28.78 -22.28
C LYS G 73 1.01 -29.75 -22.43
N GLU G 74 0.30 -29.98 -21.32
CA GLU G 74 -0.82 -30.92 -21.32
C GLU G 74 -2.04 -30.36 -22.07
N PHE G 76 -1.92 -27.90 -24.71
CA PHE G 76 -1.68 -27.69 -26.14
C PHE G 76 -0.64 -28.66 -26.68
N PRO G 77 -0.96 -29.97 -26.66
CA PRO G 77 0.07 -30.96 -27.02
C PRO G 77 0.48 -30.99 -28.49
N GLN G 78 -0.26 -30.37 -29.40
CA GLN G 78 0.14 -30.38 -30.82
C GLN G 78 0.54 -29.00 -31.30
N ALA G 79 0.50 -28.03 -30.40
CA ALA G 79 0.89 -26.68 -30.74
C ALA G 79 2.39 -26.63 -30.92
N PRO G 80 2.88 -25.78 -31.85
CA PRO G 80 4.32 -25.57 -32.03
C PRO G 80 5.03 -25.25 -30.74
N TYR G 81 6.12 -25.98 -30.49
CA TYR G 81 6.89 -25.84 -29.28
C TYR G 81 8.32 -25.49 -29.68
N ILE G 82 8.68 -24.21 -29.54
CA ILE G 82 10.01 -23.77 -29.92
C ILE G 82 10.88 -23.54 -28.69
N ALA G 83 11.79 -24.48 -28.43
CA ALA G 83 12.73 -24.34 -27.33
C ALA G 83 13.95 -23.55 -27.78
N ARG G 84 14.05 -22.31 -27.31
CA ARG G 84 15.17 -21.45 -27.67
C ARG G 84 16.36 -21.64 -26.74
N PRO G 85 17.46 -22.19 -27.29
CA PRO G 85 18.67 -22.39 -26.47
C PRO G 85 19.37 -21.08 -26.15
N GLY G 86 19.26 -20.10 -27.05
CA GLY G 86 20.05 -18.88 -26.93
C GLY G 86 19.30 -17.55 -26.97
N ASN G 87 18.55 -17.33 -28.05
CA ASN G 87 17.92 -16.03 -28.28
C ASN G 87 16.94 -15.63 -27.19
N ILE G 88 17.22 -14.48 -26.58
CA ILE G 88 16.39 -13.96 -25.51
C ILE G 88 15.07 -13.42 -26.07
N ASN G 89 15.17 -12.58 -27.09
CA ASN G 89 14.01 -12.15 -27.86
C ASN G 89 13.58 -13.29 -28.78
N ALA G 90 12.36 -13.78 -28.55
CA ALA G 90 11.83 -14.92 -29.30
C ALA G 90 11.75 -14.63 -30.81
N TRP G 91 11.65 -13.36 -31.15
CA TRP G 91 11.52 -12.97 -32.56
C TRP G 91 12.85 -13.11 -33.28
N ASP G 92 13.94 -13.24 -32.52
CA ASP G 92 15.26 -13.45 -33.10
C ASP G 92 15.47 -14.93 -33.44
N ASN G 93 14.51 -15.76 -33.06
CA ASN G 93 14.54 -17.18 -33.39
C ASN G 93 13.74 -17.42 -34.66
N GLU G 94 14.39 -17.96 -35.69
CA GLU G 94 13.75 -18.10 -37.00
C GLU G 94 12.62 -19.12 -36.99
N ASP G 95 12.75 -20.17 -36.19
CA ASP G 95 11.71 -21.18 -36.07
C ASP G 95 10.44 -20.60 -35.47
N PHE G 96 10.63 -19.70 -34.50
CA PHE G 96 9.51 -19.07 -33.83
C PHE G 96 8.72 -18.17 -34.77
N VAL G 97 9.44 -17.32 -35.51
CA VAL G 97 8.81 -16.41 -36.45
C VAL G 97 8.11 -17.20 -37.56
N LYS G 98 8.75 -18.28 -37.99
CA LYS G 98 8.19 -19.17 -39.00
C LYS G 98 6.85 -19.74 -38.54
N ALA G 99 6.79 -20.16 -37.28
CA ALA G 99 5.57 -20.75 -36.72
C ALA G 99 4.44 -19.73 -36.60
N VAL G 100 4.81 -18.49 -36.24
CA VAL G 100 3.83 -17.41 -36.12
C VAL G 100 3.20 -17.09 -37.46
N LYS G 101 4.05 -16.92 -38.47
CA LYS G 101 3.57 -16.53 -39.79
C LYS G 101 2.81 -17.68 -40.46
N ALA G 102 3.15 -18.91 -40.07
CA ALA G 102 2.46 -20.08 -40.63
C ALA G 102 0.99 -20.13 -40.21
N THR G 103 0.67 -19.52 -39.07
CA THR G 103 -0.71 -19.47 -38.61
C THR G 103 -1.51 -18.55 -39.53
N GLY G 104 -0.82 -17.60 -40.14
CA GLY G 104 -1.43 -16.63 -41.04
C GLY G 104 -2.31 -15.63 -40.33
N LYS G 105 -2.10 -15.47 -39.02
CA LYS G 105 -2.93 -14.58 -38.21
C LYS G 105 -2.32 -13.19 -38.10
N LYS G 106 -3.18 -12.18 -38.07
CA LYS G 106 -2.73 -10.80 -38.05
C LYS G 106 -2.68 -10.31 -36.61
N GLN G 107 -3.60 -10.81 -35.80
CA GLN G 107 -3.67 -10.43 -34.39
C GLN G 107 -2.92 -11.42 -33.51
N LEU G 108 -2.01 -10.88 -32.69
CA LEU G 108 -1.20 -11.71 -31.80
C LEU G 108 -1.50 -11.42 -30.34
N ILE G 109 -2.02 -12.42 -29.64
CA ILE G 109 -2.25 -12.32 -28.21
C ILE G 109 -1.04 -12.90 -27.47
N ILE G 110 -0.37 -12.08 -26.67
CA ILE G 110 0.90 -12.51 -26.08
C ILE G 110 0.92 -12.37 -24.57
N ALA G 111 1.50 -13.37 -23.91
CA ALA G 111 1.69 -13.36 -22.46
C ALA G 111 2.95 -14.13 -22.12
N GLY G 112 3.61 -13.77 -21.03
CA GLY G 112 4.81 -14.47 -20.62
C GLY G 112 5.59 -13.88 -19.46
N VAL G 113 6.80 -14.41 -19.28
CA VAL G 113 7.66 -14.05 -18.16
C VAL G 113 9.11 -13.91 -18.66
N VAL G 114 9.78 -12.81 -18.34
CA VAL G 114 9.21 -11.67 -17.61
C VAL G 114 8.69 -10.62 -18.59
N THR G 115 7.82 -9.75 -18.10
CA THR G 115 7.12 -8.79 -18.95
C THR G 115 8.05 -7.84 -19.71
N ASP G 116 9.06 -7.32 -19.02
CA ASP G 116 9.93 -6.29 -19.59
C ASP G 116 10.92 -6.82 -20.62
N VAL G 117 11.05 -8.15 -20.72
CA VAL G 117 12.03 -8.74 -21.62
C VAL G 117 11.40 -9.75 -22.56
N VAL G 119 8.48 -10.78 -22.95
CA VAL G 119 7.23 -10.34 -23.58
C VAL G 119 7.43 -9.09 -24.42
N ALA G 120 8.07 -8.09 -23.82
CA ALA G 120 8.23 -6.79 -24.44
C ALA G 120 9.05 -6.85 -25.74
N PHE G 121 10.14 -7.61 -25.74
CA PHE G 121 11.03 -7.64 -26.90
C PHE G 121 10.33 -8.19 -28.15
N PRO G 122 9.70 -9.39 -28.06
CA PRO G 122 9.03 -9.83 -29.29
C PRO G 122 7.79 -9.00 -29.62
N THR G 123 7.16 -8.41 -28.60
CA THR G 123 6.05 -7.49 -28.83
C THR G 123 6.49 -6.30 -29.69
N LEU G 124 7.60 -5.68 -29.32
CA LEU G 124 8.13 -4.54 -30.06
C LEU G 124 8.59 -4.91 -31.48
N SER G 125 9.15 -6.11 -31.62
CA SER G 125 9.59 -6.61 -32.91
C SER G 125 8.41 -6.91 -33.82
N ALA G 126 7.36 -7.49 -33.26
CA ALA G 126 6.17 -7.85 -34.01
C ALA G 126 5.44 -6.59 -34.48
N LEU G 127 5.42 -5.58 -33.63
CA LEU G 127 4.80 -4.30 -33.97
C LEU G 127 5.53 -3.64 -35.14
N GLU G 128 6.83 -3.85 -35.20
CA GLU G 128 7.65 -3.30 -36.28
C GLU G 128 7.28 -3.96 -37.62
N GLU G 129 6.89 -5.22 -37.56
CA GLU G 129 6.54 -5.97 -38.76
C GLU G 129 5.06 -5.82 -39.12
N GLY G 130 4.35 -4.95 -38.40
CA GLY G 130 2.99 -4.60 -38.76
C GLY G 130 1.90 -5.44 -38.12
N PHE G 131 2.27 -6.33 -37.21
CA PHE G 131 1.27 -7.14 -36.51
C PHE G 131 0.51 -6.31 -35.51
N ASP G 132 -0.74 -6.68 -35.28
CA ASP G 132 -1.52 -6.11 -34.20
C ASP G 132 -1.26 -6.95 -32.93
N VAL G 133 -0.68 -6.33 -31.91
CA VAL G 133 -0.31 -7.09 -30.73
C VAL G 133 -1.15 -6.75 -29.50
N PHE G 134 -1.70 -7.78 -28.89
CA PHE G 134 -2.51 -7.65 -27.69
C PHE G 134 -1.82 -8.31 -26.51
N VAL G 135 -1.40 -7.50 -25.55
CA VAL G 135 -0.67 -8.02 -24.39
C VAL G 135 -1.62 -8.33 -23.24
N VAL G 136 -1.64 -9.59 -22.83
CA VAL G 136 -2.43 -9.97 -21.66
C VAL G 136 -1.64 -9.63 -20.40
N THR G 137 -1.92 -8.47 -19.83
CA THR G 137 -1.08 -7.90 -18.80
C THR G 137 -1.11 -8.67 -17.49
N ASP G 138 -2.25 -9.27 -17.16
CA ASP G 138 -2.36 -10.00 -15.91
C ASP G 138 -1.93 -11.46 -16.05
N ALA G 139 -1.53 -11.84 -17.26
CA ALA G 139 -0.94 -13.16 -17.48
C ALA G 139 0.54 -13.02 -17.82
N SER G 140 1.06 -11.82 -17.59
CA SER G 140 2.48 -11.55 -17.75
C SER G 140 3.04 -11.02 -16.43
N GLY G 141 4.14 -11.61 -15.98
CA GLY G 141 4.70 -11.23 -14.68
C GLY G 141 6.12 -10.70 -14.77
N THR G 142 6.54 -9.96 -13.75
CA THR G 142 7.91 -9.45 -13.69
C THR G 142 8.32 -9.20 -12.24
N PHE G 143 9.47 -8.56 -12.05
CA PHE G 143 10.09 -8.45 -10.73
C PHE G 143 9.29 -7.65 -9.72
N ASN G 144 8.66 -6.56 -10.17
CA ASN G 144 7.94 -5.66 -9.29
C ASN G 144 7.05 -4.71 -10.09
N PRO G 145 6.09 -4.04 -9.44
CA PRO G 145 5.19 -3.12 -10.16
C PRO G 145 5.90 -2.01 -10.93
N VAL G 146 7.06 -1.55 -10.44
CA VAL G 146 7.76 -0.47 -11.09
C VAL G 146 8.30 -0.91 -12.45
N VAL G 147 8.95 -2.06 -12.47
CA VAL G 147 9.45 -2.61 -13.73
C VAL G 147 8.29 -2.84 -14.71
N ARG G 148 7.16 -3.31 -14.20
CA ARG G 148 5.98 -3.55 -15.04
C ARG G 148 5.47 -2.27 -15.71
N ASP G 149 5.33 -1.19 -14.94
CA ASP G 149 4.83 0.08 -15.47
C ASP G 149 5.74 0.63 -16.56
N ALA G 150 7.04 0.42 -16.39
CA ALA G 150 8.01 0.86 -17.40
C ALA G 150 7.82 0.05 -18.68
N ALA G 151 7.60 -1.25 -18.52
CA ALA G 151 7.38 -2.15 -19.65
C ALA G 151 6.11 -1.76 -20.40
N TRP G 152 5.07 -1.43 -19.65
CA TRP G 152 3.81 -0.98 -20.25
C TRP G 152 4.04 0.29 -21.05
N ALA G 153 4.79 1.21 -20.47
CA ALA G 153 5.07 2.49 -21.11
C ALA G 153 5.78 2.31 -22.45
N ARG G 154 6.74 1.40 -22.48
CA ARG G 154 7.51 1.17 -23.69
C ARG G 154 6.67 0.50 -24.77
N THR G 156 3.08 0.58 -25.02
CA THR G 156 2.02 1.47 -25.51
C THR G 156 2.60 2.50 -26.46
N ALA G 157 3.83 2.91 -26.20
CA ALA G 157 4.51 3.86 -27.06
C ALA G 157 4.70 3.30 -28.46
N ALA G 158 4.72 1.98 -28.56
CA ALA G 158 4.92 1.29 -29.83
C ALA G 158 3.60 0.91 -30.50
N GLY G 159 2.50 1.08 -29.78
CA GLY G 159 1.19 0.82 -30.33
C GLY G 159 0.57 -0.53 -29.96
N ALA G 160 1.15 -1.18 -28.96
CA ALA G 160 0.57 -2.43 -28.47
C ALA G 160 -0.71 -2.12 -27.71
N GLN G 161 -1.67 -3.03 -27.76
CA GLN G 161 -2.91 -2.87 -26.99
C GLN G 161 -2.85 -3.66 -25.71
N LEU G 162 -2.91 -2.96 -24.58
CA LEU G 162 -2.84 -3.60 -23.27
C LEU G 162 -4.21 -4.10 -22.82
N ASN G 164 -6.31 -7.79 -20.64
CA ASN G 164 -6.28 -8.79 -19.59
C ASN G 164 -7.11 -9.98 -20.06
N TRP G 165 -6.98 -11.13 -19.42
CA TRP G 165 -7.58 -12.34 -19.98
C TRP G 165 -9.10 -12.24 -20.10
N PHE G 166 -9.74 -11.55 -19.16
CA PHE G 166 -11.19 -11.45 -19.20
C PHE G 166 -11.68 -10.60 -20.37
N SER G 167 -11.01 -9.49 -20.63
CA SER G 167 -11.41 -8.64 -21.77
C SER G 167 -11.05 -9.31 -23.09
N VAL G 168 -9.96 -10.06 -23.10
CA VAL G 168 -9.58 -10.85 -24.27
C VAL G 168 -10.66 -11.87 -24.59
N GLY G 169 -11.11 -12.58 -23.57
CA GLY G 169 -12.17 -13.56 -23.73
C GLY G 169 -13.47 -12.94 -24.24
N CYS G 170 -13.85 -11.81 -23.67
CA CYS G 170 -15.11 -11.16 -24.02
C CYS G 170 -15.11 -10.53 -25.41
N GLU G 171 -13.97 -10.01 -25.84
CA GLU G 171 -13.87 -9.40 -27.16
C GLU G 171 -13.90 -10.48 -28.24
N LEU G 172 -13.36 -11.65 -27.90
CA LEU G 172 -13.39 -12.79 -28.79
C LEU G 172 -14.78 -13.40 -28.88
N HIS G 173 -15.47 -13.46 -27.74
CA HIS G 173 -16.76 -14.13 -27.63
C HIS G 173 -17.90 -13.35 -28.27
N ARG G 174 -17.88 -12.03 -28.11
CA ARG G 174 -18.88 -11.09 -28.69
C ARG G 174 -20.28 -11.26 -28.11
N ASP G 175 -20.83 -12.46 -28.20
CA ASP G 175 -22.23 -12.68 -27.86
C ASP G 175 -22.38 -13.84 -26.86
N TRP G 176 -23.03 -13.59 -25.74
CA TRP G 176 -23.25 -14.62 -24.71
C TRP G 176 -23.93 -15.86 -25.27
N ARG G 177 -24.85 -15.64 -26.21
CA ARG G 177 -25.68 -16.71 -26.73
C ARG G 177 -24.93 -17.67 -27.65
N ASN G 178 -23.69 -17.33 -27.99
CA ASN G 178 -22.87 -18.20 -28.84
C ASN G 178 -22.57 -19.53 -28.15
N ASP G 179 -22.36 -19.48 -26.84
CA ASP G 179 -22.18 -20.67 -26.01
C ASP G 179 -22.28 -20.29 -24.54
N ILE G 180 -23.50 -20.32 -24.01
CA ILE G 180 -23.76 -19.88 -22.65
C ILE G 180 -23.06 -20.79 -21.63
N GLU G 181 -23.31 -22.09 -21.73
CA GLU G 181 -22.71 -23.06 -20.81
C GLU G 181 -21.20 -23.09 -20.90
N GLY G 182 -20.67 -23.15 -22.12
CA GLY G 182 -19.24 -23.29 -22.32
C GLY G 182 -18.44 -22.10 -21.84
N PHE G 183 -18.92 -20.90 -22.17
CA PHE G 183 -18.23 -19.68 -21.78
C PHE G 183 -18.43 -19.37 -20.30
N GLY G 184 -19.61 -19.68 -19.78
CA GLY G 184 -19.89 -19.48 -18.37
C GLY G 184 -19.01 -20.36 -17.51
N ALA G 185 -18.63 -21.52 -18.05
CA ALA G 185 -17.75 -22.45 -17.35
C ALA G 185 -16.36 -21.86 -17.13
N ILE G 186 -15.89 -21.10 -18.12
CA ILE G 186 -14.59 -20.45 -18.03
C ILE G 186 -14.58 -19.38 -16.95
N LEU G 187 -15.63 -18.57 -16.94
CA LEU G 187 -15.76 -17.50 -15.96
C LEU G 187 -15.90 -18.07 -14.55
N GLY G 188 -16.70 -19.12 -14.41
CA GLY G 188 -16.88 -19.75 -13.11
C GLY G 188 -15.59 -20.37 -12.58
N GLY G 189 -14.82 -20.96 -13.48
CA GLY G 189 -13.60 -21.65 -13.09
C GLY G 189 -12.44 -20.72 -12.75
N HIS G 190 -12.52 -19.46 -13.16
CA HIS G 190 -11.41 -18.54 -12.94
C HIS G 190 -11.82 -17.22 -12.30
N LEU G 191 -13.12 -17.08 -12.01
CA LEU G 191 -13.61 -15.95 -11.23
C LEU G 191 -14.45 -16.48 -10.09
N PRO G 192 -13.81 -16.74 -8.94
CA PRO G 192 -14.48 -17.31 -7.76
C PRO G 192 -15.72 -16.53 -7.39
N ALA G 193 -15.65 -15.20 -7.52
CA ALA G 193 -16.80 -14.35 -7.26
C ALA G 193 -17.96 -14.66 -8.22
N TYR G 194 -17.61 -14.95 -9.46
CA TYR G 194 -18.64 -15.27 -10.46
C TYR G 194 -19.19 -16.67 -10.21
N ALA G 195 -18.31 -17.58 -9.77
CA ALA G 195 -18.75 -18.91 -9.39
C ALA G 195 -19.79 -18.82 -8.28
N ASN G 196 -19.57 -17.90 -7.34
CA ASN G 196 -20.50 -17.69 -6.23
C ASN G 196 -21.85 -17.18 -6.70
N LEU G 197 -21.83 -16.28 -7.69
CA LEU G 197 -23.06 -15.76 -8.27
C LEU G 197 -23.84 -16.88 -8.96
N ILE G 198 -23.14 -17.72 -9.69
CA ILE G 198 -23.76 -18.83 -10.40
C ILE G 198 -24.43 -19.81 -9.43
N GLN G 199 -23.78 -20.08 -8.30
CA GLN G 199 -24.33 -21.03 -7.33
C GLN G 199 -25.57 -20.50 -6.62
N SER G 200 -25.56 -19.23 -6.24
CA SER G 200 -26.73 -18.61 -5.62
C SER G 200 -27.91 -18.57 -6.59
N PHE G 201 -27.62 -18.27 -7.85
CA PHE G 201 -28.63 -18.17 -8.89
C PHE G 201 -29.32 -19.52 -9.13
N GLY G 202 -28.60 -20.60 -8.88
CA GLY G 202 -29.11 -21.93 -9.14
C GLY G 202 -30.07 -22.50 -8.11
N THR G 203 -30.32 -21.77 -7.03
CA THR G 203 -31.18 -22.26 -5.96
C THR G 203 -32.59 -21.70 -6.05
N SER H 2 6.29 2.69 -40.02
CA SER H 2 6.01 3.69 -38.99
C SER H 2 6.85 3.47 -37.74
N PHE H 3 6.44 2.54 -36.88
CA PHE H 3 7.21 2.26 -35.67
C PHE H 3 8.48 1.48 -35.96
N THR H 4 9.57 1.90 -35.33
CA THR H 4 10.84 1.20 -35.41
C THR H 4 11.30 0.75 -34.04
N TYR H 5 11.63 -0.54 -33.91
CA TYR H 5 12.14 -1.07 -32.66
C TYR H 5 13.61 -0.69 -32.52
N LYS H 6 13.86 0.47 -31.93
CA LYS H 6 15.22 0.95 -31.71
C LYS H 6 15.77 0.33 -30.44
N ARG H 7 16.44 -0.81 -30.59
CA ARG H 7 16.92 -1.53 -29.42
C ARG H 7 18.41 -1.35 -29.20
N LEU H 8 18.82 -1.52 -27.95
CA LEU H 8 20.21 -1.34 -27.55
C LEU H 8 21.15 -2.26 -28.31
N ASP H 9 22.24 -1.69 -28.80
CA ASP H 9 23.29 -2.44 -29.46
C ASP H 9 24.57 -2.23 -28.66
N LYS H 10 25.26 -3.31 -28.30
CA LYS H 10 26.44 -3.20 -27.44
C LYS H 10 27.58 -2.46 -28.12
N ASN H 11 27.44 -2.20 -29.42
CA ASN H 11 28.46 -1.46 -30.15
C ASN H 11 28.07 -0.02 -30.43
N ASP H 12 26.87 0.37 -29.99
CA ASP H 12 26.36 1.70 -30.27
C ASP H 12 25.92 2.45 -29.02
N ALA H 13 26.26 1.91 -27.85
CA ALA H 13 25.73 2.48 -26.61
C ALA H 13 26.82 2.95 -25.65
N ALA H 14 26.49 3.98 -24.88
CA ALA H 14 27.33 4.49 -23.82
C ALA H 14 26.51 4.60 -22.56
N VAL H 15 27.17 4.52 -21.41
CA VAL H 15 26.48 4.55 -20.13
C VAL H 15 26.80 5.83 -19.38
N LEU H 16 25.77 6.49 -18.85
CA LEU H 16 25.96 7.71 -18.08
C LEU H 16 25.50 7.56 -16.62
N PHE H 17 26.44 7.62 -15.69
CA PHE H 17 26.12 7.63 -14.27
C PHE H 17 26.12 9.07 -13.74
N VAL H 18 24.93 9.59 -13.44
CA VAL H 18 24.80 10.98 -13.07
C VAL H 18 24.48 11.19 -11.60
N ASP H 19 25.48 11.64 -10.84
CA ASP H 19 25.29 12.13 -9.48
C ASP H 19 24.81 11.09 -8.47
N HIS H 20 25.36 9.88 -8.55
CA HIS H 20 25.16 8.91 -7.49
C HIS H 20 26.07 9.25 -6.32
N GLN H 21 25.73 10.31 -5.60
CA GLN H 21 26.58 10.84 -4.55
C GLN H 21 26.03 10.52 -3.16
N ALA H 22 26.92 10.42 -2.18
CA ALA H 22 26.58 9.98 -0.84
C ALA H 22 25.48 10.84 -0.19
N GLY H 23 25.53 12.15 -0.42
CA GLY H 23 24.53 13.02 0.14
C GLY H 23 23.19 12.87 -0.57
N LEU H 24 23.21 12.94 -1.90
CA LEU H 24 22.00 12.91 -2.70
C LEU H 24 21.21 11.60 -2.54
N LEU H 25 21.92 10.50 -2.31
CA LEU H 25 21.27 9.19 -2.13
C LEU H 25 20.34 9.19 -0.92
N SER H 26 20.60 10.10 0.02
CA SER H 26 19.75 10.25 1.19
C SER H 26 18.36 10.77 0.81
N LEU H 27 18.26 11.36 -0.37
CA LEU H 27 16.99 11.92 -0.82
C LEU H 27 16.11 10.87 -1.50
N VAL H 28 16.71 9.75 -1.87
CA VAL H 28 15.97 8.70 -2.57
C VAL H 28 15.09 7.92 -1.60
N ARG H 29 13.77 8.08 -1.75
CA ARG H 29 12.82 7.40 -0.89
C ARG H 29 11.80 6.60 -1.71
N ASP H 30 11.96 6.56 -3.03
CA ASP H 30 11.04 5.81 -3.88
C ASP H 30 11.57 4.41 -4.14
N PHE H 31 12.74 4.12 -3.57
CA PHE H 31 13.30 2.77 -3.54
C PHE H 31 13.88 2.51 -2.16
N SER H 32 13.83 1.26 -1.70
CA SER H 32 14.53 0.91 -0.46
C SER H 32 16.03 0.97 -0.74
N PRO H 33 16.84 1.32 0.27
CA PRO H 33 18.29 1.45 0.07
C PRO H 33 18.93 0.16 -0.45
N ASP H 34 18.45 -0.99 -0.02
CA ASP H 34 19.03 -2.26 -0.43
C ASP H 34 18.79 -2.54 -1.90
N GLU H 35 17.56 -2.33 -2.36
CA GLU H 35 17.24 -2.60 -3.75
C GLU H 35 17.92 -1.61 -4.67
N PHE H 36 18.01 -0.36 -4.22
CA PHE H 36 18.58 0.69 -5.05
C PHE H 36 20.10 0.52 -5.20
N LYS H 37 20.77 0.18 -4.10
CA LYS H 37 22.20 -0.08 -4.15
C LYS H 37 22.49 -1.24 -5.09
N ASN H 38 21.70 -2.29 -4.98
CA ASN H 38 21.86 -3.46 -5.81
C ASN H 38 21.63 -3.16 -7.29
N ASN H 39 20.63 -2.34 -7.59
CA ASN H 39 20.30 -2.00 -8.97
C ASN H 39 21.39 -1.17 -9.65
N VAL H 40 21.92 -0.18 -8.93
CA VAL H 40 22.97 0.66 -9.49
C VAL H 40 24.23 -0.16 -9.76
N LEU H 41 24.57 -1.04 -8.83
CA LEU H 41 25.73 -1.92 -9.02
C LEU H 41 25.48 -2.92 -10.14
N ALA H 42 24.23 -3.32 -10.33
CA ALA H 42 23.89 -4.25 -11.40
C ALA H 42 24.13 -3.57 -12.74
N LEU H 43 23.69 -2.32 -12.86
CA LEU H 43 23.92 -1.55 -14.08
C LEU H 43 25.41 -1.37 -14.31
N ALA H 44 26.15 -1.19 -13.21
CA ALA H 44 27.60 -1.02 -13.27
C ALA H 44 28.28 -2.29 -13.77
N ASP H 45 27.84 -3.45 -13.27
CA ASP H 45 28.39 -4.74 -13.70
C ASP H 45 28.14 -4.98 -15.18
N ILE H 46 26.99 -4.54 -15.66
CA ILE H 46 26.62 -4.71 -17.06
C ILE H 46 27.48 -3.85 -17.99
N ALA H 47 27.68 -2.60 -17.61
CA ALA H 47 28.54 -1.69 -18.37
C ALA H 47 29.96 -2.22 -18.45
N ARG H 48 30.43 -2.80 -17.35
CA ARG H 48 31.76 -3.40 -17.29
C ARG H 48 31.81 -4.65 -18.16
N PHE H 49 30.74 -5.44 -18.11
CA PHE H 49 30.67 -6.71 -18.83
C PHE H 49 30.68 -6.54 -20.34
N PHE H 50 30.02 -5.49 -20.84
CA PHE H 50 29.94 -5.27 -22.28
C PHE H 50 30.94 -4.23 -22.76
N ASN H 51 31.85 -3.85 -21.87
CA ASN H 51 32.89 -2.87 -22.18
C ASN H 51 32.31 -1.61 -22.79
N LEU H 52 31.20 -1.13 -22.25
CA LEU H 52 30.57 0.08 -22.76
C LEU H 52 31.31 1.28 -22.23
N PRO H 53 31.54 2.28 -23.10
CA PRO H 53 32.12 3.55 -22.64
C PRO H 53 31.24 4.18 -21.58
N THR H 54 31.85 4.55 -20.46
CA THR H 54 31.11 5.01 -19.29
C THR H 54 31.54 6.43 -18.95
N ILE H 55 30.58 7.24 -18.53
CA ILE H 55 30.87 8.59 -18.06
C ILE H 55 30.32 8.82 -16.66
N LEU H 56 31.19 9.27 -15.76
CA LEU H 56 30.78 9.59 -14.41
C LEU H 56 30.73 11.09 -14.26
N THR H 57 29.69 11.60 -13.61
CA THR H 57 29.62 13.02 -13.36
C THR H 57 28.99 13.29 -12.00
N THR H 58 29.45 14.34 -11.34
CA THR H 58 28.91 14.70 -10.04
C THR H 58 28.47 16.17 -10.00
N SER H 59 27.59 16.48 -9.06
CA SER H 59 27.06 17.83 -8.92
C SER H 59 27.45 18.44 -7.57
N PHE H 60 28.37 19.40 -7.61
CA PHE H 60 28.73 20.17 -6.42
C PHE H 60 29.18 19.21 -5.32
N GLU H 61 30.13 18.34 -5.66
CA GLU H 61 30.51 17.24 -4.78
C GLU H 61 31.30 17.73 -3.57
N ASP H 62 31.70 18.99 -3.60
CA ASP H 62 32.45 19.58 -2.49
C ASP H 62 31.52 20.28 -1.51
N GLY H 63 30.24 19.94 -1.58
CA GLY H 63 29.24 20.47 -0.66
C GLY H 63 28.47 19.33 -0.02
N PRO H 64 27.25 19.60 0.45
CA PRO H 64 26.40 18.61 1.09
C PRO H 64 26.01 17.45 0.17
N ASN H 65 26.10 17.65 -1.15
CA ASN H 65 25.77 16.60 -2.09
C ASN H 65 26.67 15.38 -1.94
N GLY H 66 27.90 15.63 -1.50
CA GLY H 66 28.81 14.55 -1.14
C GLY H 66 29.57 13.94 -2.30
N PRO H 67 30.53 13.05 -1.99
CA PRO H 67 31.37 12.40 -3.00
C PRO H 67 30.62 11.34 -3.79
N LEU H 68 31.12 11.00 -4.97
CA LEU H 68 30.58 9.88 -5.72
C LEU H 68 30.85 8.60 -4.95
N VAL H 69 29.88 7.69 -4.93
CA VAL H 69 30.02 6.43 -4.22
C VAL H 69 31.23 5.65 -4.71
N PRO H 70 31.96 5.00 -3.78
CA PRO H 70 33.23 4.35 -4.08
C PRO H 70 33.15 3.26 -5.15
N GLU H 71 32.04 2.52 -5.19
CA GLU H 71 31.88 1.42 -6.12
C GLU H 71 31.99 1.88 -7.57
N LEU H 72 31.42 3.04 -7.88
CA LEU H 72 31.49 3.59 -9.22
C LEU H 72 32.91 4.01 -9.56
N LYS H 73 33.60 4.58 -8.58
CA LYS H 73 34.97 5.02 -8.77
C LYS H 73 35.93 3.85 -8.99
N GLU H 74 35.75 2.78 -8.20
CA GLU H 74 36.61 1.61 -8.30
C GLU H 74 36.37 0.73 -9.52
N PHE H 76 35.14 2.02 -12.59
CA PHE H 76 35.42 2.76 -13.80
C PHE H 76 36.55 3.77 -13.57
N PRO H 77 37.76 3.26 -13.29
CA PRO H 77 38.89 4.13 -12.96
C PRO H 77 39.41 4.91 -14.15
N GLN H 78 39.04 4.52 -15.36
CA GLN H 78 39.50 5.25 -16.53
C GLN H 78 38.37 5.99 -17.23
N ALA H 79 37.18 5.93 -16.66
CA ALA H 79 36.05 6.68 -17.22
C ALA H 79 36.25 8.17 -16.98
N PRO H 80 35.79 9.00 -17.93
CA PRO H 80 35.75 10.45 -17.75
C PRO H 80 34.97 10.83 -16.49
N TYR H 81 35.55 11.70 -15.67
CA TYR H 81 34.91 12.11 -14.44
C TYR H 81 34.73 13.60 -14.48
N ILE H 82 33.50 14.02 -14.72
CA ILE H 82 33.22 15.44 -14.83
C ILE H 82 32.54 15.91 -13.55
N ALA H 83 33.32 16.59 -12.72
CA ALA H 83 32.78 17.17 -11.50
C ALA H 83 32.21 18.55 -11.84
N ARG H 84 30.89 18.65 -11.85
CA ARG H 84 30.22 19.90 -12.20
C ARG H 84 30.05 20.75 -10.95
N PRO H 85 30.76 21.89 -10.89
CA PRO H 85 30.63 22.77 -9.73
C PRO H 85 29.28 23.48 -9.68
N GLY H 86 28.71 23.76 -10.85
CA GLY H 86 27.52 24.58 -10.92
C GLY H 86 26.34 24.02 -11.68
N ASN H 87 26.55 23.64 -12.95
CA ASN H 87 25.44 23.24 -13.80
C ASN H 87 24.67 22.04 -13.28
N ILE H 88 23.37 22.26 -13.05
CA ILE H 88 22.49 21.24 -12.55
C ILE H 88 22.18 20.25 -13.66
N ASN H 89 21.81 20.77 -14.82
CA ASN H 89 21.70 19.97 -16.03
C ASN H 89 23.10 19.64 -16.54
N ALA H 90 23.46 18.37 -16.54
CA ALA H 90 24.79 17.94 -16.95
C ALA H 90 25.10 18.34 -18.39
N TRP H 91 24.05 18.49 -19.19
CA TRP H 91 24.21 18.84 -20.59
C TRP H 91 24.60 20.31 -20.75
N ASP H 92 24.43 21.10 -19.69
CA ASP H 92 24.85 22.49 -19.70
C ASP H 92 26.33 22.60 -19.38
N ASN H 93 26.94 21.47 -19.06
CA ASN H 93 28.38 21.42 -18.84
C ASN H 93 29.08 20.99 -20.13
N GLU H 94 29.95 21.86 -20.65
CA GLU H 94 30.57 21.61 -21.94
C GLU H 94 31.52 20.42 -21.92
N ASP H 95 32.20 20.20 -20.80
CA ASP H 95 33.10 19.07 -20.67
C ASP H 95 32.34 17.75 -20.72
N PHE H 96 31.17 17.73 -20.11
CA PHE H 96 30.34 16.53 -20.09
C PHE H 96 29.85 16.16 -21.48
N VAL H 97 29.32 17.15 -22.20
CA VAL H 97 28.82 16.93 -23.55
C VAL H 97 29.97 16.53 -24.47
N LYS H 98 31.13 17.14 -24.25
CA LYS H 98 32.33 16.82 -25.01
C LYS H 98 32.70 15.35 -24.85
N ALA H 99 32.64 14.86 -23.60
CA ALA H 99 32.96 13.47 -23.30
C ALA H 99 31.93 12.49 -23.88
N VAL H 100 30.66 12.90 -23.89
CA VAL H 100 29.61 12.05 -24.44
C VAL H 100 29.82 11.85 -25.94
N LYS H 101 30.05 12.94 -26.66
CA LYS H 101 30.23 12.87 -28.10
C LYS H 101 31.55 12.21 -28.48
N ALA H 102 32.53 12.29 -27.59
CA ALA H 102 33.84 11.70 -27.82
C ALA H 102 33.79 10.18 -27.90
N THR H 103 32.79 9.58 -27.24
CA THR H 103 32.61 8.14 -27.31
C THR H 103 32.13 7.77 -28.70
N GLY H 104 31.45 8.72 -29.35
CA GLY H 104 30.90 8.50 -30.66
C GLY H 104 29.72 7.56 -30.61
N LYS H 105 29.10 7.41 -29.44
CA LYS H 105 27.97 6.50 -29.30
C LYS H 105 26.67 7.25 -29.49
N LYS H 106 25.70 6.58 -30.11
CA LYS H 106 24.45 7.24 -30.46
C LYS H 106 23.36 6.93 -29.42
N GLN H 107 23.41 5.74 -28.84
CA GLN H 107 22.44 5.36 -27.83
C GLN H 107 22.98 5.68 -26.45
N LEU H 108 22.19 6.40 -25.66
CA LEU H 108 22.62 6.77 -24.32
C LEU H 108 21.79 6.09 -23.22
N ILE H 109 22.47 5.26 -22.44
CA ILE H 109 21.88 4.62 -21.27
C ILE H 109 22.14 5.47 -20.03
N ILE H 110 21.09 5.96 -19.39
CA ILE H 110 21.27 6.92 -18.33
C ILE H 110 20.61 6.49 -17.01
N ALA H 111 21.29 6.77 -15.91
CA ALA H 111 20.76 6.52 -14.57
C ALA H 111 21.33 7.55 -13.60
N GLY H 112 20.57 7.90 -12.57
CA GLY H 112 21.08 8.86 -11.60
C GLY H 112 20.13 9.38 -10.53
N VAL H 113 20.56 10.42 -9.85
CA VAL H 113 19.83 11.00 -8.72
C VAL H 113 19.92 12.53 -8.77
N VAL H 114 18.78 13.22 -8.67
CA VAL H 114 17.46 12.62 -8.59
C VAL H 114 16.82 12.52 -9.98
N THR H 115 15.84 11.63 -10.10
CA THR H 115 15.24 11.29 -11.39
C THR H 115 14.61 12.49 -12.10
N ASP H 116 13.87 13.30 -11.36
CA ASP H 116 13.12 14.40 -11.95
C ASP H 116 14.03 15.55 -12.40
N VAL H 117 15.28 15.52 -11.97
CA VAL H 117 16.18 16.63 -12.27
C VAL H 117 17.49 16.20 -12.93
N VAL H 119 18.55 13.36 -13.85
CA VAL H 119 18.36 12.42 -14.93
C VAL H 119 17.48 13.02 -16.03
N ALA H 120 16.36 13.59 -15.63
CA ALA H 120 15.38 14.11 -16.59
C ALA H 120 15.94 15.22 -17.46
N PHE H 121 16.66 16.17 -16.85
CA PHE H 121 17.13 17.35 -17.58
C PHE H 121 18.09 16.97 -18.72
N PRO H 122 19.16 16.18 -18.42
CA PRO H 122 20.01 15.81 -19.57
C PRO H 122 19.34 14.83 -20.52
N THR H 123 18.38 14.04 -20.02
CA THR H 123 17.62 13.15 -20.89
C THR H 123 16.89 13.95 -21.96
N LEU H 124 16.19 14.99 -21.53
CA LEU H 124 15.44 15.84 -22.44
C LEU H 124 16.39 16.60 -23.39
N SER H 125 17.54 17.02 -22.87
CA SER H 125 18.52 17.74 -23.69
C SER H 125 19.12 16.85 -24.75
N ALA H 126 19.42 15.60 -24.39
CA ALA H 126 20.03 14.65 -25.31
C ALA H 126 19.05 14.27 -26.41
N LEU H 127 17.77 14.13 -26.04
CA LEU H 127 16.73 13.82 -27.01
C LEU H 127 16.59 14.94 -28.02
N GLU H 128 16.78 16.17 -27.55
CA GLU H 128 16.71 17.35 -28.40
C GLU H 128 17.84 17.33 -29.42
N GLU H 129 18.98 16.75 -29.05
CA GLU H 129 20.13 16.69 -29.94
C GLU H 129 20.11 15.44 -30.83
N GLY H 130 19.04 14.66 -30.75
CA GLY H 130 18.87 13.53 -31.64
C GLY H 130 19.38 12.20 -31.13
N PHE H 131 19.83 12.16 -29.87
CA PHE H 131 20.27 10.91 -29.28
C PHE H 131 19.09 10.01 -28.94
N ASP H 132 19.29 8.71 -29.03
CA ASP H 132 18.33 7.74 -28.51
C ASP H 132 18.67 7.47 -27.05
N VAL H 133 17.76 7.81 -26.15
CA VAL H 133 18.05 7.71 -24.72
C VAL H 133 17.26 6.60 -24.02
N PHE H 134 17.99 5.75 -23.30
CA PHE H 134 17.40 4.63 -22.57
C PHE H 134 17.54 4.85 -21.07
N VAL H 135 16.41 5.08 -20.41
CA VAL H 135 16.43 5.39 -18.98
C VAL H 135 16.30 4.14 -18.12
N VAL H 136 17.32 3.89 -17.29
CA VAL H 136 17.25 2.78 -16.35
C VAL H 136 16.48 3.22 -15.12
N THR H 137 15.18 2.91 -15.11
CA THR H 137 14.27 3.49 -14.13
C THR H 137 14.51 3.00 -12.70
N ASP H 138 14.94 1.76 -12.55
CA ASP H 138 15.14 1.20 -11.22
C ASP H 138 16.56 1.46 -10.70
N ALA H 139 17.36 2.16 -11.50
CA ALA H 139 18.67 2.62 -11.05
C ALA H 139 18.69 4.14 -10.96
N SER H 140 17.50 4.73 -11.02
CA SER H 140 17.35 6.17 -10.83
C SER H 140 16.36 6.40 -9.70
N GLY H 141 16.71 7.26 -8.75
CA GLY H 141 15.87 7.47 -7.58
C GLY H 141 15.41 8.89 -7.40
N THR H 142 14.33 9.07 -6.63
CA THR H 142 13.83 10.40 -6.34
C THR H 142 13.05 10.41 -5.00
N PHE H 143 12.37 11.52 -4.73
CA PHE H 143 11.76 11.77 -3.42
C PHE H 143 10.62 10.82 -3.04
N ASN H 144 9.80 10.46 -4.02
CA ASN H 144 8.62 9.63 -3.79
C ASN H 144 8.06 9.12 -5.11
N PRO H 145 7.17 8.10 -5.07
CA PRO H 145 6.61 7.55 -6.31
C PRO H 145 5.88 8.58 -7.19
N VAL H 146 5.27 9.60 -6.59
CA VAL H 146 4.52 10.59 -7.35
C VAL H 146 5.44 11.42 -8.25
N VAL H 147 6.51 11.92 -7.66
CA VAL H 147 7.49 12.68 -8.44
C VAL H 147 8.07 11.79 -9.53
N ARG H 148 8.30 10.52 -9.21
CA ARG H 148 8.84 9.59 -10.18
C ARG H 148 7.92 9.45 -11.39
N ASP H 149 6.63 9.24 -11.14
CA ASP H 149 5.66 9.05 -12.21
C ASP H 149 5.54 10.28 -13.11
N ALA H 150 5.65 11.45 -12.52
CA ALA H 150 5.60 12.69 -13.29
C ALA H 150 6.83 12.80 -14.19
N ALA H 151 7.98 12.41 -13.65
CA ALA H 151 9.23 12.44 -14.40
C ALA H 151 9.18 11.47 -15.58
N TRP H 152 8.58 10.30 -15.35
CA TRP H 152 8.40 9.32 -16.42
C TRP H 152 7.52 9.91 -17.52
N ALA H 153 6.46 10.58 -17.12
CA ALA H 153 5.52 11.21 -18.05
C ALA H 153 6.22 12.23 -18.94
N ARG H 154 7.07 13.05 -18.34
CA ARG H 154 7.75 14.10 -19.08
C ARG H 154 8.77 13.52 -20.05
N THR H 156 8.83 10.24 -21.37
CA THR H 156 8.21 9.45 -22.43
C THR H 156 7.59 10.33 -23.50
N ALA H 157 7.04 11.46 -23.08
CA ALA H 157 6.44 12.42 -23.99
C ALA H 157 7.50 12.98 -24.93
N ALA H 158 8.76 12.92 -24.50
CA ALA H 158 9.87 13.42 -25.28
C ALA H 158 10.47 12.32 -26.15
N GLY H 159 10.04 11.09 -25.92
CA GLY H 159 10.50 9.97 -26.72
C GLY H 159 11.60 9.13 -26.08
N ALA H 160 11.81 9.30 -24.78
CA ALA H 160 12.76 8.46 -24.07
C ALA H 160 12.19 7.06 -23.91
N GLN H 161 13.06 6.05 -23.91
CA GLN H 161 12.62 4.68 -23.67
C GLN H 161 12.85 4.27 -22.24
N LEU H 162 11.79 3.97 -21.51
CA LEU H 162 11.89 3.60 -20.10
C LEU H 162 12.20 2.12 -19.95
N ASN H 164 14.76 -0.95 -17.36
CA ASN H 164 15.33 -1.34 -16.08
C ASN H 164 16.61 -2.11 -16.34
N TRP H 165 17.44 -2.29 -15.32
CA TRP H 165 18.78 -2.82 -15.56
C TRP H 165 18.75 -4.23 -16.17
N PHE H 166 17.75 -5.03 -15.80
CA PHE H 166 17.67 -6.38 -16.32
C PHE H 166 17.37 -6.41 -17.81
N SER H 167 16.39 -5.61 -18.23
CA SER H 167 16.00 -5.55 -19.63
C SER H 167 17.10 -4.92 -20.48
N VAL H 168 17.81 -3.95 -19.89
CA VAL H 168 18.97 -3.37 -20.56
C VAL H 168 20.00 -4.45 -20.83
N GLY H 169 20.29 -5.26 -19.82
CA GLY H 169 21.25 -6.34 -19.95
C GLY H 169 20.86 -7.36 -21.01
N CYS H 170 19.60 -7.72 -21.06
CA CYS H 170 19.13 -8.72 -22.01
C CYS H 170 19.10 -8.22 -23.44
N GLU H 171 18.79 -6.94 -23.62
CA GLU H 171 18.74 -6.36 -24.96
C GLU H 171 20.14 -6.15 -25.54
N LEU H 172 21.12 -5.91 -24.66
CA LEU H 172 22.51 -5.82 -25.08
C LEU H 172 23.10 -7.19 -25.39
N HIS H 173 22.73 -8.16 -24.56
CA HIS H 173 23.30 -9.50 -24.62
C HIS H 173 22.75 -10.29 -25.80
N ARG H 174 21.45 -10.12 -26.08
CA ARG H 174 20.76 -10.78 -27.20
C ARG H 174 20.68 -12.31 -27.06
N ASP H 175 21.84 -12.96 -26.92
CA ASP H 175 21.92 -14.42 -26.97
C ASP H 175 22.65 -14.97 -25.74
N TRP H 176 22.00 -15.92 -25.05
CA TRP H 176 22.57 -16.56 -23.87
C TRP H 176 23.93 -17.21 -24.12
N ARG H 177 24.09 -17.79 -25.31
CA ARG H 177 25.27 -18.59 -25.63
C ARG H 177 26.54 -17.78 -25.86
N ASN H 178 26.40 -16.45 -25.92
CA ASN H 178 27.55 -15.57 -26.11
C ASN H 178 28.52 -15.66 -24.95
N ASP H 179 27.98 -15.77 -23.73
CA ASP H 179 28.78 -15.98 -22.53
C ASP H 179 27.85 -16.41 -21.40
N ILE H 180 27.65 -17.73 -21.29
CA ILE H 180 26.73 -18.29 -20.32
C ILE H 180 27.25 -18.04 -18.89
N GLU H 181 28.50 -18.40 -18.64
CA GLU H 181 29.11 -18.23 -17.32
C GLU H 181 29.14 -16.76 -16.89
N GLY H 182 29.63 -15.89 -17.77
CA GLY H 182 29.80 -14.50 -17.44
C GLY H 182 28.52 -13.74 -17.18
N PHE H 183 27.54 -13.93 -18.06
CA PHE H 183 26.28 -13.21 -17.96
C PHE H 183 25.45 -13.75 -16.80
N GLY H 184 25.51 -15.06 -16.59
CA GLY H 184 24.81 -15.69 -15.49
C GLY H 184 25.33 -15.24 -14.14
N ALA H 185 26.62 -14.91 -14.08
CA ALA H 185 27.23 -14.44 -12.85
C ALA H 185 26.63 -13.11 -12.42
N ILE H 186 26.30 -12.26 -13.39
CA ILE H 186 25.68 -10.97 -13.10
C ILE H 186 24.29 -11.16 -12.55
N LEU H 187 23.51 -12.03 -13.18
CA LEU H 187 22.14 -12.31 -12.75
C LEU H 187 22.12 -12.95 -11.37
N GLY H 188 23.04 -13.88 -11.15
CA GLY H 188 23.14 -14.54 -9.86
C GLY H 188 23.52 -13.54 -8.78
N GLY H 189 24.41 -12.61 -9.13
CA GLY H 189 24.90 -11.64 -8.18
C GLY H 189 23.93 -10.52 -7.84
N HIS H 190 22.91 -10.33 -8.69
CA HIS H 190 22.00 -9.21 -8.49
C HIS H 190 20.53 -9.60 -8.51
N LEU H 191 20.26 -10.88 -8.73
CA LEU H 191 18.90 -11.42 -8.60
C LEU H 191 18.98 -12.63 -7.68
N PRO H 192 18.80 -12.42 -6.37
CA PRO H 192 18.91 -13.46 -5.35
C PRO H 192 18.03 -14.68 -5.65
N ALA H 193 16.85 -14.43 -6.19
CA ALA H 193 15.95 -15.51 -6.59
C ALA H 193 16.60 -16.33 -7.70
N TYR H 194 17.33 -15.66 -8.59
CA TYR H 194 17.99 -16.36 -9.69
C TYR H 194 19.21 -17.13 -9.18
N ALA H 195 19.89 -16.56 -8.19
CA ALA H 195 20.99 -17.25 -7.54
C ALA H 195 20.53 -18.56 -6.91
N ASN H 196 19.34 -18.53 -6.32
CA ASN H 196 18.72 -19.71 -5.71
C ASN H 196 18.39 -20.79 -6.74
N LEU H 197 17.93 -20.37 -7.91
CA LEU H 197 17.65 -21.32 -8.98
C LEU H 197 18.94 -22.01 -9.42
N ILE H 198 20.00 -21.21 -9.57
CA ILE H 198 21.30 -21.72 -10.01
C ILE H 198 21.86 -22.71 -9.01
N GLN H 199 21.70 -22.43 -7.72
CA GLN H 199 22.23 -23.34 -6.71
C GLN H 199 21.43 -24.65 -6.68
N SER H 200 20.11 -24.54 -6.76
CA SER H 200 19.24 -25.70 -6.79
C SER H 200 19.51 -26.55 -8.02
N PHE H 201 19.74 -25.90 -9.15
CA PHE H 201 20.01 -26.58 -10.40
C PHE H 201 21.32 -27.36 -10.35
N GLY H 202 22.26 -26.85 -9.55
CA GLY H 202 23.59 -27.44 -9.50
C GLY H 202 23.78 -28.69 -8.66
N THR H 203 22.74 -29.15 -7.99
CA THR H 203 22.85 -30.33 -7.12
C THR H 203 22.33 -31.61 -7.77
#